data_8ULF
#
_entry.id   8ULF
#
_cell.length_a   182.890
_cell.length_b   78.620
_cell.length_c   47.320
_cell.angle_alpha   90.030
_cell.angle_beta   95.370
_cell.angle_gamma   89.880
#
_symmetry.space_group_name_H-M   'P 1'
#
loop_
_entity.id
_entity.type
_entity.pdbx_description
1 polymer 'Pv cell-traversal protein'
2 polymer '7g7 heavy chain'
3 polymer '7g7 light chain'
4 non-polymer 'SODIUM ION'
#
loop_
_entity_poly.entity_id
_entity_poly.type
_entity_poly.pdbx_seq_one_letter_code
_entity_poly.pdbx_strand_id
1 'polypeptide(L)'
;MGLRGKSGSTASSSLEGGSEFSERIGNSLSSFLSESASLEVIGNELADNIANEIVSSLQKDSASFLQSGFDVKTQLKATA
KKVLVEALKAALEPTEKIVASTIKPPRVSEDAYFLLGPVVKTLFNKVEDVLHKPIPDTIWEYESKGSLEEEEAEDEFSDE
LLDLEHHHHHH
;
A,B,C,D
2 'polypeptide(L)'
;MEWSWIFLFLLSGTTGVHSEIQLQQSGPELVKPGASVKVSCKASGYSFTDYNMYWVKQSHGKSLEWIGYIDPYNGGTRYN
QKFRDKATLTVDKSSSTAFMHLNSLTSEDSAVYYCARGYYYGNPLHFDVWGAGTTVTVSSAKTTPPSVYPLAPGSAAQTN
SMVTLGCLVKGYFPEPVTVTWNSGSLSSGVHTFPAVLQSDLYTLSSSVTVPSSTWPSETVTCNVAHPASSTKVDKKIVPR
;
H,I,J,K
3 'polypeptide(L)'
;MDFQVQIFSFLLISASVIISRGQIVLTQSPAIMSASPGEKVTMTCSASSSVSYIHWYQQKSGTSPKRWIYDTSKLASGVP
ARFSGSGSGTSYSLTISSMEAEDAATYYCQQWISYPATFGAGTKLELKRADAAPTVSIFPPSSEQLTSGGASVVCFLNNF
YPKDINVKWKIDGSERQNGVLNSWTDQDSKDSTYSMSSTLTLTKDEYERHNSYTCEATHKTSTSPIVKSFNRNEC
;
L,M,N,O
#
# COMPACT_ATOMS: atom_id res chain seq x y z
N PHE A 21 -55.12 13.79 16.67
CA PHE A 21 -54.29 12.97 15.80
C PHE A 21 -53.69 13.76 14.65
N SER A 22 -54.48 14.71 14.12
CA SER A 22 -53.95 15.60 13.09
C SER A 22 -52.70 16.31 13.57
N GLU A 23 -52.50 16.40 14.88
CA GLU A 23 -51.29 17.01 15.42
C GLU A 23 -50.09 16.09 15.24
N ARG A 24 -50.21 14.83 15.72
CA ARG A 24 -49.08 13.92 15.65
C ARG A 24 -48.57 13.77 14.22
N ILE A 25 -49.47 13.93 13.24
CA ILE A 25 -49.05 13.85 11.85
C ILE A 25 -48.22 15.07 11.46
N GLY A 26 -48.67 16.26 11.87
CA GLY A 26 -47.90 17.45 11.57
C GLY A 26 -46.58 17.50 12.31
N ASN A 27 -46.55 16.97 13.53
CA ASN A 27 -45.34 17.06 14.35
C ASN A 27 -44.21 16.23 13.75
N SER A 28 -44.52 15.00 13.35
CA SER A 28 -43.48 14.14 12.79
C SER A 28 -42.90 14.73 11.52
N LEU A 29 -43.76 15.20 10.62
CA LEU A 29 -43.28 15.70 9.34
C LEU A 29 -42.46 16.98 9.51
N SER A 30 -42.87 17.83 10.45
CA SER A 30 -42.17 19.10 10.65
C SER A 30 -40.71 18.89 11.01
N SER A 31 -40.35 17.68 11.45
CA SER A 31 -38.98 17.40 11.87
C SER A 31 -38.03 17.18 10.71
N PHE A 32 -38.49 17.25 9.46
CA PHE A 32 -37.55 17.20 8.34
C PHE A 32 -36.82 18.53 8.19
N LEU A 33 -37.54 19.64 8.28
CA LEU A 33 -36.91 20.95 8.21
C LEU A 33 -36.16 21.27 9.51
N SER A 34 -36.89 21.29 10.62
CA SER A 34 -36.26 21.41 11.93
C SER A 34 -35.64 20.08 12.33
N GLU A 35 -34.43 20.15 12.90
CA GLU A 35 -33.61 19.01 13.32
C GLU A 35 -32.89 18.33 12.16
N SER A 36 -33.12 18.76 10.91
CA SER A 36 -32.59 18.08 9.73
C SER A 36 -32.68 16.56 9.91
N ALA A 37 -33.88 16.10 10.26
CA ALA A 37 -34.07 14.71 10.63
C ALA A 37 -33.90 13.80 9.42
N SER A 38 -33.38 12.61 9.67
CA SER A 38 -33.21 11.63 8.61
C SER A 38 -34.55 11.31 7.97
N LEU A 39 -34.53 11.10 6.66
CA LEU A 39 -35.75 10.70 5.97
C LEU A 39 -36.27 9.37 6.49
N GLU A 40 -35.36 8.46 6.86
CA GLU A 40 -35.79 7.17 7.40
C GLU A 40 -36.53 7.35 8.73
N VAL A 41 -36.03 8.23 9.59
CA VAL A 41 -36.64 8.39 10.90
C VAL A 41 -38.07 8.89 10.78
N ILE A 42 -38.28 9.87 9.90
CA ILE A 42 -39.60 10.50 9.79
C ILE A 42 -40.63 9.48 9.28
N GLY A 43 -40.32 8.77 8.21
CA GLY A 43 -41.25 7.77 7.71
C GLY A 43 -41.54 6.68 8.71
N ASN A 44 -40.51 6.24 9.44
CA ASN A 44 -40.68 5.17 10.41
C ASN A 44 -41.60 5.58 11.55
N GLU A 45 -41.42 6.79 12.06
CA GLU A 45 -42.20 7.25 13.21
C GLU A 45 -43.64 7.59 12.85
N LEU A 46 -43.90 7.91 11.58
CA LEU A 46 -45.26 8.22 11.16
C LEU A 46 -46.12 6.98 11.13
N ALA A 47 -45.60 5.89 10.55
CA ALA A 47 -46.34 4.63 10.52
C ALA A 47 -46.77 4.22 11.92
N ASP A 48 -45.95 4.52 12.92
CA ASP A 48 -46.33 4.27 14.30
C ASP A 48 -47.61 5.02 14.66
N ASN A 49 -47.68 6.31 14.31
CA ASN A 49 -48.85 7.10 14.63
C ASN A 49 -50.11 6.46 14.06
N ILE A 50 -50.06 6.09 12.78
CA ILE A 50 -51.22 5.45 12.14
C ILE A 50 -51.53 4.14 12.84
N ALA A 51 -50.53 3.25 12.91
CA ALA A 51 -50.71 1.99 13.61
C ALA A 51 -51.16 2.25 15.05
N ASN A 52 -50.45 3.16 15.75
CA ASN A 52 -50.90 3.56 17.08
C ASN A 52 -52.31 4.13 17.04
N GLU A 53 -52.66 4.81 15.94
CA GLU A 53 -53.98 5.42 15.85
C GLU A 53 -55.06 4.39 15.50
N ILE A 54 -54.80 3.52 14.52
CA ILE A 54 -55.80 2.53 14.15
C ILE A 54 -56.10 1.65 15.35
N VAL A 55 -55.06 1.17 16.02
CA VAL A 55 -55.26 0.40 17.25
C VAL A 55 -56.06 1.23 18.24
N SER A 56 -55.73 2.53 18.35
CA SER A 56 -56.48 3.40 19.24
C SER A 56 -57.85 3.75 18.67
N SER A 57 -57.99 3.74 17.34
CA SER A 57 -59.28 4.03 16.74
C SER A 57 -60.27 2.91 17.02
N LEU A 58 -59.82 1.66 16.93
CA LEU A 58 -60.73 0.54 17.05
C LEU A 58 -61.16 0.30 18.50
N GLN A 59 -60.26 0.52 19.46
CA GLN A 59 -60.63 0.36 20.86
C GLN A 59 -61.87 1.19 21.19
N LYS A 60 -62.06 2.30 20.47
CA LYS A 60 -63.22 3.15 20.68
C LYS A 60 -64.46 2.64 19.98
N ASP A 61 -64.31 1.86 18.91
CA ASP A 61 -65.45 1.44 18.11
C ASP A 61 -66.07 0.14 18.61
N SER A 62 -65.29 -0.93 18.64
CA SER A 62 -65.78 -2.25 18.99
C SER A 62 -65.40 -2.59 20.43
N ALA A 63 -66.28 -3.32 21.10
CA ALA A 63 -66.03 -3.78 22.45
C ALA A 63 -65.44 -5.19 22.50
N SER A 64 -65.79 -6.04 21.53
CA SER A 64 -65.19 -7.37 21.48
C SER A 64 -63.70 -7.29 21.24
N PHE A 65 -63.25 -6.26 20.54
CA PHE A 65 -61.80 -6.07 20.36
C PHE A 65 -61.15 -5.59 21.63
N LEU A 66 -61.73 -4.57 22.28
CA LEU A 66 -61.11 -3.98 23.46
C LEU A 66 -60.88 -5.02 24.55
N GLN A 67 -61.59 -6.15 24.47
CA GLN A 67 -61.44 -7.23 25.44
C GLN A 67 -60.78 -8.46 24.82
N SER A 68 -59.99 -8.29 23.77
CA SER A 68 -59.36 -9.41 23.08
C SER A 68 -58.04 -9.84 23.69
N GLY A 69 -57.38 -8.97 24.47
CA GLY A 69 -56.13 -9.30 25.11
C GLY A 69 -54.99 -8.41 24.67
N PHE A 70 -54.03 -8.14 25.57
CA PHE A 70 -52.96 -7.21 25.24
C PHE A 70 -52.04 -7.79 24.16
N ASP A 71 -51.74 -9.08 24.22
CA ASP A 71 -50.93 -9.69 23.18
C ASP A 71 -51.62 -9.61 21.83
N VAL A 72 -52.93 -9.38 21.82
CA VAL A 72 -53.69 -9.25 20.57
C VAL A 72 -53.73 -7.82 20.03
N LYS A 73 -53.41 -6.81 20.85
CA LYS A 73 -53.49 -5.43 20.39
C LYS A 73 -52.14 -4.92 19.87
N THR A 74 -51.05 -5.27 20.56
CA THR A 74 -49.73 -4.87 20.07
C THR A 74 -49.45 -5.52 18.72
N GLN A 75 -49.84 -6.79 18.56
CA GLN A 75 -49.63 -7.48 17.30
C GLN A 75 -50.27 -6.73 16.14
N LEU A 76 -51.32 -5.96 16.42
CA LEU A 76 -51.95 -5.17 15.36
C LEU A 76 -51.02 -4.07 14.86
N LYS A 77 -50.47 -3.28 15.79
CA LYS A 77 -49.59 -2.20 15.38
C LYS A 77 -48.44 -2.71 14.53
N ALA A 78 -48.06 -3.98 14.73
CA ALA A 78 -47.02 -4.58 13.91
C ALA A 78 -47.56 -5.02 12.55
N THR A 79 -48.60 -5.86 12.56
CA THR A 79 -49.12 -6.38 11.30
C THR A 79 -49.41 -5.25 10.33
N ALA A 80 -49.98 -4.15 10.83
CA ALA A 80 -50.19 -2.99 9.98
C ALA A 80 -48.88 -2.45 9.45
N LYS A 81 -47.93 -2.18 10.35
CA LYS A 81 -46.69 -1.52 9.95
C LYS A 81 -45.99 -2.30 8.83
N LYS A 82 -45.95 -3.62 8.94
CA LYS A 82 -45.33 -4.42 7.90
C LYS A 82 -46.04 -4.23 6.56
N VAL A 83 -47.36 -4.37 6.56
CA VAL A 83 -48.10 -4.25 5.31
C VAL A 83 -47.85 -2.89 4.67
N LEU A 84 -47.80 -1.85 5.51
CA LEU A 84 -47.61 -0.50 5.00
C LEU A 84 -46.36 -0.42 4.12
N VAL A 85 -45.24 -0.93 4.63
CA VAL A 85 -44.00 -0.85 3.87
C VAL A 85 -44.10 -1.73 2.63
N GLU A 86 -44.56 -2.97 2.80
CA GLU A 86 -44.64 -3.87 1.64
C GLU A 86 -45.50 -3.26 0.56
N ALA A 87 -46.59 -2.60 0.94
CA ALA A 87 -47.39 -1.86 -0.02
C ALA A 87 -46.57 -0.74 -0.65
N LEU A 88 -45.88 0.04 0.19
CA LEU A 88 -45.07 1.13 -0.33
C LEU A 88 -44.03 0.61 -1.31
N LYS A 89 -43.39 -0.51 -0.97
CA LYS A 89 -42.40 -1.11 -1.85
C LYS A 89 -43.01 -1.42 -3.22
N ALA A 90 -44.06 -2.24 -3.24
CA ALA A 90 -44.65 -2.61 -4.51
C ALA A 90 -45.20 -1.39 -5.25
N ALA A 91 -45.42 -0.29 -4.54
CA ALA A 91 -46.06 0.90 -5.10
C ALA A 91 -45.06 1.91 -5.65
N LEU A 92 -43.76 1.64 -5.57
CA LEU A 92 -42.79 2.67 -5.93
C LEU A 92 -42.62 2.79 -7.44
N GLU A 93 -42.28 1.69 -8.10
CA GLU A 93 -42.03 1.77 -9.54
C GLU A 93 -43.24 2.32 -10.29
N PRO A 94 -44.46 1.83 -10.07
CA PRO A 94 -45.60 2.43 -10.79
C PRO A 94 -45.74 3.92 -10.52
N THR A 95 -45.30 4.39 -9.35
CA THR A 95 -45.39 5.81 -9.04
C THR A 95 -44.42 6.63 -9.89
N GLU A 96 -43.19 6.13 -10.08
CA GLU A 96 -42.25 6.84 -10.93
C GLU A 96 -42.79 6.97 -12.35
N LYS A 97 -43.30 5.87 -12.89
CA LYS A 97 -43.91 5.92 -14.22
C LYS A 97 -45.02 6.96 -14.25
N ILE A 98 -45.90 6.92 -13.26
CA ILE A 98 -46.98 7.91 -13.17
C ILE A 98 -46.39 9.30 -13.05
N VAL A 99 -45.46 9.49 -12.11
CA VAL A 99 -44.81 10.79 -11.96
C VAL A 99 -44.17 11.19 -13.27
N ALA A 100 -43.44 10.26 -13.90
CA ALA A 100 -42.80 10.56 -15.18
C ALA A 100 -43.83 11.08 -16.17
N SER A 101 -44.91 10.30 -16.37
CA SER A 101 -45.89 10.66 -17.39
C SER A 101 -46.56 12.00 -17.08
N THR A 102 -46.95 12.21 -15.82
CA THR A 102 -47.67 13.45 -15.49
C THR A 102 -46.83 14.68 -15.77
N ILE A 103 -45.51 14.53 -15.87
CA ILE A 103 -44.60 15.65 -16.09
C ILE A 103 -43.78 15.51 -17.36
N LYS A 104 -43.85 14.37 -18.02
CA LYS A 104 -43.06 14.12 -19.22
C LYS A 104 -43.67 14.86 -20.40
N PRO A 105 -42.87 15.56 -21.22
CA PRO A 105 -43.41 16.16 -22.44
C PRO A 105 -44.25 15.17 -23.22
N PRO A 106 -45.22 15.64 -24.00
CA PRO A 106 -45.49 17.06 -24.24
C PRO A 106 -46.25 17.73 -23.11
N ARG A 107 -46.47 17.01 -22.01
CA ARG A 107 -47.10 17.63 -20.84
C ARG A 107 -46.34 18.87 -20.42
N VAL A 108 -45.02 18.89 -20.67
CA VAL A 108 -44.17 20.04 -20.39
C VAL A 108 -43.20 20.18 -21.55
N SER A 109 -42.70 21.40 -21.72
CA SER A 109 -41.74 21.67 -22.78
C SER A 109 -40.55 20.73 -22.68
N GLU A 110 -40.16 20.16 -23.82
CA GLU A 110 -38.95 19.33 -23.85
C GLU A 110 -37.73 20.14 -23.45
N ASP A 111 -37.65 21.40 -23.91
CA ASP A 111 -36.58 22.28 -23.46
C ASP A 111 -36.65 22.52 -21.96
N ALA A 112 -37.84 22.38 -21.35
CA ALA A 112 -38.00 22.48 -19.92
C ALA A 112 -37.77 21.14 -19.22
N TYR A 113 -38.22 20.04 -19.81
CA TYR A 113 -37.99 18.73 -19.24
C TYR A 113 -36.51 18.45 -19.09
N PHE A 114 -35.66 19.16 -19.85
CA PHE A 114 -34.22 19.04 -19.67
C PHE A 114 -33.80 19.34 -18.25
N LEU A 115 -34.56 20.17 -17.55
CA LEU A 115 -34.22 20.53 -16.18
C LEU A 115 -35.04 19.78 -15.13
N LEU A 116 -36.09 19.08 -15.54
CA LEU A 116 -37.02 18.47 -14.59
C LEU A 116 -36.67 17.02 -14.28
N GLY A 117 -36.67 16.18 -15.31
CA GLY A 117 -36.40 14.76 -15.15
C GLY A 117 -35.26 14.46 -14.20
N PRO A 118 -34.08 15.06 -14.46
CA PRO A 118 -32.91 14.72 -13.64
C PRO A 118 -33.12 14.88 -12.16
N VAL A 119 -33.76 15.96 -11.74
CA VAL A 119 -33.89 16.23 -10.31
C VAL A 119 -35.04 15.45 -9.74
N VAL A 120 -36.14 15.34 -10.49
CA VAL A 120 -37.21 14.41 -10.12
C VAL A 120 -36.62 13.03 -9.89
N LYS A 121 -35.84 12.54 -10.85
CA LYS A 121 -35.29 11.19 -10.74
C LYS A 121 -34.23 11.14 -9.67
N THR A 122 -33.50 12.25 -9.45
CA THR A 122 -32.57 12.31 -8.34
C THR A 122 -33.29 11.98 -7.03
N LEU A 123 -34.38 12.69 -6.76
CA LEU A 123 -35.12 12.45 -5.52
C LEU A 123 -35.76 11.07 -5.53
N PHE A 124 -36.18 10.60 -6.70
CA PHE A 124 -36.83 9.30 -6.76
C PHE A 124 -35.80 8.20 -6.61
N ASN A 125 -34.56 8.42 -7.05
CA ASN A 125 -33.45 7.57 -6.68
C ASN A 125 -33.20 7.61 -5.18
N LYS A 126 -33.16 8.81 -4.58
CA LYS A 126 -32.96 8.90 -3.14
C LYS A 126 -33.89 7.93 -2.41
N VAL A 127 -35.12 7.80 -2.90
CA VAL A 127 -36.06 6.85 -2.31
C VAL A 127 -35.63 5.43 -2.66
N GLU A 128 -35.33 5.20 -3.94
CA GLU A 128 -34.87 3.89 -4.38
C GLU A 128 -33.79 3.38 -3.43
N ASP A 129 -32.92 4.29 -2.97
CA ASP A 129 -31.91 3.96 -1.97
C ASP A 129 -32.55 3.49 -0.67
N VAL A 130 -33.28 4.39 0.00
CA VAL A 130 -33.69 4.15 1.39
C VAL A 130 -34.51 2.88 1.48
N LEU A 131 -35.55 2.76 0.65
CA LEU A 131 -36.31 1.52 0.66
C LEU A 131 -35.54 0.38 0.03
N HIS A 132 -34.37 0.65 -0.53
CA HIS A 132 -33.58 -0.39 -1.19
C HIS A 132 -34.41 -1.11 -2.24
N LYS A 133 -35.15 -0.35 -3.03
CA LYS A 133 -35.88 -0.87 -4.19
C LYS A 133 -35.45 -0.05 -5.40
N PRO A 134 -34.27 -0.31 -5.94
CA PRO A 134 -33.77 0.52 -7.04
C PRO A 134 -34.72 0.46 -8.22
N ILE A 135 -34.85 1.60 -8.90
CA ILE A 135 -35.58 1.65 -10.16
C ILE A 135 -34.66 2.31 -11.18
N PRO A 136 -34.44 1.69 -12.33
CA PRO A 136 -33.60 2.35 -13.35
C PRO A 136 -34.23 3.68 -13.72
N ASP A 137 -33.38 4.64 -14.05
CA ASP A 137 -33.83 5.97 -14.39
C ASP A 137 -34.27 6.07 -15.85
N THR A 138 -34.59 4.93 -16.46
CA THR A 138 -35.02 4.92 -17.85
C THR A 138 -36.42 5.48 -18.01
N ILE A 139 -37.30 5.23 -17.03
CA ILE A 139 -38.67 5.73 -17.08
C ILE A 139 -38.59 7.18 -17.51
N TRP A 140 -37.58 7.89 -17.01
CA TRP A 140 -37.28 9.25 -17.41
C TRP A 140 -36.47 9.19 -18.71
N GLU A 141 -37.08 9.59 -19.82
CA GLU A 141 -36.49 9.35 -21.14
C GLU A 141 -36.94 10.44 -22.11
N TYR A 142 -35.97 11.10 -22.74
CA TYR A 142 -36.22 12.02 -23.83
C TYR A 142 -37.40 12.95 -23.54
N GLU B 20 -34.20 -26.33 4.44
CA GLU B 20 -34.01 -25.10 5.19
C GLU B 20 -33.65 -23.96 4.24
N ILE B 21 -33.52 -22.76 4.79
CA ILE B 21 -33.15 -21.58 4.00
C ILE B 21 -31.64 -21.60 3.83
N GLN B 22 -31.17 -21.75 2.60
CA GLN B 22 -29.74 -21.90 2.35
C GLN B 22 -29.38 -21.33 0.98
N LEU B 23 -28.25 -20.63 0.93
CA LEU B 23 -27.75 -19.99 -0.28
C LEU B 23 -26.50 -20.71 -0.77
N GLN B 24 -26.60 -21.34 -1.93
CA GLN B 24 -25.49 -22.04 -2.55
C GLN B 24 -24.85 -21.15 -3.61
N GLN B 25 -23.54 -21.27 -3.75
CA GLN B 25 -22.77 -20.48 -4.69
C GLN B 25 -22.01 -21.39 -5.63
N SER B 26 -21.15 -20.78 -6.45
CA SER B 26 -20.23 -21.50 -7.31
C SER B 26 -18.92 -21.77 -6.58
N GLY B 27 -18.14 -22.69 -7.12
CA GLY B 27 -16.86 -23.00 -6.55
C GLY B 27 -15.80 -21.99 -6.95
N PRO B 28 -14.59 -22.19 -6.44
CA PRO B 28 -13.50 -21.26 -6.74
C PRO B 28 -13.20 -21.24 -8.22
N GLU B 29 -12.71 -20.09 -8.69
CA GLU B 29 -12.36 -19.93 -10.10
C GLU B 29 -10.93 -19.42 -10.21
N LEU B 30 -10.10 -20.17 -10.91
CA LEU B 30 -8.82 -19.67 -11.38
C LEU B 30 -9.07 -18.98 -12.70
N VAL B 31 -8.80 -17.69 -12.76
CA VAL B 31 -9.07 -16.87 -13.94
C VAL B 31 -7.79 -16.14 -14.31
N LYS B 32 -7.48 -16.14 -15.60
CA LYS B 32 -6.30 -15.44 -16.07
C LYS B 32 -6.52 -13.93 -15.94
N PRO B 33 -5.47 -13.17 -15.65
CA PRO B 33 -5.65 -11.73 -15.44
C PRO B 33 -6.23 -11.07 -16.68
N GLY B 34 -7.04 -10.04 -16.43
CA GLY B 34 -7.66 -9.32 -17.51
C GLY B 34 -8.87 -10.00 -18.11
N ALA B 35 -9.33 -11.10 -17.53
CA ALA B 35 -10.53 -11.77 -18.00
C ALA B 35 -11.71 -11.44 -17.08
N SER B 36 -12.89 -11.86 -17.50
CA SER B 36 -14.12 -11.70 -16.75
C SER B 36 -14.55 -13.05 -16.17
N VAL B 37 -15.52 -12.99 -15.26
CA VAL B 37 -16.09 -14.20 -14.66
C VAL B 37 -17.51 -13.88 -14.22
N LYS B 38 -18.35 -14.91 -14.26
CA LYS B 38 -19.78 -14.79 -13.94
C LYS B 38 -20.12 -15.85 -12.89
N VAL B 39 -20.05 -15.45 -11.62
CA VAL B 39 -20.38 -16.35 -10.52
C VAL B 39 -21.88 -16.30 -10.25
N SER B 40 -22.37 -17.36 -9.61
CA SER B 40 -23.80 -17.54 -9.36
C SER B 40 -24.05 -17.79 -7.88
N CYS B 41 -25.30 -17.59 -7.47
CA CYS B 41 -25.71 -17.82 -6.09
C CYS B 41 -27.19 -18.23 -6.12
N LYS B 42 -27.46 -19.51 -5.89
CA LYS B 42 -28.83 -20.01 -5.91
C LYS B 42 -29.45 -20.01 -4.52
N ALA B 43 -30.78 -19.96 -4.50
CA ALA B 43 -31.55 -19.92 -3.27
C ALA B 43 -32.51 -21.10 -3.21
N SER B 44 -33.01 -21.39 -2.01
CA SER B 44 -33.99 -22.45 -1.82
C SER B 44 -34.61 -22.32 -0.45
N GLY B 45 -35.71 -23.04 -0.25
CA GLY B 45 -36.43 -23.04 1.02
C GLY B 45 -37.44 -21.92 1.12
N TYR B 46 -37.00 -20.70 0.84
CA TYR B 46 -37.85 -19.53 0.87
C TYR B 46 -38.21 -19.14 -0.57
N SER B 47 -38.92 -18.02 -0.71
CA SER B 47 -39.32 -17.51 -2.02
C SER B 47 -38.20 -16.65 -2.58
N PHE B 48 -37.53 -17.16 -3.62
CA PHE B 48 -36.33 -16.53 -4.15
C PHE B 48 -36.56 -15.04 -4.44
N THR B 49 -37.75 -14.69 -4.90
CA THR B 49 -38.00 -13.37 -5.45
C THR B 49 -38.40 -12.33 -4.41
N ASP B 50 -38.76 -12.74 -3.19
CA ASP B 50 -39.26 -11.77 -2.23
C ASP B 50 -38.13 -10.99 -1.57
N TYR B 51 -36.96 -11.57 -1.42
CA TYR B 51 -35.82 -10.94 -0.78
C TYR B 51 -34.82 -10.45 -1.81
N ASN B 52 -34.03 -9.46 -1.41
CA ASN B 52 -32.98 -8.91 -2.26
C ASN B 52 -31.69 -9.70 -2.11
N MET B 53 -30.79 -9.50 -3.06
CA MET B 53 -29.49 -10.16 -3.08
C MET B 53 -28.40 -9.11 -3.13
N TYR B 54 -27.52 -9.14 -2.14
CA TYR B 54 -26.40 -8.23 -2.03
C TYR B 54 -25.12 -9.02 -2.26
N TRP B 55 -24.08 -8.34 -2.73
CA TRP B 55 -22.80 -8.96 -3.02
C TRP B 55 -21.71 -8.25 -2.25
N VAL B 56 -20.79 -9.03 -1.67
CA VAL B 56 -19.74 -8.50 -0.80
C VAL B 56 -18.41 -9.17 -1.12
N LYS B 57 -17.33 -8.47 -0.82
CA LYS B 57 -15.97 -8.91 -1.03
C LYS B 57 -15.23 -8.89 0.30
N GLN B 58 -14.29 -9.82 0.46
CA GLN B 58 -13.45 -9.87 1.65
C GLN B 58 -12.02 -10.20 1.23
N SER B 59 -11.17 -9.18 1.20
CA SER B 59 -9.75 -9.37 0.93
C SER B 59 -9.03 -9.71 2.22
N HIS B 60 -7.94 -10.47 2.10
CA HIS B 60 -7.07 -10.84 3.20
C HIS B 60 -7.78 -11.71 4.22
N GLY B 61 -9.04 -12.05 3.99
CA GLY B 61 -9.86 -12.55 5.07
C GLY B 61 -10.03 -11.56 6.20
N LYS B 62 -9.77 -10.27 5.95
CA LYS B 62 -9.89 -9.26 6.99
C LYS B 62 -10.96 -8.21 6.67
N SER B 63 -10.82 -7.49 5.55
CA SER B 63 -11.63 -6.30 5.32
C SER B 63 -12.82 -6.64 4.44
N LEU B 64 -13.99 -6.18 4.86
CA LEU B 64 -15.26 -6.47 4.21
C LEU B 64 -15.77 -5.21 3.53
N GLU B 65 -16.17 -5.34 2.27
CA GLU B 65 -16.56 -4.21 1.44
C GLU B 65 -17.81 -4.58 0.67
N TRP B 66 -18.80 -3.68 0.67
CA TRP B 66 -20.02 -3.90 -0.10
C TRP B 66 -19.82 -3.48 -1.55
N ILE B 67 -20.37 -4.27 -2.46
CA ILE B 67 -20.23 -4.02 -3.88
C ILE B 67 -21.54 -3.43 -4.40
N GLY B 68 -22.61 -4.21 -4.31
CA GLY B 68 -23.88 -3.77 -4.83
C GLY B 68 -24.98 -4.72 -4.41
N TYR B 69 -26.13 -4.55 -5.03
CA TYR B 69 -27.24 -5.48 -4.83
C TYR B 69 -28.25 -5.23 -5.94
N ILE B 70 -29.27 -6.07 -5.97
CA ILE B 70 -30.20 -6.14 -7.10
C ILE B 70 -31.56 -6.60 -6.57
N ASP B 71 -32.62 -6.02 -7.13
CA ASP B 71 -33.98 -6.41 -6.77
C ASP B 71 -34.45 -7.48 -7.76
N PRO B 72 -34.69 -8.71 -7.32
CA PRO B 72 -35.05 -9.76 -8.30
C PRO B 72 -36.29 -9.44 -9.12
N TYR B 73 -37.37 -9.01 -8.47
CA TYR B 73 -38.63 -8.77 -9.18
C TYR B 73 -38.47 -7.65 -10.20
N ASN B 74 -37.97 -6.50 -9.76
CA ASN B 74 -37.78 -5.36 -10.66
C ASN B 74 -36.52 -5.53 -11.51
N GLY B 75 -35.49 -6.17 -10.98
CA GLY B 75 -34.24 -6.33 -11.69
C GLY B 75 -33.30 -5.15 -11.60
N GLY B 76 -33.63 -4.13 -10.82
CA GLY B 76 -32.78 -2.96 -10.71
C GLY B 76 -31.59 -3.23 -9.79
N THR B 77 -30.45 -2.66 -10.16
CA THR B 77 -29.20 -2.85 -9.44
C THR B 77 -28.80 -1.56 -8.73
N ARG B 78 -27.98 -1.74 -7.69
CA ARG B 78 -27.37 -0.62 -6.98
C ARG B 78 -25.96 -1.03 -6.59
N TYR B 79 -24.99 -0.25 -7.05
CA TYR B 79 -23.58 -0.57 -6.86
C TYR B 79 -22.93 0.43 -5.93
N ASN B 80 -21.83 0.01 -5.33
CA ASN B 80 -20.90 0.92 -4.69
C ASN B 80 -20.08 1.63 -5.76
N GLN B 81 -19.79 2.90 -5.54
CA GLN B 81 -19.05 3.68 -6.52
C GLN B 81 -17.75 2.97 -6.90
N LYS B 82 -17.09 2.33 -5.94
CA LYS B 82 -15.82 1.67 -6.22
C LYS B 82 -15.97 0.59 -7.29
N PHE B 83 -17.14 -0.06 -7.36
CA PHE B 83 -17.35 -1.17 -8.26
C PHE B 83 -18.43 -0.88 -9.30
N ARG B 84 -18.59 0.39 -9.68
CA ARG B 84 -19.71 0.73 -10.56
C ARG B 84 -19.65 -0.03 -11.86
N ASP B 85 -18.48 -0.06 -12.52
CA ASP B 85 -18.35 -0.74 -13.80
C ASP B 85 -17.52 -2.01 -13.70
N LYS B 86 -16.80 -2.22 -12.60
CA LYS B 86 -16.12 -3.49 -12.42
C LYS B 86 -17.12 -4.63 -12.38
N ALA B 87 -18.21 -4.44 -11.66
CA ALA B 87 -19.18 -5.49 -11.39
C ALA B 87 -20.46 -5.27 -12.18
N THR B 88 -21.09 -6.38 -12.57
CA THR B 88 -22.39 -6.35 -13.24
C THR B 88 -23.20 -7.53 -12.74
N LEU B 89 -24.39 -7.24 -12.21
CA LEU B 89 -25.24 -8.25 -11.60
C LEU B 89 -26.39 -8.62 -12.51
N THR B 90 -26.71 -9.91 -12.56
CA THR B 90 -27.86 -10.40 -13.30
C THR B 90 -28.54 -11.47 -12.46
N VAL B 91 -29.72 -11.92 -12.91
CA VAL B 91 -30.52 -12.89 -12.17
C VAL B 91 -31.22 -13.82 -13.15
N ASP B 92 -31.79 -14.90 -12.61
CA ASP B 92 -32.64 -15.80 -13.39
C ASP B 92 -33.61 -16.46 -12.41
N LYS B 93 -34.86 -16.00 -12.42
CA LYS B 93 -35.85 -16.59 -11.52
C LYS B 93 -36.04 -18.08 -11.79
N SER B 94 -35.91 -18.50 -13.05
CA SER B 94 -36.13 -19.90 -13.40
C SER B 94 -35.30 -20.79 -12.49
N SER B 95 -34.02 -20.46 -12.32
CA SER B 95 -33.11 -21.21 -11.48
C SER B 95 -33.07 -20.70 -10.04
N SER B 96 -33.86 -19.69 -9.70
CA SER B 96 -33.81 -19.09 -8.37
C SER B 96 -32.39 -18.66 -8.02
N THR B 97 -31.72 -18.05 -8.99
CA THR B 97 -30.29 -17.77 -8.90
C THR B 97 -30.02 -16.31 -9.23
N ALA B 98 -28.98 -15.77 -8.57
CA ALA B 98 -28.45 -14.46 -8.86
C ALA B 98 -27.00 -14.60 -9.29
N PHE B 99 -26.54 -13.65 -10.10
CA PHE B 99 -25.21 -13.72 -10.66
C PHE B 99 -24.48 -12.41 -10.44
N MET B 100 -23.17 -12.50 -10.50
CA MET B 100 -22.29 -11.34 -10.38
C MET B 100 -21.28 -11.41 -11.50
N HIS B 101 -21.21 -10.34 -12.30
CA HIS B 101 -20.36 -10.30 -13.48
C HIS B 101 -19.24 -9.30 -13.24
N LEU B 102 -18.00 -9.72 -13.55
CA LEU B 102 -16.82 -8.93 -13.25
C LEU B 102 -15.94 -8.82 -14.49
N ASN B 103 -15.22 -7.71 -14.59
CA ASN B 103 -14.41 -7.41 -15.76
C ASN B 103 -13.06 -6.86 -15.32
N SER B 104 -12.07 -7.01 -16.20
CA SER B 104 -10.73 -6.43 -16.02
C SER B 104 -10.17 -6.79 -14.64
N LEU B 105 -9.95 -8.09 -14.45
CA LEU B 105 -9.56 -8.61 -13.15
C LEU B 105 -8.09 -8.35 -12.88
N THR B 106 -7.81 -7.76 -11.72
CA THR B 106 -6.45 -7.52 -11.26
C THR B 106 -6.17 -8.33 -10.01
N SER B 107 -4.90 -8.31 -9.59
CA SER B 107 -4.53 -8.90 -8.32
C SER B 107 -5.39 -8.36 -7.19
N GLU B 108 -5.67 -7.05 -7.21
CA GLU B 108 -6.54 -6.48 -6.20
C GLU B 108 -7.94 -7.05 -6.25
N ASP B 109 -8.29 -7.73 -7.35
CA ASP B 109 -9.62 -8.29 -7.52
C ASP B 109 -9.71 -9.75 -7.11
N SER B 110 -8.63 -10.31 -6.56
CA SER B 110 -8.64 -11.69 -6.10
C SER B 110 -9.01 -11.70 -4.62
N ALA B 111 -10.11 -12.34 -4.29
CA ALA B 111 -10.54 -12.41 -2.90
C ALA B 111 -11.69 -13.41 -2.81
N VAL B 112 -12.36 -13.41 -1.65
CA VAL B 112 -13.55 -14.23 -1.42
C VAL B 112 -14.77 -13.32 -1.57
N TYR B 113 -15.77 -13.81 -2.28
CA TYR B 113 -16.98 -13.05 -2.57
C TYR B 113 -18.17 -13.81 -2.01
N TYR B 114 -18.95 -13.15 -1.16
CA TYR B 114 -20.12 -13.74 -0.53
C TYR B 114 -21.40 -13.21 -1.20
N CYS B 115 -22.49 -13.96 -1.01
CA CYS B 115 -23.83 -13.51 -1.40
C CYS B 115 -24.75 -13.63 -0.21
N ALA B 116 -25.67 -12.68 -0.06
CA ALA B 116 -26.53 -12.63 1.12
C ALA B 116 -27.94 -12.18 0.75
N ARG B 117 -28.87 -12.44 1.68
CA ARG B 117 -30.29 -12.14 1.54
C ARG B 117 -30.66 -10.93 2.39
N GLY B 118 -31.79 -10.33 2.07
CA GLY B 118 -32.32 -9.25 2.88
C GLY B 118 -33.71 -8.85 2.45
N TYR B 119 -34.39 -8.14 3.35
CA TYR B 119 -35.67 -7.48 3.06
C TYR B 119 -35.77 -6.27 3.98
N TYR B 120 -36.15 -5.12 3.40
CA TYR B 120 -36.17 -3.86 4.12
C TYR B 120 -37.48 -3.68 4.87
N TYR B 121 -37.37 -3.46 6.18
CA TYR B 121 -38.51 -3.18 7.04
C TYR B 121 -38.32 -1.87 7.78
N GLY B 122 -37.85 -0.85 7.07
CA GLY B 122 -37.73 0.49 7.65
C GLY B 122 -36.39 0.77 8.27
N ASN B 123 -35.96 -0.06 9.20
CA ASN B 123 -34.66 0.12 9.82
C ASN B 123 -33.57 -0.17 8.79
N PRO B 124 -32.38 0.40 8.99
CA PRO B 124 -31.29 0.11 8.05
C PRO B 124 -31.13 -1.39 7.86
N LEU B 125 -30.84 -1.79 6.63
CA LEU B 125 -30.87 -3.19 6.27
C LEU B 125 -29.67 -3.94 6.85
N HIS B 126 -29.88 -5.20 7.17
CA HIS B 126 -28.80 -6.09 7.61
C HIS B 126 -28.87 -7.38 6.79
N PHE B 127 -28.00 -8.35 7.13
CA PHE B 127 -27.86 -9.58 6.36
C PHE B 127 -28.18 -10.77 7.25
N ASP B 128 -29.26 -11.48 6.92
CA ASP B 128 -29.72 -12.60 7.72
C ASP B 128 -29.21 -13.95 7.25
N VAL B 129 -28.82 -14.06 5.97
CA VAL B 129 -28.34 -15.32 5.42
C VAL B 129 -27.11 -15.05 4.57
N TRP B 130 -26.13 -15.93 4.64
CA TRP B 130 -24.87 -15.78 3.94
C TRP B 130 -24.56 -17.03 3.13
N GLY B 131 -23.93 -16.82 1.98
CA GLY B 131 -23.50 -17.93 1.16
C GLY B 131 -22.18 -18.49 1.62
N ALA B 132 -21.82 -19.62 1.01
CA ALA B 132 -20.61 -20.32 1.42
C ALA B 132 -19.35 -19.53 1.13
N GLY B 133 -19.43 -18.51 0.26
CA GLY B 133 -18.27 -17.77 -0.16
C GLY B 133 -17.59 -18.42 -1.34
N THR B 134 -17.36 -17.65 -2.40
CA THR B 134 -16.67 -18.14 -3.59
C THR B 134 -15.30 -17.47 -3.66
N THR B 135 -14.24 -18.28 -3.61
CA THR B 135 -12.89 -17.75 -3.65
C THR B 135 -12.42 -17.68 -5.10
N VAL B 136 -12.17 -16.46 -5.57
CA VAL B 136 -11.73 -16.23 -6.93
C VAL B 136 -10.24 -15.94 -6.91
N THR B 137 -9.50 -16.58 -7.80
CA THR B 137 -8.06 -16.42 -7.88
C THR B 137 -7.72 -15.90 -9.27
N VAL B 138 -7.05 -14.76 -9.31
CA VAL B 138 -6.57 -14.15 -10.56
C VAL B 138 -5.07 -14.38 -10.62
N SER B 139 -4.63 -15.11 -11.63
CA SER B 139 -3.20 -15.31 -11.82
C SER B 139 -2.94 -15.93 -13.19
N SER B 140 -1.96 -15.38 -13.91
CA SER B 140 -1.55 -16.01 -15.16
C SER B 140 -0.83 -17.33 -14.92
N ALA B 141 -0.52 -17.65 -13.67
CA ALA B 141 0.18 -18.89 -13.34
C ALA B 141 -0.65 -20.10 -13.75
N LYS B 142 0.03 -21.17 -14.10
CA LYS B 142 -0.61 -22.36 -14.61
C LYS B 142 -1.14 -23.22 -13.47
N THR B 143 -2.02 -24.16 -13.82
CA THR B 143 -2.45 -25.19 -12.89
C THR B 143 -1.42 -26.31 -12.88
N THR B 144 -0.78 -26.50 -11.74
CA THR B 144 0.25 -27.52 -11.58
C THR B 144 -0.17 -28.47 -10.47
N PRO B 145 -0.14 -29.78 -10.69
CA PRO B 145 -0.52 -30.71 -9.62
C PRO B 145 0.49 -30.65 -8.49
N PRO B 146 0.12 -31.10 -7.30
CA PRO B 146 1.04 -31.05 -6.17
C PRO B 146 2.01 -32.22 -6.17
N SER B 147 3.09 -32.01 -5.43
CA SER B 147 4.03 -33.08 -5.09
C SER B 147 3.95 -33.31 -3.58
N VAL B 148 3.79 -34.58 -3.20
CA VAL B 148 3.56 -34.94 -1.81
C VAL B 148 4.76 -35.72 -1.30
N TYR B 149 5.26 -35.33 -0.13
CA TYR B 149 6.36 -36.04 0.51
C TYR B 149 6.00 -36.33 1.97
N PRO B 150 6.22 -37.55 2.44
CA PRO B 150 5.90 -37.87 3.85
C PRO B 150 6.90 -37.28 4.82
N LEU B 151 6.71 -37.52 6.12
CA LEU B 151 7.64 -37.03 7.13
C LEU B 151 7.67 -38.05 8.27
N ALA B 152 8.77 -38.81 8.37
CA ALA B 152 8.91 -39.86 9.38
C ALA B 152 10.14 -39.62 10.25
N PRO B 153 10.06 -39.96 11.54
CA PRO B 153 11.18 -39.66 12.45
C PRO B 153 12.42 -40.49 12.14
N GLY B 154 13.48 -39.82 11.73
CA GLY B 154 14.67 -40.46 11.20
C GLY B 154 15.53 -41.13 12.26
N SER B 155 16.16 -40.33 13.14
CA SER B 155 16.98 -40.92 14.21
C SER B 155 16.14 -41.71 15.20
N ALA B 156 14.81 -41.57 15.16
CA ALA B 156 13.91 -42.32 16.01
C ALA B 156 14.08 -42.02 17.49
N ALA B 157 14.75 -40.92 17.82
CA ALA B 157 15.12 -40.64 19.20
C ALA B 157 13.98 -40.00 19.97
N GLN B 158 12.83 -39.81 19.31
CA GLN B 158 11.62 -39.34 19.98
C GLN B 158 10.90 -40.56 20.57
N THR B 159 11.50 -41.12 21.61
CA THR B 159 10.85 -42.18 22.38
C THR B 159 10.02 -41.57 23.50
N ASN B 160 9.06 -40.74 23.11
CA ASN B 160 7.97 -40.32 23.96
C ASN B 160 6.79 -41.25 23.76
N SER B 161 5.75 -41.05 24.54
CA SER B 161 4.56 -41.87 24.39
C SER B 161 3.73 -41.44 23.20
N MET B 162 4.28 -40.53 22.39
CA MET B 162 3.55 -39.88 21.32
C MET B 162 4.55 -39.46 20.24
N VAL B 163 4.44 -40.07 19.06
CA VAL B 163 5.35 -39.80 17.96
C VAL B 163 4.58 -39.00 16.91
N THR B 164 5.02 -37.76 16.70
CA THR B 164 4.38 -36.91 15.71
C THR B 164 4.88 -37.25 14.31
N LEU B 165 3.96 -37.49 13.41
CA LEU B 165 4.25 -37.74 12.00
C LEU B 165 3.77 -36.57 11.17
N GLY B 166 4.22 -36.52 9.91
CA GLY B 166 3.94 -35.40 9.06
C GLY B 166 3.67 -35.82 7.63
N CYS B 167 3.27 -34.83 6.83
CA CYS B 167 2.96 -35.02 5.42
C CYS B 167 3.20 -33.68 4.74
N LEU B 168 3.97 -33.70 3.64
CA LEU B 168 4.46 -32.48 3.01
C LEU B 168 3.89 -32.38 1.60
N VAL B 169 3.19 -31.29 1.33
CA VAL B 169 2.60 -31.02 0.02
C VAL B 169 3.31 -29.80 -0.56
N LYS B 170 3.86 -29.96 -1.75
CA LYS B 170 4.66 -28.91 -2.37
C LYS B 170 4.28 -28.75 -3.83
N GLY B 171 4.36 -27.51 -4.30
CA GLY B 171 4.31 -27.24 -5.72
C GLY B 171 2.97 -27.49 -6.39
N TYR B 172 1.97 -26.65 -6.10
CA TYR B 172 0.68 -26.79 -6.75
C TYR B 172 0.03 -25.41 -6.88
N PHE B 173 -0.91 -25.33 -7.82
CA PHE B 173 -1.62 -24.08 -8.08
C PHE B 173 -2.92 -24.40 -8.78
N PRO B 174 -4.05 -23.79 -8.38
CA PRO B 174 -4.24 -22.81 -7.31
C PRO B 174 -4.15 -23.43 -5.91
N GLU B 175 -4.52 -22.66 -4.89
CA GLU B 175 -4.26 -23.05 -3.50
C GLU B 175 -5.15 -24.17 -2.97
N PRO B 176 -6.44 -24.24 -3.30
CA PRO B 176 -7.30 -25.18 -2.57
C PRO B 176 -6.83 -26.61 -2.68
N VAL B 177 -6.40 -27.17 -1.56
CA VAL B 177 -6.02 -28.58 -1.45
C VAL B 177 -6.48 -29.08 -0.09
N THR B 178 -6.91 -30.34 -0.03
CA THR B 178 -7.43 -30.94 1.18
C THR B 178 -6.55 -32.09 1.63
N VAL B 179 -6.47 -32.28 2.94
CA VAL B 179 -5.60 -33.28 3.54
C VAL B 179 -6.37 -34.01 4.63
N THR B 180 -6.58 -35.30 4.43
CA THR B 180 -7.11 -36.17 5.47
C THR B 180 -6.10 -37.26 5.78
N TRP B 181 -6.30 -37.92 6.91
CA TRP B 181 -5.43 -38.99 7.39
C TRP B 181 -6.24 -40.26 7.52
N ASN B 182 -5.76 -41.34 6.90
CA ASN B 182 -6.48 -42.60 6.89
C ASN B 182 -7.90 -42.38 6.39
N SER B 183 -8.02 -41.51 5.36
CA SER B 183 -9.30 -41.22 4.72
C SER B 183 -10.27 -40.54 5.68
N GLY B 184 -9.73 -39.75 6.60
CA GLY B 184 -10.53 -38.95 7.51
C GLY B 184 -10.77 -39.59 8.86
N SER B 185 -10.59 -40.90 8.99
CA SER B 185 -10.83 -41.56 10.26
C SER B 185 -10.03 -40.88 11.38
N LEU B 186 -8.75 -40.63 11.13
CA LEU B 186 -7.92 -39.93 12.10
C LEU B 186 -8.27 -38.45 12.12
N SER B 187 -9.20 -38.07 12.99
CA SER B 187 -9.59 -36.67 13.13
C SER B 187 -8.97 -36.00 14.36
N SER B 188 -8.68 -36.77 15.41
CA SER B 188 -8.15 -36.20 16.64
C SER B 188 -6.65 -35.98 16.51
N GLY B 189 -6.19 -34.86 17.05
CA GLY B 189 -4.75 -34.61 17.19
C GLY B 189 -4.02 -34.25 15.91
N VAL B 190 -4.72 -33.71 14.92
CA VAL B 190 -4.11 -33.34 13.65
C VAL B 190 -3.89 -31.83 13.64
N HIS B 191 -3.00 -31.39 12.74
CA HIS B 191 -2.70 -29.98 12.56
C HIS B 191 -2.37 -29.76 11.08
N THR B 192 -3.19 -28.98 10.39
CA THR B 192 -2.94 -28.62 9.00
C THR B 192 -2.69 -27.12 8.94
N PHE B 193 -1.51 -26.74 8.44
CA PHE B 193 -1.06 -25.36 8.50
C PHE B 193 -1.40 -24.60 7.23
N PRO B 194 -1.68 -23.30 7.31
CA PRO B 194 -1.91 -22.54 6.08
C PRO B 194 -0.71 -22.58 5.15
N ALA B 195 -0.99 -22.59 3.86
CA ALA B 195 0.05 -22.59 2.84
C ALA B 195 0.65 -21.19 2.70
N VAL B 196 1.85 -21.15 2.13
CA VAL B 196 2.57 -19.91 1.87
C VAL B 196 3.06 -19.93 0.44
N LEU B 197 2.84 -18.83 -0.28
CA LEU B 197 3.17 -18.78 -1.70
C LEU B 197 4.63 -18.42 -1.91
N GLN B 198 5.27 -19.10 -2.86
CA GLN B 198 6.61 -18.73 -3.29
C GLN B 198 6.78 -19.12 -4.75
N SER B 199 6.94 -18.11 -5.61
CA SER B 199 7.21 -18.31 -7.03
C SER B 199 6.10 -19.13 -7.69
N ASP B 200 4.88 -18.64 -7.54
CA ASP B 200 3.70 -19.23 -8.16
C ASP B 200 3.55 -20.71 -7.79
N LEU B 201 3.87 -21.04 -6.54
CA LEU B 201 3.78 -22.42 -6.08
C LEU B 201 3.45 -22.46 -4.60
N TYR B 202 2.36 -23.11 -4.24
CA TYR B 202 1.91 -23.21 -2.86
C TYR B 202 2.52 -24.44 -2.19
N THR B 203 2.89 -24.29 -0.92
CA THR B 203 3.53 -25.36 -0.16
C THR B 203 2.86 -25.49 1.20
N LEU B 204 2.11 -26.58 1.38
CA LEU B 204 1.38 -26.90 2.59
C LEU B 204 2.04 -28.08 3.29
N SER B 205 1.85 -28.17 4.61
CA SER B 205 2.21 -29.36 5.36
C SER B 205 1.16 -29.61 6.45
N SER B 206 1.06 -30.89 6.85
CA SER B 206 0.20 -31.29 7.95
C SER B 206 0.95 -32.27 8.85
N SER B 207 0.50 -32.36 10.10
CA SER B 207 1.09 -33.26 11.07
C SER B 207 -0.01 -34.02 11.82
N VAL B 208 0.40 -35.09 12.48
CA VAL B 208 -0.50 -35.90 13.30
C VAL B 208 0.30 -36.44 14.47
N THR B 209 -0.33 -36.47 15.64
CA THR B 209 0.29 -36.93 16.87
C THR B 209 -0.44 -38.18 17.35
N VAL B 210 0.28 -39.29 17.49
CA VAL B 210 -0.32 -40.57 17.83
C VAL B 210 0.62 -41.34 18.74
N PRO B 211 0.11 -42.35 19.44
CA PRO B 211 0.97 -43.10 20.38
C PRO B 211 1.93 -44.02 19.64
N SER B 212 3.11 -44.19 20.25
CA SER B 212 4.17 -44.99 19.64
C SER B 212 3.74 -46.43 19.41
N SER B 213 2.73 -46.90 20.14
CA SER B 213 2.31 -48.30 20.09
C SER B 213 1.36 -48.61 18.95
N THR B 214 1.02 -47.62 18.12
CA THR B 214 0.04 -47.79 17.06
C THR B 214 0.65 -47.71 15.67
N TRP B 215 1.39 -46.64 15.39
CA TRP B 215 1.80 -46.41 14.00
C TRP B 215 2.61 -47.55 13.43
N PRO B 216 3.69 -48.02 14.07
CA PRO B 216 4.47 -49.11 13.45
C PRO B 216 3.61 -50.30 13.12
N SER B 217 2.55 -50.54 13.90
CA SER B 217 1.61 -51.61 13.65
C SER B 217 0.48 -51.17 12.74
N GLU B 218 -0.13 -50.02 13.03
CA GLU B 218 -1.27 -49.52 12.28
C GLU B 218 -0.75 -48.76 11.07
N THR B 219 -0.88 -49.36 9.88
CA THR B 219 -0.33 -48.72 8.68
C THR B 219 -1.00 -47.37 8.52
N VAL B 220 -0.26 -46.31 8.74
CA VAL B 220 -0.80 -44.97 8.61
C VAL B 220 -0.57 -44.50 7.17
N THR B 221 -1.47 -43.65 6.70
CA THR B 221 -1.36 -43.07 5.38
C THR B 221 -1.96 -41.67 5.42
N CYS B 222 -1.61 -40.89 4.41
CA CYS B 222 -1.96 -39.47 4.33
C CYS B 222 -2.66 -39.22 3.00
N ASN B 223 -3.82 -38.57 3.06
CA ASN B 223 -4.68 -38.38 1.89
C ASN B 223 -4.61 -36.95 1.41
N VAL B 224 -4.49 -36.78 0.09
CA VAL B 224 -4.35 -35.46 -0.53
C VAL B 224 -5.25 -35.35 -1.75
N ALA B 225 -5.64 -34.11 -2.06
CA ALA B 225 -6.45 -33.81 -3.24
C ALA B 225 -6.06 -32.45 -3.78
N HIS B 226 -6.19 -32.29 -5.09
CA HIS B 226 -6.04 -30.99 -5.77
C HIS B 226 -7.03 -30.96 -6.93
N PRO B 227 -8.29 -30.60 -6.64
CA PRO B 227 -9.32 -30.69 -7.69
C PRO B 227 -8.98 -29.91 -8.95
N ALA B 228 -8.29 -28.77 -8.82
CA ALA B 228 -7.90 -27.99 -9.98
C ALA B 228 -7.28 -28.88 -11.06
N SER B 229 -6.22 -29.59 -10.72
CA SER B 229 -5.61 -30.56 -11.62
C SER B 229 -6.31 -31.91 -11.56
N SER B 230 -7.35 -32.04 -10.73
CA SER B 230 -8.07 -33.30 -10.55
C SER B 230 -7.11 -34.39 -10.09
N THR B 231 -6.36 -34.08 -9.03
CA THR B 231 -5.26 -34.92 -8.54
C THR B 231 -5.54 -35.35 -7.11
N LYS B 232 -5.63 -36.66 -6.89
CA LYS B 232 -5.92 -37.21 -5.57
C LYS B 232 -5.03 -38.43 -5.36
N VAL B 233 -4.15 -38.36 -4.35
CA VAL B 233 -3.19 -39.42 -4.08
C VAL B 233 -3.01 -39.58 -2.57
N ASP B 234 -2.62 -40.79 -2.16
CA ASP B 234 -2.30 -41.11 -0.78
C ASP B 234 -0.83 -41.50 -0.66
N LYS B 235 -0.36 -41.59 0.59
CA LYS B 235 1.03 -41.93 0.86
C LYS B 235 1.11 -42.73 2.15
N LYS B 236 1.46 -44.01 2.05
CA LYS B 236 1.83 -44.74 3.26
C LYS B 236 3.00 -44.05 3.93
N ILE B 237 2.96 -43.97 5.25
CA ILE B 237 4.07 -43.44 6.04
C ILE B 237 4.76 -44.61 6.71
N VAL B 238 6.08 -44.68 6.54
CA VAL B 238 6.86 -45.83 7.00
C VAL B 238 8.05 -45.33 7.84
N PRO B 239 8.53 -46.12 8.79
CA PRO B 239 9.67 -45.69 9.60
C PRO B 239 10.99 -45.96 8.92
N ARG B 240 11.99 -45.16 9.29
CA ARG B 240 13.36 -45.39 8.85
C ARG B 240 14.35 -44.80 9.85
N GLN C 23 -17.74 5.94 2.83
CA GLN C 23 -17.61 7.31 3.28
C GLN C 23 -17.49 7.37 4.80
N ILE C 24 -18.21 6.49 5.48
CA ILE C 24 -18.18 6.40 6.94
C ILE C 24 -17.13 5.37 7.34
N VAL C 25 -16.13 5.82 8.09
CA VAL C 25 -15.04 4.95 8.51
C VAL C 25 -15.37 4.40 9.90
N LEU C 26 -15.41 3.08 10.00
CA LEU C 26 -15.65 2.39 11.26
C LEU C 26 -14.33 1.81 11.77
N THR C 27 -13.90 2.29 12.94
CA THR C 27 -12.67 1.84 13.56
C THR C 27 -13.03 1.02 14.77
N GLN C 28 -12.67 -0.26 14.75
CA GLN C 28 -12.87 -1.15 15.87
C GLN C 28 -11.57 -1.30 16.62
N SER C 29 -11.62 -1.18 17.95
CA SER C 29 -10.49 -1.48 18.80
C SER C 29 -10.98 -2.30 19.97
N PRO C 30 -10.14 -3.20 20.50
CA PRO C 30 -8.78 -3.48 20.01
C PRO C 30 -8.83 -4.29 18.74
N ALA C 31 -7.78 -4.21 17.93
CA ALA C 31 -7.70 -5.06 16.74
C ALA C 31 -7.85 -6.53 17.13
N ILE C 32 -7.14 -6.94 18.17
CA ILE C 32 -7.19 -8.30 18.69
C ILE C 32 -7.46 -8.22 20.18
N MET C 33 -8.06 -9.28 20.72
CA MET C 33 -8.42 -9.27 22.13
C MET C 33 -8.43 -10.69 22.67
N SER C 34 -7.79 -10.86 23.83
CA SER C 34 -7.83 -12.11 24.58
C SER C 34 -8.88 -12.01 25.67
N ALA C 35 -9.33 -13.18 26.14
CA ALA C 35 -10.34 -13.22 27.19
C ALA C 35 -10.35 -14.59 27.84
N SER C 36 -10.36 -14.61 29.18
CA SER C 36 -10.48 -15.85 29.94
C SER C 36 -11.94 -16.22 30.15
N PRO C 37 -12.26 -17.52 30.20
CA PRO C 37 -13.66 -17.91 30.41
C PRO C 37 -14.25 -17.20 31.61
N GLY C 38 -15.33 -16.46 31.39
CA GLY C 38 -15.99 -15.72 32.45
C GLY C 38 -15.67 -14.25 32.50
N GLU C 39 -14.71 -13.78 31.70
CA GLU C 39 -14.34 -12.38 31.73
C GLU C 39 -15.31 -11.54 30.90
N LYS C 40 -15.54 -10.31 31.35
CA LYS C 40 -16.41 -9.39 30.64
C LYS C 40 -15.65 -8.85 29.43
N VAL C 41 -16.18 -9.12 28.24
CA VAL C 41 -15.54 -8.74 26.99
C VAL C 41 -16.26 -7.52 26.44
N THR C 42 -15.50 -6.56 25.93
CA THR C 42 -16.09 -5.36 25.34
C THR C 42 -15.23 -4.91 24.19
N MET C 43 -15.81 -4.88 22.99
CA MET C 43 -15.13 -4.42 21.79
C MET C 43 -15.90 -3.22 21.23
N THR C 44 -15.16 -2.31 20.61
CA THR C 44 -15.72 -1.05 20.17
C THR C 44 -15.72 -0.96 18.65
N CYS C 45 -16.52 -0.02 18.16
CA CYS C 45 -16.53 0.35 16.75
C CYS C 45 -16.78 1.87 16.73
N SER C 46 -15.69 2.63 16.76
CA SER C 46 -15.80 4.09 16.72
C SER C 46 -16.07 4.52 15.30
N ALA C 47 -17.04 5.42 15.12
CA ALA C 47 -17.45 5.88 13.81
C ALA C 47 -17.07 7.34 13.62
N SER C 48 -17.14 7.79 12.37
CA SER C 48 -16.92 9.18 12.04
C SER C 48 -18.18 10.02 12.15
N SER C 49 -19.36 9.38 12.07
CA SER C 49 -20.63 10.07 12.23
C SER C 49 -21.56 9.16 13.01
N SER C 50 -22.78 9.65 13.24
CA SER C 50 -23.74 8.94 14.09
C SER C 50 -24.55 7.94 13.27
N VAL C 51 -25.06 6.93 13.97
CA VAL C 51 -25.91 5.90 13.38
C VAL C 51 -27.00 5.56 14.38
N SER C 52 -28.22 5.38 13.87
CA SER C 52 -29.33 4.99 14.74
C SER C 52 -29.25 3.50 15.08
N TYR C 53 -29.29 2.65 14.06
CA TYR C 53 -29.21 1.21 14.25
C TYR C 53 -27.86 0.70 13.74
N ILE C 54 -27.51 -0.49 14.22
CA ILE C 54 -26.27 -1.16 13.83
C ILE C 54 -26.52 -2.65 13.88
N HIS C 55 -25.58 -3.40 13.31
CA HIS C 55 -25.68 -4.86 13.22
C HIS C 55 -24.29 -5.45 13.41
N TRP C 56 -24.24 -6.55 14.16
CA TRP C 56 -22.99 -7.20 14.49
C TRP C 56 -22.97 -8.61 13.91
N TYR C 57 -21.83 -8.98 13.34
CA TYR C 57 -21.67 -10.26 12.68
C TYR C 57 -20.48 -11.00 13.28
N GLN C 58 -20.64 -12.31 13.45
CA GLN C 58 -19.59 -13.18 13.95
C GLN C 58 -19.04 -14.02 12.80
N GLN C 59 -17.73 -14.14 12.73
CA GLN C 59 -17.10 -15.00 11.74
C GLN C 59 -15.99 -15.80 12.40
N LYS C 60 -15.97 -17.10 12.16
CA LYS C 60 -14.90 -17.98 12.59
C LYS C 60 -14.07 -18.38 11.38
N SER C 61 -12.91 -18.97 11.67
CA SER C 61 -11.99 -19.32 10.61
C SER C 61 -12.66 -20.22 9.58
N GLY C 62 -12.43 -19.91 8.31
CA GLY C 62 -12.89 -20.78 7.23
C GLY C 62 -14.38 -20.79 7.01
N THR C 63 -15.12 -19.93 7.70
CA THR C 63 -16.56 -19.93 7.62
C THR C 63 -17.07 -18.60 7.09
N SER C 64 -18.32 -18.62 6.61
CA SER C 64 -18.99 -17.41 6.22
C SER C 64 -19.39 -16.61 7.45
N PRO C 65 -19.57 -15.30 7.31
CA PRO C 65 -20.13 -14.51 8.41
C PRO C 65 -21.52 -14.99 8.77
N LYS C 66 -21.90 -14.78 10.02
CA LYS C 66 -23.21 -15.16 10.53
C LYS C 66 -23.89 -13.95 11.13
N ARG C 67 -25.19 -13.81 10.88
CA ARG C 67 -25.98 -12.76 11.52
C ARG C 67 -25.97 -12.97 13.02
N TRP C 68 -25.47 -11.99 13.77
CA TRP C 68 -25.30 -12.14 15.21
C TRP C 68 -26.23 -11.23 16.00
N ILE C 69 -26.15 -9.91 15.81
CA ILE C 69 -27.01 -8.97 16.53
C ILE C 69 -27.59 -8.02 15.48
N TYR C 70 -28.86 -8.21 15.15
CA TYR C 70 -29.56 -7.32 14.23
C TYR C 70 -30.35 -6.29 15.01
N ASP C 71 -30.60 -5.15 14.36
CA ASP C 71 -31.25 -4.01 14.99
C ASP C 71 -30.60 -3.67 16.33
N THR C 72 -29.29 -3.46 16.27
CA THR C 72 -28.55 -2.94 17.42
C THR C 72 -28.50 -3.93 18.57
N SER C 73 -29.65 -4.23 19.17
CA SER C 73 -29.70 -5.02 20.39
C SER C 73 -30.50 -6.30 20.29
N LYS C 74 -31.20 -6.55 19.18
CA LYS C 74 -31.93 -7.78 19.02
C LYS C 74 -30.97 -8.92 18.72
N LEU C 75 -31.16 -10.06 19.40
CA LEU C 75 -30.34 -11.24 19.19
C LEU C 75 -30.99 -12.14 18.14
N ALA C 76 -30.16 -12.83 17.38
CA ALA C 76 -30.63 -13.66 16.28
C ALA C 76 -31.03 -15.05 16.79
N SER C 77 -31.63 -15.82 15.87
CA SER C 77 -32.08 -17.17 16.19
C SER C 77 -30.88 -18.07 16.46
N GLY C 78 -30.70 -18.45 17.72
CA GLY C 78 -29.60 -19.32 18.07
C GLY C 78 -28.37 -18.58 18.56
N VAL C 79 -28.55 -17.64 19.49
CA VAL C 79 -27.46 -16.87 20.04
C VAL C 79 -27.65 -16.83 21.56
N PRO C 80 -26.66 -17.25 22.34
CA PRO C 80 -26.82 -17.18 23.80
C PRO C 80 -27.12 -15.78 24.29
N ALA C 81 -27.63 -15.71 25.52
CA ALA C 81 -28.07 -14.45 26.10
C ALA C 81 -26.93 -13.64 26.72
N ARG C 82 -25.76 -14.24 26.91
CA ARG C 82 -24.63 -13.49 27.47
C ARG C 82 -24.23 -12.33 26.58
N PHE C 83 -24.67 -12.35 25.32
CA PHE C 83 -24.38 -11.27 24.39
C PHE C 83 -25.43 -10.18 24.51
N SER C 84 -24.96 -8.95 24.70
CA SER C 84 -25.85 -7.79 24.71
C SER C 84 -25.04 -6.62 24.18
N GLY C 85 -25.19 -6.34 22.88
CA GLY C 85 -24.50 -5.24 22.26
C GLY C 85 -25.37 -3.98 22.26
N SER C 86 -24.74 -2.86 22.58
CA SER C 86 -25.43 -1.58 22.65
C SER C 86 -24.57 -0.53 21.95
N GLY C 87 -25.00 0.71 22.06
CA GLY C 87 -24.27 1.81 21.47
C GLY C 87 -25.14 3.04 21.36
N SER C 88 -24.48 4.19 21.19
CA SER C 88 -25.20 5.46 21.10
C SER C 88 -24.40 6.45 20.28
N GLY C 89 -24.86 6.71 19.06
CA GLY C 89 -24.26 7.74 18.21
C GLY C 89 -23.07 7.29 17.38
N THR C 90 -21.87 7.55 17.88
CA THR C 90 -20.64 7.23 17.15
C THR C 90 -19.82 6.13 17.81
N SER C 91 -20.16 5.76 19.05
CA SER C 91 -19.43 4.75 19.80
C SER C 91 -20.42 3.64 20.11
N TYR C 92 -20.46 2.64 19.24
CA TYR C 92 -21.24 1.43 19.45
C TYR C 92 -20.28 0.30 19.81
N SER C 93 -20.68 -0.54 20.77
CA SER C 93 -19.80 -1.54 21.34
C SER C 93 -20.54 -2.83 21.58
N LEU C 94 -19.81 -3.94 21.51
CA LEU C 94 -20.34 -5.27 21.81
C LEU C 94 -19.72 -5.78 23.10
N THR C 95 -20.55 -6.38 23.95
CA THR C 95 -20.11 -6.84 25.26
C THR C 95 -20.63 -8.25 25.52
N ILE C 96 -19.89 -9.01 26.31
CA ILE C 96 -20.26 -10.34 26.75
C ILE C 96 -20.06 -10.42 28.26
N SER C 97 -21.07 -10.95 28.97
CA SER C 97 -20.93 -11.11 30.41
C SER C 97 -19.83 -12.11 30.76
N SER C 98 -19.90 -13.30 30.17
CA SER C 98 -18.99 -14.39 30.51
C SER C 98 -18.44 -14.98 29.22
N MET C 99 -17.13 -14.84 29.01
CA MET C 99 -16.49 -15.49 27.87
C MET C 99 -16.69 -17.00 27.96
N GLU C 100 -16.76 -17.63 26.78
CA GLU C 100 -16.78 -19.07 26.70
C GLU C 100 -16.06 -19.50 25.43
N ALA C 101 -15.82 -20.81 25.33
CA ALA C 101 -15.02 -21.34 24.23
C ALA C 101 -15.60 -20.96 22.87
N GLU C 102 -16.89 -21.24 22.66
CA GLU C 102 -17.48 -20.97 21.35
C GLU C 102 -17.57 -19.48 21.04
N ASP C 103 -17.39 -18.60 22.03
CA ASP C 103 -17.45 -17.17 21.76
C ASP C 103 -16.24 -16.67 21.01
N ALA C 104 -15.16 -17.44 20.98
CA ALA C 104 -13.94 -16.99 20.31
C ALA C 104 -14.19 -16.87 18.82
N ALA C 105 -14.07 -15.66 18.28
CA ALA C 105 -14.28 -15.45 16.85
C ALA C 105 -13.96 -14.00 16.51
N THR C 106 -14.02 -13.70 15.21
CA THR C 106 -13.84 -12.34 14.73
C THR C 106 -15.19 -11.67 14.62
N TYR C 107 -15.30 -10.46 15.16
CA TYR C 107 -16.56 -9.73 15.19
C TYR C 107 -16.39 -8.41 14.47
N TYR C 108 -17.33 -8.11 13.58
CA TYR C 108 -17.30 -6.92 12.75
C TYR C 108 -18.56 -6.10 12.99
N CYS C 109 -18.42 -4.78 12.87
CA CYS C 109 -19.54 -3.86 12.96
C CYS C 109 -19.95 -3.39 11.56
N GLN C 110 -21.26 -3.18 11.37
CA GLN C 110 -21.79 -2.79 10.08
C GLN C 110 -22.92 -1.77 10.24
N GLN C 111 -23.04 -0.88 9.25
CA GLN C 111 -24.03 0.18 9.27
C GLN C 111 -24.52 0.43 7.86
N TRP C 112 -25.79 0.81 7.73
CA TRP C 112 -26.29 1.32 6.46
C TRP C 112 -27.22 2.51 6.67
N ILE C 113 -26.81 3.44 7.53
CA ILE C 113 -27.54 4.70 7.63
C ILE C 113 -27.30 5.54 6.37
N SER C 114 -26.04 5.59 5.91
CA SER C 114 -25.68 6.30 4.71
C SER C 114 -25.03 5.35 3.73
N TYR C 115 -25.35 5.51 2.45
CA TYR C 115 -24.58 4.85 1.40
C TYR C 115 -23.22 5.52 1.28
N PRO C 116 -22.15 4.76 1.01
CA PRO C 116 -22.10 3.30 0.88
C PRO C 116 -22.15 2.62 2.24
N ALA C 117 -22.33 1.31 2.25
CA ALA C 117 -22.30 0.54 3.49
C ALA C 117 -20.86 0.14 3.79
N THR C 118 -20.46 0.32 5.06
CA THR C 118 -19.08 0.16 5.46
C THR C 118 -18.98 -0.79 6.65
N PHE C 119 -17.78 -1.32 6.88
CA PHE C 119 -17.52 -2.22 7.99
C PHE C 119 -16.31 -1.73 8.79
N GLY C 120 -16.22 -2.24 10.03
CA GLY C 120 -15.09 -1.97 10.88
C GLY C 120 -13.87 -2.80 10.50
N ALA C 121 -12.72 -2.38 11.04
CA ALA C 121 -11.48 -3.09 10.76
C ALA C 121 -11.56 -4.55 11.19
N GLY C 122 -12.34 -4.84 12.22
CA GLY C 122 -12.47 -6.19 12.71
C GLY C 122 -11.82 -6.33 14.07
N THR C 123 -12.49 -7.06 14.97
CA THR C 123 -11.99 -7.31 16.32
C THR C 123 -11.97 -8.81 16.54
N LYS C 124 -10.78 -9.40 16.54
CA LYS C 124 -10.64 -10.82 16.79
C LYS C 124 -10.74 -11.11 18.28
N LEU C 125 -11.33 -12.24 18.62
CA LEU C 125 -11.56 -12.64 20.01
C LEU C 125 -10.94 -14.00 20.23
N GLU C 126 -9.86 -14.03 20.99
CA GLU C 126 -9.16 -15.26 21.33
C GLU C 126 -9.56 -15.74 22.72
N LEU C 127 -9.14 -16.95 23.05
CA LEU C 127 -9.40 -17.56 24.34
C LEU C 127 -8.11 -17.69 25.12
N LYS C 128 -8.21 -17.54 26.44
CA LYS C 128 -7.05 -17.57 27.32
C LYS C 128 -6.92 -18.95 27.96
N ARG C 129 -5.77 -19.57 27.73
CA ARG C 129 -5.40 -20.86 28.30
C ARG C 129 -4.18 -20.64 29.18
N ALA C 130 -3.99 -21.54 30.14
CA ALA C 130 -2.73 -21.54 30.86
C ALA C 130 -1.60 -21.69 29.87
N ASP C 131 -0.52 -20.94 30.07
CA ASP C 131 0.62 -21.00 29.17
C ASP C 131 1.11 -22.44 29.06
N ALA C 132 1.38 -22.88 27.83
CA ALA C 132 1.76 -24.26 27.56
C ALA C 132 3.04 -24.31 26.73
N ALA C 133 3.71 -25.46 26.79
CA ALA C 133 4.98 -25.67 26.09
C ALA C 133 4.75 -26.40 24.78
N PRO C 134 5.48 -26.02 23.72
CA PRO C 134 5.29 -26.66 22.42
C PRO C 134 5.86 -28.07 22.38
N THR C 135 5.17 -28.95 21.65
CA THR C 135 5.67 -30.28 21.35
C THR C 135 6.47 -30.16 20.05
N VAL C 136 7.79 -30.10 20.17
CA VAL C 136 8.67 -29.82 19.05
C VAL C 136 9.04 -31.11 18.34
N SER C 137 8.83 -31.14 17.03
CA SER C 137 9.27 -32.24 16.19
C SER C 137 9.99 -31.69 14.96
N ILE C 138 10.96 -32.47 14.48
CA ILE C 138 11.79 -32.08 13.35
C ILE C 138 11.92 -33.30 12.44
N PHE C 139 11.98 -33.06 11.13
CA PHE C 139 12.02 -34.15 10.18
C PHE C 139 12.99 -33.84 9.05
N PRO C 140 13.71 -34.85 8.55
CA PRO C 140 14.65 -34.61 7.47
C PRO C 140 13.94 -34.66 6.13
N PRO C 141 14.66 -34.43 5.04
CA PRO C 141 14.03 -34.57 3.72
C PRO C 141 13.54 -35.98 3.46
N SER C 142 12.88 -36.19 2.33
CA SER C 142 12.37 -37.49 1.94
C SER C 142 13.15 -38.01 0.75
N SER C 143 13.39 -39.32 0.73
CA SER C 143 14.06 -39.94 -0.41
C SER C 143 13.36 -39.58 -1.71
N GLU C 144 12.02 -39.55 -1.68
CA GLU C 144 11.28 -39.19 -2.87
C GLU C 144 11.58 -37.77 -3.31
N GLN C 145 11.85 -36.89 -2.35
CA GLN C 145 12.21 -35.52 -2.67
C GLN C 145 13.62 -35.46 -3.21
N LEU C 146 14.56 -36.11 -2.52
CA LEU C 146 15.93 -36.17 -3.01
C LEU C 146 15.96 -36.81 -4.40
N THR C 147 14.97 -37.65 -4.68
CA THR C 147 14.83 -38.20 -6.03
C THR C 147 14.55 -37.09 -7.04
N SER C 148 13.93 -36.01 -6.61
CA SER C 148 13.55 -34.92 -7.49
C SER C 148 14.58 -33.79 -7.52
N GLY C 149 15.68 -33.92 -6.80
CA GLY C 149 16.70 -32.89 -6.75
C GLY C 149 16.48 -31.86 -5.67
N GLY C 150 15.43 -32.01 -4.86
CA GLY C 150 15.14 -31.07 -3.80
C GLY C 150 15.30 -31.69 -2.42
N ALA C 151 15.44 -30.84 -1.40
CA ALA C 151 15.65 -31.31 -0.03
C ALA C 151 15.05 -30.29 0.92
N SER C 152 14.02 -30.70 1.67
CA SER C 152 13.38 -29.84 2.65
C SER C 152 13.46 -30.46 4.03
N VAL C 153 13.46 -29.60 5.05
CA VAL C 153 13.50 -30.01 6.45
C VAL C 153 12.43 -29.27 7.20
N VAL C 154 11.59 -30.00 7.91
CA VAL C 154 10.41 -29.43 8.55
C VAL C 154 10.54 -29.57 10.06
N CYS C 155 9.99 -28.58 10.75
CA CYS C 155 9.97 -28.56 12.21
C CYS C 155 8.58 -28.16 12.67
N PHE C 156 8.00 -28.95 13.57
CA PHE C 156 6.63 -28.77 14.02
C PHE C 156 6.59 -28.35 15.48
N LEU C 157 5.88 -27.26 15.75
CA LEU C 157 5.78 -26.67 17.08
C LEU C 157 4.31 -26.59 17.45
N ASN C 158 3.80 -27.66 18.05
CA ASN C 158 2.37 -27.86 18.20
C ASN C 158 1.92 -27.57 19.63
N ASN C 159 0.70 -27.01 19.73
CA ASN C 159 -0.01 -26.92 21.01
C ASN C 159 0.80 -26.12 22.04
N PHE C 160 0.96 -24.84 21.74
CA PHE C 160 1.65 -23.93 22.62
C PHE C 160 0.76 -22.72 22.90
N TYR C 161 1.22 -21.88 23.82
CA TYR C 161 0.51 -20.68 24.24
C TYR C 161 1.47 -19.84 25.09
N PRO C 162 1.49 -18.52 24.93
CA PRO C 162 0.70 -17.72 23.98
C PRO C 162 1.19 -17.86 22.55
N LYS C 163 0.74 -16.95 21.67
CA LYS C 163 1.07 -17.05 20.26
C LYS C 163 2.51 -16.60 19.97
N ASP C 164 3.00 -15.61 20.72
CA ASP C 164 4.29 -14.99 20.40
C ASP C 164 5.42 -15.98 20.65
N ILE C 165 6.08 -16.42 19.57
CA ILE C 165 7.25 -17.28 19.68
C ILE C 165 8.16 -16.96 18.50
N ASN C 166 9.46 -17.20 18.68
CA ASN C 166 10.44 -17.02 17.62
C ASN C 166 11.11 -18.36 17.32
N VAL C 167 11.42 -18.57 16.05
CA VAL C 167 12.10 -19.77 15.59
C VAL C 167 13.33 -19.36 14.80
N LYS C 168 14.46 -19.96 15.12
CA LYS C 168 15.68 -19.77 14.36
C LYS C 168 16.26 -21.14 14.02
N TRP C 169 16.92 -21.20 12.87
CA TRP C 169 17.51 -22.43 12.37
C TRP C 169 19.01 -22.26 12.25
N LYS C 170 19.74 -23.34 12.54
CA LYS C 170 21.19 -23.32 12.52
C LYS C 170 21.73 -24.55 11.80
N ILE C 171 22.95 -24.42 11.30
CA ILE C 171 23.63 -25.48 10.57
C ILE C 171 25.05 -25.53 11.11
N ASP C 172 25.38 -26.60 11.84
CA ASP C 172 26.72 -26.79 12.37
C ASP C 172 27.18 -25.57 13.17
N GLY C 173 26.27 -25.02 13.97
CA GLY C 173 26.54 -23.80 14.69
C GLY C 173 26.46 -22.54 13.85
N SER C 174 26.07 -22.67 12.58
CA SER C 174 25.90 -21.53 11.69
C SER C 174 24.42 -21.16 11.61
N GLU C 175 24.08 -20.24 10.71
CA GLU C 175 22.69 -19.83 10.51
C GLU C 175 22.40 -19.81 9.02
N ARG C 176 21.11 -19.76 8.71
CA ARG C 176 20.67 -19.61 7.32
C ARG C 176 19.23 -19.13 7.34
N GLN C 177 19.02 -17.90 6.87
CA GLN C 177 17.68 -17.36 6.68
C GLN C 177 17.23 -17.47 5.23
N ASN C 178 18.04 -18.09 4.37
CA ASN C 178 17.71 -18.26 2.96
C ASN C 178 16.97 -19.59 2.79
N GLY C 179 15.68 -19.56 3.15
CA GLY C 179 14.84 -20.73 3.03
C GLY C 179 13.82 -20.86 4.15
N VAL C 180 13.95 -20.01 5.18
CA VAL C 180 13.04 -20.07 6.32
C VAL C 180 11.65 -19.63 5.87
N LEU C 181 10.68 -20.53 5.97
CA LEU C 181 9.30 -20.27 5.58
C LEU C 181 8.40 -20.74 6.73
N ASN C 182 7.82 -19.79 7.45
CA ASN C 182 7.04 -20.09 8.64
C ASN C 182 5.54 -19.99 8.35
N SER C 183 4.77 -20.87 8.99
CA SER C 183 3.32 -20.86 8.86
C SER C 183 2.69 -21.03 10.24
N TRP C 184 1.67 -20.25 10.51
CA TRP C 184 1.01 -20.19 11.81
C TRP C 184 -0.40 -20.75 11.75
N THR C 185 -0.92 -21.14 12.91
CA THR C 185 -2.31 -21.54 13.05
C THR C 185 -3.04 -20.54 13.94
N ASP C 186 -4.31 -20.83 14.21
CA ASP C 186 -5.13 -20.04 15.13
C ASP C 186 -5.53 -20.90 16.31
N GLN C 187 -6.27 -20.27 17.23
CA GLN C 187 -6.78 -20.94 18.42
C GLN C 187 -7.36 -22.31 18.06
N ASP C 188 -6.79 -23.35 18.64
CA ASP C 188 -7.31 -24.70 18.43
C ASP C 188 -8.72 -24.80 19.00
N SER C 189 -9.60 -25.49 18.25
CA SER C 189 -10.98 -25.62 18.69
C SER C 189 -11.09 -26.39 20.00
N LYS C 190 -10.15 -27.30 20.25
CA LYS C 190 -10.24 -28.23 21.37
C LYS C 190 -9.48 -27.74 22.59
N ASP C 191 -8.24 -27.27 22.40
CA ASP C 191 -7.39 -26.87 23.51
C ASP C 191 -7.06 -25.39 23.49
N SER C 192 -7.51 -24.66 22.47
CA SER C 192 -7.19 -23.24 22.35
C SER C 192 -5.70 -23.00 22.29
N THR C 193 -4.95 -24.00 21.80
CA THR C 193 -3.52 -23.90 21.63
C THR C 193 -3.22 -23.52 20.19
N TYR C 194 -1.94 -23.35 19.91
CA TYR C 194 -1.48 -22.92 18.60
C TYR C 194 -0.54 -23.97 18.03
N SER C 195 0.00 -23.66 16.85
CA SER C 195 0.97 -24.51 16.19
C SER C 195 1.70 -23.67 15.16
N MET C 196 2.83 -24.18 14.69
CA MET C 196 3.59 -23.51 13.64
C MET C 196 4.33 -24.53 12.80
N SER C 197 4.63 -24.16 11.56
CA SER C 197 5.51 -24.94 10.71
C SER C 197 6.64 -24.05 10.19
N SER C 198 7.85 -24.60 10.19
CA SER C 198 8.98 -24.03 9.48
C SER C 198 9.48 -25.09 8.50
N THR C 199 9.30 -24.83 7.21
CA THR C 199 9.90 -25.63 6.16
C THR C 199 11.16 -24.92 5.68
N LEU C 200 12.30 -25.62 5.71
CA LEU C 200 13.57 -25.11 5.22
C LEU C 200 13.91 -25.82 3.91
N THR C 201 13.80 -25.11 2.79
CA THR C 201 14.09 -25.66 1.47
C THR C 201 15.53 -25.38 1.07
N LEU C 202 16.18 -26.39 0.47
CA LEU C 202 17.56 -26.30 0.05
C LEU C 202 17.80 -27.15 -1.19
N THR C 203 18.91 -26.89 -1.88
CA THR C 203 19.29 -27.69 -3.02
C THR C 203 19.82 -29.05 -2.57
N LYS C 204 19.60 -30.06 -3.42
CA LYS C 204 20.06 -31.40 -3.10
C LYS C 204 21.53 -31.38 -2.71
N ASP C 205 22.32 -30.54 -3.38
CA ASP C 205 23.76 -30.49 -3.11
C ASP C 205 24.05 -29.81 -1.78
N GLU C 206 23.56 -28.58 -1.59
CA GLU C 206 23.83 -27.87 -0.35
C GLU C 206 23.33 -28.63 0.87
N TYR C 207 22.35 -29.51 0.70
CA TYR C 207 21.83 -30.27 1.82
C TYR C 207 22.93 -31.13 2.43
N GLU C 208 23.43 -32.10 1.66
CA GLU C 208 24.45 -33.00 2.20
C GLU C 208 25.77 -32.29 2.46
N ARG C 209 25.92 -31.05 1.97
CA ARG C 209 27.14 -30.30 2.24
C ARG C 209 27.38 -30.15 3.74
N HIS C 210 26.32 -30.15 4.53
CA HIS C 210 26.39 -30.08 5.99
C HIS C 210 25.92 -31.40 6.59
N ASN C 211 26.14 -31.56 7.90
CA ASN C 211 25.74 -32.76 8.60
C ASN C 211 24.68 -32.51 9.66
N SER C 212 24.90 -31.56 10.58
CA SER C 212 23.99 -31.32 11.68
C SER C 212 22.93 -30.29 11.29
N TYR C 213 21.66 -30.63 11.49
CA TYR C 213 20.55 -29.76 11.19
C TYR C 213 19.69 -29.59 12.43
N THR C 214 19.32 -28.35 12.74
CA THR C 214 18.71 -28.04 14.02
C THR C 214 17.62 -26.98 13.86
N CYS C 215 16.61 -27.08 14.74
CA CYS C 215 15.47 -26.18 14.77
C CYS C 215 15.35 -25.58 16.17
N GLU C 216 15.44 -24.26 16.28
CA GLU C 216 15.40 -23.57 17.56
C GLU C 216 14.08 -22.85 17.78
N ALA C 217 13.60 -22.87 19.03
CA ALA C 217 12.34 -22.25 19.41
C ALA C 217 12.47 -21.54 20.75
N THR C 218 12.17 -20.24 20.79
CA THR C 218 12.23 -19.43 22.00
C THR C 218 10.83 -19.10 22.53
N HIS C 219 10.57 -19.50 23.78
CA HIS C 219 9.27 -19.27 24.41
C HIS C 219 9.34 -18.57 25.77
N LYS C 220 8.21 -18.50 26.46
CA LYS C 220 8.08 -17.83 27.76
C LYS C 220 8.16 -18.74 28.97
N THR C 221 7.54 -19.94 28.94
CA THR C 221 7.64 -20.92 30.02
C THR C 221 8.82 -21.84 29.76
N SER C 222 9.85 -21.29 29.15
CA SER C 222 10.93 -22.01 28.51
C SER C 222 12.29 -21.47 28.94
N THR C 223 12.60 -21.60 30.24
CA THR C 223 13.93 -21.22 30.69
C THR C 223 15.00 -21.76 29.74
N SER C 224 14.84 -23.02 29.33
CA SER C 224 15.71 -23.63 28.33
C SER C 224 15.06 -23.53 26.96
N PRO C 225 15.65 -22.85 25.98
CA PRO C 225 15.11 -22.95 24.61
C PRO C 225 15.01 -24.39 24.16
N ILE C 226 13.83 -24.75 23.66
CA ILE C 226 13.57 -26.09 23.15
C ILE C 226 14.15 -26.22 21.74
N VAL C 227 14.89 -27.30 21.51
CA VAL C 227 15.64 -27.47 20.27
C VAL C 227 15.66 -28.95 19.92
N LYS C 228 15.59 -29.24 18.62
CA LYS C 228 15.67 -30.61 18.12
C LYS C 228 16.52 -30.61 16.84
N SER C 229 17.25 -31.70 16.64
CA SER C 229 18.20 -31.77 15.55
C SER C 229 18.47 -33.22 15.17
N PHE C 230 19.44 -33.42 14.28
CA PHE C 230 19.85 -34.73 13.78
C PHE C 230 21.13 -34.51 12.99
N ASN C 231 21.62 -35.58 12.36
CA ASN C 231 22.81 -35.45 11.50
C ASN C 231 22.83 -36.50 10.39
N PHE D 21 -49.65 -9.97 -3.08
CA PHE D 21 -50.14 -8.64 -2.75
C PHE D 21 -49.35 -7.54 -3.45
N SER D 22 -48.04 -7.74 -3.58
CA SER D 22 -47.23 -6.80 -4.33
C SER D 22 -47.78 -6.61 -5.73
N GLU D 23 -48.57 -7.58 -6.22
CA GLU D 23 -49.22 -7.45 -7.51
C GLU D 23 -50.37 -6.46 -7.44
N ARG D 24 -51.29 -6.65 -6.49
CA ARG D 24 -52.44 -5.78 -6.37
C ARG D 24 -52.00 -4.33 -6.22
N ILE D 25 -50.83 -4.10 -5.62
CA ILE D 25 -50.32 -2.74 -5.50
C ILE D 25 -49.83 -2.23 -6.84
N GLY D 26 -49.11 -3.06 -7.59
CA GLY D 26 -48.66 -2.65 -8.91
C GLY D 26 -49.80 -2.54 -9.89
N ASN D 27 -50.81 -3.39 -9.75
CA ASN D 27 -51.91 -3.41 -10.72
C ASN D 27 -52.73 -2.13 -10.62
N SER D 28 -53.09 -1.73 -9.41
CA SER D 28 -53.91 -0.53 -9.23
C SER D 28 -53.20 0.70 -9.78
N LEU D 29 -51.92 0.86 -9.44
CA LEU D 29 -51.18 2.05 -9.86
C LEU D 29 -51.04 2.10 -11.37
N SER D 30 -50.82 0.95 -12.00
CA SER D 30 -50.62 0.91 -13.44
C SER D 30 -51.82 1.46 -14.21
N SER D 31 -52.97 1.55 -13.55
CA SER D 31 -54.19 2.00 -14.22
C SER D 31 -54.27 3.51 -14.38
N PHE D 32 -53.26 4.27 -13.93
CA PHE D 32 -53.26 5.70 -14.23
C PHE D 32 -52.87 5.96 -15.69
N LEU D 33 -51.83 5.28 -16.19
CA LEU D 33 -51.45 5.44 -17.58
C LEU D 33 -52.45 4.74 -18.50
N SER D 34 -52.63 3.44 -18.32
CA SER D 34 -53.69 2.71 -19.01
C SER D 34 -55.04 3.02 -18.38
N GLU D 35 -56.04 3.24 -19.23
CA GLU D 35 -57.42 3.59 -18.88
C GLU D 35 -57.59 5.08 -18.53
N SER D 36 -56.51 5.86 -18.50
CA SER D 36 -56.57 7.26 -18.04
C SER D 36 -57.49 7.39 -16.83
N ALA D 37 -57.24 6.54 -15.83
CA ALA D 37 -58.13 6.44 -14.69
C ALA D 37 -58.10 7.70 -13.85
N SER D 38 -59.23 8.02 -13.25
CA SER D 38 -59.30 9.18 -12.37
C SER D 38 -58.32 9.01 -11.22
N LEU D 39 -57.72 10.13 -10.81
CA LEU D 39 -56.84 10.08 -9.65
C LEU D 39 -57.60 9.64 -8.40
N GLU D 40 -58.87 10.03 -8.29
CA GLU D 40 -59.67 9.62 -7.13
C GLU D 40 -59.87 8.10 -7.10
N VAL D 41 -60.13 7.50 -8.27
CA VAL D 41 -60.41 6.06 -8.29
C VAL D 41 -59.20 5.27 -7.84
N ILE D 42 -58.01 5.64 -8.32
CA ILE D 42 -56.80 4.86 -8.02
C ILE D 42 -56.50 4.89 -6.53
N GLY D 43 -56.52 6.08 -5.92
CA GLY D 43 -56.28 6.16 -4.49
C GLY D 43 -57.33 5.40 -3.70
N ASN D 44 -58.58 5.46 -4.15
CA ASN D 44 -59.67 4.78 -3.44
C ASN D 44 -59.48 3.28 -3.45
N GLU D 45 -59.12 2.70 -4.61
CA GLU D 45 -59.01 1.25 -4.72
C GLU D 45 -57.76 0.69 -4.06
N LEU D 46 -56.70 1.49 -3.90
CA LEU D 46 -55.49 0.99 -3.26
C LEU D 46 -55.70 0.79 -1.77
N ALA D 47 -56.35 1.75 -1.11
CA ALA D 47 -56.63 1.61 0.31
C ALA D 47 -57.36 0.30 0.58
N ASP D 48 -58.20 -0.13 -0.37
CA ASP D 48 -58.84 -1.43 -0.24
C ASP D 48 -57.80 -2.55 -0.16
N ASN D 49 -56.83 -2.53 -1.08
CA ASN D 49 -55.82 -3.59 -1.10
C ASN D 49 -55.10 -3.68 0.25
N ILE D 50 -54.63 -2.54 0.75
CA ILE D 50 -53.91 -2.53 2.02
C ILE D 50 -54.83 -2.98 3.15
N ALA D 51 -55.96 -2.31 3.30
CA ALA D 51 -56.94 -2.73 4.31
C ALA D 51 -57.32 -4.19 4.09
N ASN D 52 -57.65 -4.54 2.85
CA ASN D 52 -57.88 -5.95 2.53
C ASN D 52 -56.65 -6.80 2.83
N GLU D 53 -55.45 -6.24 2.68
CA GLU D 53 -54.25 -7.03 2.92
C GLU D 53 -53.99 -7.15 4.41
N ILE D 54 -54.09 -6.06 5.17
CA ILE D 54 -53.88 -6.13 6.61
C ILE D 54 -54.91 -7.06 7.22
N VAL D 55 -56.18 -6.85 6.87
CA VAL D 55 -57.24 -7.74 7.32
C VAL D 55 -56.92 -9.18 6.91
N SER D 56 -56.44 -9.35 5.67
CA SER D 56 -56.06 -10.69 5.22
C SER D 56 -54.76 -11.15 5.83
N SER D 57 -53.88 -10.22 6.22
CA SER D 57 -52.63 -10.61 6.85
C SER D 57 -52.86 -11.18 8.24
N LEU D 58 -53.76 -10.57 9.01
CA LEU D 58 -53.92 -10.95 10.40
C LEU D 58 -54.69 -12.27 10.56
N GLN D 59 -55.67 -12.53 9.70
CA GLN D 59 -56.38 -13.80 9.79
C GLN D 59 -55.40 -14.97 9.77
N LYS D 60 -54.25 -14.78 9.13
CA LYS D 60 -53.20 -15.78 9.07
C LYS D 60 -52.36 -15.82 10.34
N ASP D 61 -52.34 -14.73 11.11
CA ASP D 61 -51.45 -14.62 12.27
C ASP D 61 -52.09 -15.14 13.55
N SER D 62 -53.20 -14.55 13.97
CA SER D 62 -53.84 -14.86 15.24
C SER D 62 -55.04 -15.78 15.04
N ALA D 63 -55.24 -16.69 16.00
CA ALA D 63 -56.39 -17.58 16.00
C ALA D 63 -57.54 -17.06 16.85
N SER D 64 -57.25 -16.34 17.94
CA SER D 64 -58.33 -15.76 18.73
C SER D 64 -59.10 -14.73 17.92
N PHE D 65 -58.40 -14.05 17.00
CA PHE D 65 -59.08 -13.12 16.10
C PHE D 65 -59.87 -13.86 15.04
N LEU D 66 -59.28 -14.88 14.43
CA LEU D 66 -59.91 -15.56 13.31
C LEU D 66 -61.31 -16.07 13.67
N GLN D 67 -61.59 -16.22 14.96
CA GLN D 67 -62.89 -16.66 15.44
C GLN D 67 -63.62 -15.55 16.22
N SER D 68 -63.28 -14.29 15.94
CA SER D 68 -63.86 -13.18 16.69
C SER D 68 -65.22 -12.74 16.17
N GLY D 69 -65.57 -13.08 14.93
CA GLY D 69 -66.86 -12.71 14.38
C GLY D 69 -66.78 -11.85 13.13
N PHE D 70 -67.74 -12.02 12.23
CA PHE D 70 -67.70 -11.28 10.96
C PHE D 70 -67.90 -9.79 11.17
N ASP D 71 -68.80 -9.41 12.07
CA ASP D 71 -68.99 -7.99 12.36
C ASP D 71 -67.74 -7.38 12.96
N VAL D 72 -66.82 -8.21 13.46
CA VAL D 72 -65.56 -7.70 13.99
C VAL D 72 -64.49 -7.55 12.92
N LYS D 73 -64.66 -8.18 11.76
CA LYS D 73 -63.69 -8.11 10.68
C LYS D 73 -64.03 -7.08 9.62
N THR D 74 -65.31 -6.97 9.21
CA THR D 74 -65.67 -5.98 8.21
C THR D 74 -65.44 -4.55 8.72
N GLN D 75 -65.80 -4.29 9.98
CA GLN D 75 -65.58 -2.97 10.54
C GLN D 75 -64.12 -2.56 10.50
N LEU D 76 -63.20 -3.53 10.48
CA LEU D 76 -61.78 -3.19 10.42
C LEU D 76 -61.42 -2.51 9.10
N LYS D 77 -61.85 -3.10 7.98
CA LYS D 77 -61.52 -2.53 6.68
C LYS D 77 -61.94 -1.07 6.61
N ALA D 78 -62.94 -0.68 7.38
CA ALA D 78 -63.36 0.71 7.46
C ALA D 78 -62.43 1.52 8.36
N THR D 79 -62.26 1.09 9.61
CA THR D 79 -61.44 1.85 10.55
C THR D 79 -60.08 2.18 9.95
N ALA D 80 -59.47 1.21 9.26
CA ALA D 80 -58.21 1.48 8.57
C ALA D 80 -58.42 2.55 7.51
N LYS D 81 -59.36 2.31 6.60
CA LYS D 81 -59.56 3.23 5.48
C LYS D 81 -59.84 4.64 5.99
N LYS D 82 -60.64 4.77 7.05
CA LYS D 82 -60.91 6.08 7.61
C LYS D 82 -59.63 6.73 8.12
N VAL D 83 -58.87 6.00 8.95
CA VAL D 83 -57.64 6.56 9.49
C VAL D 83 -56.69 6.91 8.36
N LEU D 84 -56.61 6.05 7.35
CA LEU D 84 -55.68 6.27 6.25
C LEU D 84 -55.91 7.64 5.62
N VAL D 85 -57.16 7.93 5.24
CA VAL D 85 -57.44 9.20 4.58
C VAL D 85 -57.26 10.36 5.54
N GLU D 86 -57.84 10.27 6.73
CA GLU D 86 -57.71 11.36 7.69
C GLU D 86 -56.24 11.64 7.98
N ALA D 87 -55.43 10.59 8.06
CA ALA D 87 -53.99 10.79 8.16
C ALA D 87 -53.46 11.51 6.93
N LEU D 88 -53.84 11.03 5.75
CA LEU D 88 -53.38 11.67 4.52
C LEU D 88 -53.78 13.14 4.49
N LYS D 89 -55.01 13.44 4.92
CA LYS D 89 -55.45 14.83 4.96
C LYS D 89 -54.52 15.67 5.82
N ALA D 90 -54.34 15.28 7.08
CA ALA D 90 -53.49 16.07 7.97
C ALA D 90 -52.05 16.14 7.48
N ALA D 91 -51.65 15.24 6.60
CA ALA D 91 -50.26 15.12 6.18
C ALA D 91 -49.93 15.90 4.91
N LEU D 92 -50.88 16.61 4.31
CA LEU D 92 -50.62 17.23 3.02
C LEU D 92 -49.81 18.51 3.16
N GLU D 93 -50.27 19.44 3.99
CA GLU D 93 -49.57 20.72 4.12
C GLU D 93 -48.11 20.54 4.53
N PRO D 94 -47.77 19.77 5.56
CA PRO D 94 -46.35 19.58 5.87
C PRO D 94 -45.56 18.98 4.72
N THR D 95 -46.20 18.20 3.84
CA THR D 95 -45.48 17.64 2.71
C THR D 95 -45.08 18.71 1.71
N GLU D 96 -45.98 19.66 1.43
CA GLU D 96 -45.63 20.76 0.54
C GLU D 96 -44.46 21.56 1.11
N LYS D 97 -44.52 21.89 2.39
CA LYS D 97 -43.43 22.61 3.02
C LYS D 97 -42.11 21.85 2.86
N ILE D 98 -42.14 20.55 3.15
CA ILE D 98 -40.95 19.72 2.97
C ILE D 98 -40.52 19.76 1.51
N VAL D 99 -41.47 19.50 0.61
CA VAL D 99 -41.15 19.57 -0.82
C VAL D 99 -40.63 20.95 -1.16
N ALA D 100 -41.32 21.99 -0.68
CA ALA D 100 -40.90 23.36 -0.94
C ALA D 100 -39.44 23.56 -0.53
N SER D 101 -39.12 23.21 0.71
CA SER D 101 -37.76 23.41 1.18
C SER D 101 -36.77 22.56 0.39
N THR D 102 -37.12 21.30 0.15
CA THR D 102 -36.20 20.40 -0.54
C THR D 102 -35.85 20.91 -1.93
N ILE D 103 -36.66 21.81 -2.47
CA ILE D 103 -36.45 22.33 -3.81
C ILE D 103 -36.23 23.84 -3.84
N LYS D 104 -36.37 24.52 -2.71
CA LYS D 104 -36.21 25.95 -2.68
C LYS D 104 -34.73 26.31 -2.81
N PRO D 105 -34.36 27.24 -3.70
CA PRO D 105 -32.97 27.70 -3.75
C PRO D 105 -32.47 28.07 -2.36
N PRO D 106 -31.16 27.98 -2.12
CA PRO D 106 -30.16 27.61 -3.12
C PRO D 106 -30.13 26.12 -3.39
N ARG D 107 -31.09 25.38 -2.82
CA ARG D 107 -31.17 23.94 -3.11
C ARG D 107 -31.25 23.69 -4.60
N VAL D 108 -31.81 24.64 -5.35
CA VAL D 108 -31.85 24.59 -6.81
C VAL D 108 -31.59 25.99 -7.33
N SER D 109 -31.11 26.05 -8.56
CA SER D 109 -30.84 27.34 -9.19
C SER D 109 -32.11 28.19 -9.16
N GLU D 110 -31.96 29.45 -8.78
CA GLU D 110 -33.08 30.37 -8.82
C GLU D 110 -33.61 30.53 -10.24
N ASP D 111 -32.69 30.60 -11.21
CA ASP D 111 -33.12 30.61 -12.62
C ASP D 111 -33.84 29.33 -12.98
N ALA D 112 -33.57 28.23 -12.28
CA ALA D 112 -34.30 26.98 -12.49
C ALA D 112 -35.57 26.92 -11.64
N TYR D 113 -35.51 27.41 -10.40
CA TYR D 113 -36.69 27.42 -9.55
C TYR D 113 -37.82 28.23 -10.16
N PHE D 114 -37.51 29.14 -11.08
CA PHE D 114 -38.56 29.86 -11.80
C PHE D 114 -39.49 28.90 -12.54
N LEU D 115 -38.98 27.73 -12.93
CA LEU D 115 -39.77 26.76 -13.66
C LEU D 115 -40.30 25.64 -12.79
N LEU D 116 -39.84 25.54 -11.54
CA LEU D 116 -40.17 24.40 -10.69
C LEU D 116 -41.39 24.69 -9.82
N GLY D 117 -41.31 25.72 -8.97
CA GLY D 117 -42.38 26.06 -8.07
C GLY D 117 -43.74 25.98 -8.72
N PRO D 118 -43.92 26.73 -9.81
CA PRO D 118 -45.25 26.78 -10.46
C PRO D 118 -45.80 25.42 -10.81
N VAL D 119 -44.97 24.54 -11.37
CA VAL D 119 -45.47 23.27 -11.85
C VAL D 119 -45.64 22.30 -10.69
N VAL D 120 -44.70 22.33 -9.75
CA VAL D 120 -44.88 21.64 -8.49
C VAL D 120 -46.19 22.06 -7.85
N LYS D 121 -46.43 23.37 -7.75
CA LYS D 121 -47.60 23.86 -7.03
C LYS D 121 -48.88 23.59 -7.80
N THR D 122 -48.85 23.67 -9.13
CA THR D 122 -50.02 23.28 -9.91
C THR D 122 -50.44 21.85 -9.59
N LEU D 123 -49.51 20.90 -9.70
CA LEU D 123 -49.89 19.53 -9.39
C LEU D 123 -50.26 19.41 -7.92
N PHE D 124 -49.62 20.21 -7.06
CA PHE D 124 -49.95 20.12 -5.65
C PHE D 124 -51.31 20.76 -5.39
N ASN D 125 -51.70 21.73 -6.23
CA ASN D 125 -53.08 22.20 -6.25
C ASN D 125 -54.01 21.06 -6.63
N LYS D 126 -53.71 20.35 -7.74
CA LYS D 126 -54.55 19.24 -8.16
C LYS D 126 -54.87 18.31 -6.98
N VAL D 127 -53.91 18.11 -6.09
CA VAL D 127 -54.17 17.31 -4.90
C VAL D 127 -55.05 18.07 -3.93
N GLU D 128 -54.65 19.32 -3.61
CA GLU D 128 -55.41 20.16 -2.70
C GLU D 128 -56.88 20.11 -3.06
N ASP D 129 -57.18 20.07 -4.36
CA ASP D 129 -58.53 19.91 -4.83
C ASP D 129 -59.14 18.60 -4.33
N VAL D 130 -58.58 17.47 -4.74
CA VAL D 130 -59.27 16.19 -4.57
C VAL D 130 -59.56 15.92 -3.10
N LEU D 131 -58.55 16.05 -2.25
CA LEU D 131 -58.82 15.86 -0.83
C LEU D 131 -59.62 16.99 -0.24
N HIS D 132 -59.89 18.04 -1.00
CA HIS D 132 -60.59 19.21 -0.49
C HIS D 132 -59.90 19.72 0.77
N LYS D 133 -58.57 19.76 0.72
CA LYS D 133 -57.75 20.34 1.78
C LYS D 133 -56.83 21.38 1.15
N PRO D 134 -57.39 22.53 0.79
CA PRO D 134 -56.59 23.53 0.06
C PRO D 134 -55.40 23.98 0.89
N ILE D 135 -54.30 24.24 0.20
CA ILE D 135 -53.13 24.87 0.80
C ILE D 135 -52.77 26.04 -0.08
N PRO D 136 -52.62 27.24 0.47
CA PRO D 136 -52.23 28.38 -0.37
C PRO D 136 -50.91 28.08 -1.06
N ASP D 137 -50.76 28.65 -2.26
CA ASP D 137 -49.58 28.42 -3.06
C ASP D 137 -48.41 29.33 -2.65
N THR D 138 -48.48 29.89 -1.44
CA THR D 138 -47.43 30.77 -0.95
C THR D 138 -46.18 30.01 -0.52
N ILE D 139 -46.35 28.84 0.09
CA ILE D 139 -45.22 28.06 0.60
C ILE D 139 -44.12 28.05 -0.45
N TRP D 140 -44.52 27.98 -1.72
CA TRP D 140 -43.59 28.09 -2.83
C TRP D 140 -43.31 29.57 -3.05
N GLU D 141 -42.08 29.98 -2.76
CA GLU D 141 -41.76 31.40 -2.64
C GLU D 141 -40.32 31.65 -3.03
N TYR D 142 -40.12 32.56 -3.99
CA TYR D 142 -38.79 33.08 -4.32
C TYR D 142 -37.74 31.98 -4.39
N GLU E 20 -77.71 19.47 19.64
CA GLU E 20 -77.59 18.75 18.38
C GLU E 20 -76.68 19.50 17.41
N ILE E 21 -76.47 18.90 16.24
CA ILE E 21 -75.62 19.51 15.21
C ILE E 21 -76.45 20.53 14.45
N GLN E 22 -76.04 21.80 14.53
CA GLN E 22 -76.81 22.87 13.92
C GLN E 22 -75.87 23.99 13.50
N LEU E 23 -76.14 24.54 12.31
CA LEU E 23 -75.35 25.62 11.72
C LEU E 23 -76.23 26.87 11.71
N GLN E 24 -75.87 27.86 12.52
CA GLN E 24 -76.62 29.10 12.59
C GLN E 24 -75.96 30.17 11.75
N GLN E 25 -76.79 31.01 11.13
CA GLN E 25 -76.33 32.07 10.26
C GLN E 25 -76.84 33.42 10.75
N SER E 26 -76.59 34.45 9.95
CA SER E 26 -77.10 35.79 10.16
C SER E 26 -78.45 35.96 9.47
N GLY E 27 -79.16 37.02 9.86
CA GLY E 27 -80.42 37.35 9.27
C GLY E 27 -80.24 38.04 7.93
N PRO E 28 -81.37 38.40 7.31
CA PRO E 28 -81.30 39.05 6.01
C PRO E 28 -80.54 40.36 6.09
N GLU E 29 -79.91 40.73 4.99
CA GLU E 29 -79.15 41.96 4.91
C GLU E 29 -79.66 42.79 3.74
N LEU E 30 -80.13 44.00 4.06
CA LEU E 30 -80.35 45.03 3.06
C LEU E 30 -79.06 45.81 2.94
N VAL E 31 -78.45 45.79 1.76
CA VAL E 31 -77.17 46.42 1.52
C VAL E 31 -77.29 47.33 0.32
N LYS E 32 -76.74 48.54 0.43
CA LYS E 32 -76.81 49.47 -0.68
C LYS E 32 -75.96 48.95 -1.84
N PRO E 33 -76.38 49.18 -3.08
CA PRO E 33 -75.65 48.62 -4.22
C PRO E 33 -74.20 49.08 -4.24
N GLY E 34 -73.33 48.20 -4.70
CA GLY E 34 -71.93 48.53 -4.78
C GLY E 34 -71.20 48.48 -3.46
N ALA E 35 -71.84 48.02 -2.41
CA ALA E 35 -71.21 47.86 -1.11
C ALA E 35 -70.81 46.41 -0.88
N SER E 36 -70.11 46.19 0.22
CA SER E 36 -69.70 44.86 0.64
C SER E 36 -70.58 44.40 1.80
N VAL E 37 -70.51 43.11 2.10
CA VAL E 37 -71.25 42.56 3.23
C VAL E 37 -70.49 41.35 3.76
N LYS E 38 -70.61 41.14 5.07
CA LYS E 38 -69.89 40.09 5.78
C LYS E 38 -70.88 39.29 6.61
N VAL E 39 -71.39 38.21 6.03
CA VAL E 39 -72.32 37.33 6.74
C VAL E 39 -71.52 36.29 7.52
N SER E 40 -72.16 35.71 8.52
CA SER E 40 -71.52 34.76 9.41
C SER E 40 -72.35 33.48 9.46
N CYS E 41 -71.69 32.40 9.90
CA CYS E 41 -72.35 31.11 10.03
C CYS E 41 -71.69 30.35 11.16
N LYS E 42 -72.37 30.25 12.30
CA LYS E 42 -71.82 29.56 13.46
C LYS E 42 -72.27 28.10 13.48
N ALA E 43 -71.48 27.28 14.16
CA ALA E 43 -71.70 25.85 14.27
C ALA E 43 -71.83 25.44 15.73
N SER E 44 -72.36 24.24 15.96
CA SER E 44 -72.46 23.71 17.31
C SER E 44 -72.78 22.22 17.23
N GLY E 45 -72.62 21.55 18.37
CA GLY E 45 -72.86 20.13 18.49
C GLY E 45 -71.66 19.27 18.16
N TYR E 46 -71.04 19.55 17.02
CA TYR E 46 -69.86 18.83 16.57
C TYR E 46 -68.61 19.71 16.80
N SER E 47 -67.47 19.20 16.35
CA SER E 47 -66.21 19.92 16.47
C SER E 47 -66.06 20.85 15.27
N PHE E 48 -66.14 22.16 15.53
CA PHE E 48 -66.17 23.14 14.46
C PHE E 48 -65.02 22.96 13.48
N THR E 49 -63.85 22.58 13.98
CA THR E 49 -62.63 22.62 13.18
C THR E 49 -62.36 21.35 12.37
N ASP E 50 -63.02 20.24 12.69
CA ASP E 50 -62.69 19.00 11.98
C ASP E 50 -63.33 18.94 10.60
N TYR E 51 -64.48 19.60 10.43
CA TYR E 51 -65.20 19.60 9.16
C TYR E 51 -64.97 20.91 8.42
N ASN E 52 -65.10 20.85 7.10
CA ASN E 52 -64.98 22.02 6.25
C ASN E 52 -66.32 22.74 6.14
N MET E 53 -66.27 23.98 5.67
CA MET E 53 -67.46 24.81 5.52
C MET E 53 -67.54 25.28 4.07
N TYR E 54 -68.65 24.98 3.42
CA TYR E 54 -68.90 25.35 2.05
C TYR E 54 -70.01 26.38 1.98
N TRP E 55 -69.99 27.19 0.92
CA TRP E 55 -70.96 28.26 0.73
C TRP E 55 -71.59 28.15 -0.65
N VAL E 56 -72.91 28.37 -0.71
CA VAL E 56 -73.68 28.20 -1.93
C VAL E 56 -74.65 29.36 -2.10
N LYS E 57 -75.03 29.60 -3.35
CA LYS E 57 -75.95 30.67 -3.72
C LYS E 57 -77.15 30.08 -4.43
N GLN E 58 -78.31 30.72 -4.25
CA GLN E 58 -79.54 30.27 -4.91
C GLN E 58 -80.29 31.50 -5.41
N SER E 59 -80.20 31.76 -6.71
CA SER E 59 -80.96 32.80 -7.36
C SER E 59 -82.32 32.26 -7.76
N HIS E 60 -83.31 33.15 -7.81
CA HIS E 60 -84.67 32.84 -8.24
C HIS E 60 -85.34 31.87 -7.28
N GLY E 61 -84.66 31.46 -6.22
CA GLY E 61 -85.07 30.28 -5.50
C GLY E 61 -85.05 29.02 -6.36
N LYS E 62 -84.34 29.06 -7.49
CA LYS E 62 -84.29 27.91 -8.39
C LYS E 62 -82.90 27.33 -8.56
N SER E 63 -81.93 28.11 -9.04
CA SER E 63 -80.65 27.58 -9.49
C SER E 63 -79.63 27.68 -8.38
N LEU E 64 -78.92 26.59 -8.15
CA LEU E 64 -77.97 26.46 -7.05
C LEU E 64 -76.56 26.50 -7.58
N GLU E 65 -75.71 27.32 -6.96
CA GLU E 65 -74.36 27.57 -7.45
C GLU E 65 -73.39 27.55 -6.28
N TRP E 66 -72.28 26.82 -6.44
CA TRP E 66 -71.22 26.79 -5.42
C TRP E 66 -70.28 27.96 -5.60
N ILE E 67 -69.85 28.53 -4.48
CA ILE E 67 -68.95 29.67 -4.51
C ILE E 67 -67.55 29.21 -4.14
N GLY E 68 -67.39 28.70 -2.92
CA GLY E 68 -66.08 28.32 -2.45
C GLY E 68 -66.17 27.54 -1.16
N TYR E 69 -65.01 27.36 -0.53
CA TYR E 69 -64.96 26.73 0.78
C TYR E 69 -63.60 27.01 1.39
N ILE E 70 -63.45 26.60 2.65
CA ILE E 70 -62.29 26.95 3.46
C ILE E 70 -62.10 25.84 4.48
N ASP E 71 -60.83 25.50 4.75
CA ASP E 71 -60.51 24.51 5.77
C ASP E 71 -60.28 25.23 7.08
N PRO E 72 -61.11 25.03 8.11
CA PRO E 72 -60.93 25.82 9.34
C PRO E 72 -59.54 25.67 9.95
N TYR E 73 -59.05 24.43 10.06
CA TYR E 73 -57.76 24.19 10.70
C TYR E 73 -56.63 24.86 9.92
N ASN E 74 -56.55 24.59 8.61
CA ASN E 74 -55.51 25.20 7.78
C ASN E 74 -55.83 26.64 7.42
N GLY E 75 -57.12 26.97 7.25
CA GLY E 75 -57.51 28.29 6.85
C GLY E 75 -57.43 28.55 5.36
N GLY E 76 -57.07 27.56 4.56
CA GLY E 76 -56.97 27.76 3.12
C GLY E 76 -58.33 27.72 2.46
N THR E 77 -58.49 28.57 1.44
CA THR E 77 -59.75 28.72 0.73
C THR E 77 -59.61 28.16 -0.68
N ARG E 78 -60.77 27.82 -1.26
CA ARG E 78 -60.85 27.38 -2.65
C ARG E 78 -62.13 27.97 -3.22
N TYR E 79 -62.00 28.74 -4.30
CA TYR E 79 -63.13 29.46 -4.86
C TYR E 79 -63.50 28.90 -6.23
N ASN E 80 -64.75 29.14 -6.60
CA ASN E 80 -65.19 28.98 -7.98
C ASN E 80 -64.71 30.18 -8.79
N GLN E 81 -64.31 29.91 -10.04
CA GLN E 81 -63.76 30.98 -10.88
C GLN E 81 -64.71 32.17 -10.97
N LYS E 82 -66.02 31.90 -11.05
CA LYS E 82 -66.97 33.01 -11.21
C LYS E 82 -66.92 33.97 -10.04
N PHE E 83 -66.62 33.48 -8.85
CA PHE E 83 -66.66 34.30 -7.64
C PHE E 83 -65.29 34.43 -7.00
N ARG E 84 -64.23 34.38 -7.80
CA ARG E 84 -62.89 34.40 -7.22
C ARG E 84 -62.67 35.65 -6.40
N ASP E 85 -63.08 36.81 -6.92
CA ASP E 85 -62.91 38.07 -6.22
C ASP E 85 -64.21 38.65 -5.69
N LYS E 86 -65.36 38.16 -6.16
CA LYS E 86 -66.62 38.58 -5.56
C LYS E 86 -66.71 38.16 -4.10
N ALA E 87 -66.28 36.93 -3.79
CA ALA E 87 -66.44 36.35 -2.48
C ALA E 87 -65.11 36.28 -1.75
N THR E 88 -65.16 36.43 -0.43
CA THR E 88 -63.99 36.32 0.42
C THR E 88 -64.40 35.63 1.71
N LEU E 89 -63.75 34.53 2.04
CA LEU E 89 -64.09 33.71 3.19
C LEU E 89 -63.09 33.89 4.31
N THR E 90 -63.60 33.97 5.54
CA THR E 90 -62.78 34.05 6.74
C THR E 90 -63.43 33.18 7.81
N VAL E 91 -62.72 33.01 8.93
CA VAL E 91 -63.19 32.14 10.02
C VAL E 91 -62.76 32.74 11.35
N ASP E 92 -63.32 32.18 12.43
CA ASP E 92 -62.91 32.51 13.79
C ASP E 92 -63.18 31.27 14.64
N LYS E 93 -62.13 30.50 14.93
CA LYS E 93 -62.30 29.29 15.72
C LYS E 93 -62.82 29.59 17.11
N SER E 94 -62.40 30.72 17.69
CA SER E 94 -62.83 31.05 19.05
C SER E 94 -64.35 30.97 19.17
N SER E 95 -65.05 31.57 18.22
CA SER E 95 -66.50 31.56 18.19
C SER E 95 -67.06 30.37 17.42
N SER E 96 -66.21 29.48 16.91
CA SER E 96 -66.67 28.36 16.10
C SER E 96 -67.49 28.87 14.92
N THR E 97 -67.01 29.92 14.27
CA THR E 97 -67.78 30.63 13.26
C THR E 97 -66.99 30.79 11.98
N ALA E 98 -67.71 30.74 10.87
CA ALA E 98 -67.18 31.04 9.55
C ALA E 98 -67.96 32.21 8.96
N PHE E 99 -67.30 32.96 8.09
CA PHE E 99 -67.87 34.16 7.51
C PHE E 99 -67.70 34.14 6.00
N MET E 100 -68.53 34.92 5.33
CA MET E 100 -68.42 35.10 3.90
C MET E 100 -68.52 36.58 3.60
N HIS E 101 -67.51 37.11 2.91
CA HIS E 101 -67.42 38.53 2.62
C HIS E 101 -67.59 38.75 1.13
N LEU E 102 -68.39 39.75 0.77
CA LEU E 102 -68.73 40.02 -0.61
C LEU E 102 -68.50 41.50 -0.91
N ASN E 103 -68.20 41.80 -2.17
CA ASN E 103 -67.82 43.14 -2.58
C ASN E 103 -68.55 43.49 -3.87
N SER E 104 -68.72 44.80 -4.08
CA SER E 104 -69.31 45.33 -5.31
C SER E 104 -70.62 44.63 -5.63
N LEU E 105 -71.58 44.81 -4.74
CA LEU E 105 -72.85 44.09 -4.83
C LEU E 105 -73.74 44.70 -5.91
N THR E 106 -74.20 43.85 -6.82
CA THR E 106 -75.14 44.23 -7.85
C THR E 106 -76.46 43.51 -7.64
N SER E 107 -77.47 43.93 -8.42
CA SER E 107 -78.73 43.20 -8.43
C SER E 107 -78.51 41.73 -8.71
N GLU E 108 -77.57 41.41 -9.61
CA GLU E 108 -77.27 40.03 -9.92
C GLU E 108 -76.72 39.28 -8.72
N ASP E 109 -76.30 39.99 -7.67
CA ASP E 109 -75.72 39.39 -6.49
C ASP E 109 -76.71 39.23 -5.33
N SER E 110 -77.99 39.53 -5.54
CA SER E 110 -78.99 39.41 -4.48
C SER E 110 -79.66 38.05 -4.53
N ALA E 111 -79.55 37.29 -3.46
CA ALA E 111 -80.16 35.96 -3.41
C ALA E 111 -80.10 35.46 -1.97
N VAL E 112 -80.39 34.16 -1.80
CA VAL E 112 -80.28 33.49 -0.51
C VAL E 112 -78.97 32.72 -0.50
N TYR E 113 -78.23 32.82 0.61
CA TYR E 113 -76.91 32.24 0.72
C TYR E 113 -76.90 31.26 1.88
N TYR E 114 -76.50 30.01 1.61
CA TYR E 114 -76.45 28.96 2.59
C TYR E 114 -75.01 28.67 3.01
N CYS E 115 -74.86 28.04 4.17
CA CYS E 115 -73.59 27.51 4.65
C CYS E 115 -73.79 26.06 5.02
N ALA E 116 -72.78 25.22 4.75
CA ALA E 116 -72.92 23.78 4.96
C ALA E 116 -71.62 23.18 5.45
N ARG E 117 -71.73 21.98 6.00
CA ARG E 117 -70.63 21.21 6.55
C ARG E 117 -70.26 20.08 5.60
N GLY E 118 -69.07 19.53 5.79
CA GLY E 118 -68.65 18.38 5.00
C GLY E 118 -67.39 17.77 5.56
N TYR E 119 -67.12 16.54 5.12
CA TYR E 119 -65.85 15.89 5.42
C TYR E 119 -65.55 14.90 4.29
N TYR E 120 -64.32 14.95 3.78
CA TYR E 120 -63.94 14.11 2.66
C TYR E 120 -63.43 12.77 3.20
N TYR E 121 -64.08 11.69 2.78
CA TYR E 121 -63.68 10.34 3.14
C TYR E 121 -63.51 9.50 1.88
N GLY E 122 -62.80 10.07 0.89
CA GLY E 122 -62.46 9.35 -0.30
C GLY E 122 -63.44 9.53 -1.44
N ASN E 123 -64.70 9.23 -1.19
CA ASN E 123 -65.71 9.43 -2.22
C ASN E 123 -65.92 10.93 -2.42
N PRO E 124 -66.38 11.33 -3.60
CA PRO E 124 -66.66 12.75 -3.84
C PRO E 124 -67.54 13.30 -2.74
N LEU E 125 -67.29 14.55 -2.37
CA LEU E 125 -67.91 15.14 -1.19
C LEU E 125 -69.38 15.44 -1.43
N HIS E 126 -70.16 15.37 -0.35
CA HIS E 126 -71.56 15.75 -0.32
C HIS E 126 -71.79 16.73 0.84
N PHE E 127 -73.05 17.12 1.04
CA PHE E 127 -73.41 18.11 2.07
C PHE E 127 -74.38 17.48 3.05
N ASP E 128 -73.95 17.33 4.30
CA ASP E 128 -74.76 16.68 5.31
C ASP E 128 -75.55 17.64 6.18
N VAL E 129 -75.13 18.89 6.30
CA VAL E 129 -75.82 19.87 7.13
C VAL E 129 -75.88 21.20 6.40
N TRP E 130 -77.00 21.89 6.53
CA TRP E 130 -77.23 23.16 5.87
C TRP E 130 -77.69 24.20 6.88
N GLY E 131 -77.28 25.43 6.66
CA GLY E 131 -77.71 26.52 7.50
C GLY E 131 -79.06 27.05 7.10
N ALA E 132 -79.59 27.94 7.94
CA ALA E 132 -80.94 28.46 7.73
C ALA E 132 -81.05 29.23 6.42
N GLY E 133 -79.93 29.64 5.84
CA GLY E 133 -79.97 30.46 4.64
C GLY E 133 -80.05 31.92 5.01
N THR E 134 -79.16 32.74 4.44
CA THR E 134 -79.17 34.18 4.66
C THR E 134 -79.61 34.83 3.35
N THR E 135 -80.74 35.53 3.39
CA THR E 135 -81.27 36.20 2.21
C THR E 135 -80.70 37.60 2.15
N VAL E 136 -79.89 37.87 1.13
CA VAL E 136 -79.25 39.16 0.95
C VAL E 136 -79.97 39.90 -0.17
N THR E 137 -80.32 41.14 0.10
CA THR E 137 -81.07 41.97 -0.84
C THR E 137 -80.26 43.23 -1.14
N VAL E 138 -80.01 43.47 -2.42
CA VAL E 138 -79.29 44.66 -2.88
C VAL E 138 -80.32 45.60 -3.52
N SER E 139 -80.44 46.80 -2.96
CA SER E 139 -81.35 47.80 -3.51
C SER E 139 -81.09 49.16 -2.90
N SER E 140 -81.01 50.19 -3.75
CA SER E 140 -80.91 51.55 -3.25
C SER E 140 -82.22 52.04 -2.64
N ALA E 141 -83.30 51.28 -2.78
CA ALA E 141 -84.58 51.69 -2.21
C ALA E 141 -84.48 51.79 -0.70
N LYS E 142 -85.27 52.69 -0.13
CA LYS E 142 -85.22 52.96 1.29
C LYS E 142 -86.00 51.89 2.06
N THR E 143 -85.77 51.85 3.36
CA THR E 143 -86.58 51.01 4.24
C THR E 143 -87.85 51.78 4.56
N THR E 144 -88.98 51.26 4.10
CA THR E 144 -90.27 51.88 4.30
C THR E 144 -91.20 50.91 5.00
N PRO E 145 -91.86 51.29 6.08
CA PRO E 145 -92.78 50.38 6.76
C PRO E 145 -93.98 50.07 5.88
N PRO E 146 -94.69 49.00 6.16
CA PRO E 146 -95.85 48.64 5.34
C PRO E 146 -97.09 49.44 5.71
N SER E 147 -98.04 49.44 4.79
CA SER E 147 -99.38 49.94 5.02
C SER E 147 -100.33 48.75 4.97
N VAL E 148 -101.15 48.59 6.01
CA VAL E 148 -102.00 47.42 6.18
C VAL E 148 -103.45 47.86 6.06
N TYR E 149 -104.23 47.13 5.26
CA TYR E 149 -105.66 47.38 5.12
C TYR E 149 -106.43 46.08 5.27
N PRO E 150 -107.52 46.06 6.03
CA PRO E 150 -108.31 44.83 6.17
C PRO E 150 -109.14 44.53 4.94
N LEU E 151 -109.89 43.44 4.97
CA LEU E 151 -110.76 43.04 3.86
C LEU E 151 -111.97 42.34 4.45
N ALA E 152 -113.14 42.97 4.31
CA ALA E 152 -114.36 42.42 4.90
C ALA E 152 -115.36 42.11 3.81
N PRO E 153 -116.16 41.06 3.98
CA PRO E 153 -117.05 40.62 2.90
C PRO E 153 -118.03 41.75 2.61
N GLY E 154 -117.96 42.28 1.39
CA GLY E 154 -118.56 43.57 1.13
C GLY E 154 -120.08 43.61 1.17
N SER E 155 -120.75 43.00 0.20
CA SER E 155 -122.20 43.09 0.21
C SER E 155 -122.83 42.34 1.36
N ALA E 156 -122.07 41.48 2.05
CA ALA E 156 -122.66 40.59 3.03
C ALA E 156 -123.65 39.66 2.35
N ALA E 157 -123.49 39.54 1.02
CA ALA E 157 -124.49 39.04 0.08
C ALA E 157 -124.54 37.53 -0.05
N GLN E 158 -123.71 36.78 0.67
CA GLN E 158 -123.79 35.33 0.61
C GLN E 158 -123.25 34.78 1.93
N THR E 159 -124.17 34.47 2.85
CA THR E 159 -123.90 33.93 4.18
C THR E 159 -123.76 32.42 4.16
N ASN E 160 -123.17 31.87 3.09
CA ASN E 160 -122.71 30.49 3.13
C ASN E 160 -121.97 30.30 4.44
N SER E 161 -121.87 29.06 4.91
CA SER E 161 -121.40 28.77 6.27
C SER E 161 -119.92 28.96 6.44
N MET E 162 -119.27 29.64 5.50
CA MET E 162 -117.82 29.84 5.54
C MET E 162 -117.57 31.17 4.88
N VAL E 163 -117.09 32.14 5.66
CA VAL E 163 -116.91 33.51 5.19
C VAL E 163 -115.40 33.78 5.09
N THR E 164 -114.94 34.04 3.88
CA THR E 164 -113.53 34.34 3.67
C THR E 164 -113.24 35.80 4.01
N LEU E 165 -112.26 36.01 4.87
CA LEU E 165 -111.78 37.34 5.22
C LEU E 165 -110.36 37.53 4.68
N GLY E 166 -109.91 38.78 4.69
CA GLY E 166 -108.61 39.10 4.12
C GLY E 166 -107.88 40.15 4.93
N CYS E 167 -106.63 40.37 4.54
CA CYS E 167 -105.74 41.35 5.16
C CYS E 167 -104.73 41.74 4.10
N LEU E 168 -104.56 43.03 3.87
CA LEU E 168 -103.77 43.54 2.75
C LEU E 168 -102.59 44.34 3.28
N VAL E 169 -101.38 43.93 2.89
CA VAL E 169 -100.15 44.61 3.28
C VAL E 169 -99.53 45.21 2.02
N LYS E 170 -99.30 46.52 2.04
CA LYS E 170 -98.85 47.24 0.87
C LYS E 170 -97.73 48.20 1.25
N GLY E 171 -96.81 48.39 0.30
CA GLY E 171 -95.85 49.46 0.40
C GLY E 171 -94.82 49.29 1.50
N TYR E 172 -93.90 48.36 1.34
CA TYR E 172 -92.84 48.18 2.31
C TYR E 172 -91.59 47.66 1.62
N PHE E 173 -90.47 47.87 2.28
CA PHE E 173 -89.17 47.45 1.76
C PHE E 173 -88.19 47.35 2.92
N PRO E 174 -87.40 46.28 3.00
CA PRO E 174 -87.28 45.09 2.14
C PRO E 174 -88.46 44.13 2.27
N GLU E 175 -88.35 42.93 1.68
CA GLU E 175 -89.49 42.03 1.54
C GLU E 175 -89.93 41.31 2.81
N PRO E 176 -89.01 40.84 3.66
CA PRO E 176 -89.45 39.93 4.74
C PRO E 176 -90.47 40.57 5.67
N VAL E 177 -91.69 40.02 5.64
CA VAL E 177 -92.76 40.42 6.55
C VAL E 177 -93.56 39.17 6.92
N THR E 178 -94.05 39.12 8.16
CA THR E 178 -94.76 37.96 8.67
C THR E 178 -96.20 38.33 9.02
N VAL E 179 -97.10 37.36 8.85
CA VAL E 179 -98.54 37.56 9.03
C VAL E 179 -99.09 36.39 9.84
N THR E 180 -99.58 36.66 11.04
CA THR E 180 -100.34 35.70 11.82
C THR E 180 -101.73 36.26 12.07
N TRP E 181 -102.62 35.37 12.50
CA TRP E 181 -104.01 35.71 12.78
C TRP E 181 -104.31 35.38 14.24
N ASN E 182 -104.84 36.36 14.96
CA ASN E 182 -105.09 36.20 16.39
C ASN E 182 -103.81 35.75 17.10
N SER E 183 -102.69 36.32 16.66
CA SER E 183 -101.38 36.04 17.26
C SER E 183 -100.95 34.60 17.07
N GLY E 184 -101.36 33.98 15.96
CA GLY E 184 -100.94 32.66 15.60
C GLY E 184 -101.90 31.56 15.98
N SER E 185 -102.82 31.82 16.91
CA SER E 185 -103.79 30.79 17.30
C SER E 185 -104.48 30.22 16.07
N LEU E 186 -104.97 31.10 15.20
CA LEU E 186 -105.58 30.68 13.95
C LEU E 186 -104.52 30.20 12.97
N SER E 187 -104.21 28.90 13.02
CA SER E 187 -103.25 28.31 12.10
C SER E 187 -103.91 27.54 10.96
N SER E 188 -105.11 27.01 11.18
CA SER E 188 -105.79 26.21 10.17
C SER E 188 -106.51 27.11 9.17
N GLY E 189 -106.43 26.72 7.90
CA GLY E 189 -107.24 27.35 6.88
C GLY E 189 -106.82 28.72 6.44
N VAL E 190 -105.55 29.08 6.64
CA VAL E 190 -105.06 30.39 6.26
C VAL E 190 -104.30 30.27 4.95
N HIS E 191 -104.15 31.41 4.26
CA HIS E 191 -103.42 31.47 3.00
C HIS E 191 -102.78 32.84 2.91
N THR E 192 -101.45 32.87 2.88
CA THR E 192 -100.70 34.11 2.71
C THR E 192 -99.93 34.04 1.39
N PHE E 193 -100.18 35.03 0.51
CA PHE E 193 -99.67 34.94 -0.85
C PHE E 193 -98.30 35.59 -0.97
N PRO E 194 -97.43 35.07 -1.85
CA PRO E 194 -96.15 35.73 -2.07
C PRO E 194 -96.34 37.17 -2.53
N ALA E 195 -95.45 38.04 -2.08
CA ALA E 195 -95.51 39.44 -2.47
C ALA E 195 -94.99 39.60 -3.90
N VAL E 196 -95.36 40.72 -4.50
CA VAL E 196 -94.93 41.07 -5.84
C VAL E 196 -94.43 42.51 -5.80
N LEU E 197 -93.24 42.73 -6.35
CA LEU E 197 -92.61 44.04 -6.28
C LEU E 197 -93.10 44.93 -7.40
N GLN E 198 -93.35 46.19 -7.08
CA GLN E 198 -93.63 47.21 -8.08
C GLN E 198 -93.09 48.54 -7.56
N SER E 199 -92.09 49.08 -8.25
CA SER E 199 -91.52 50.39 -7.93
C SER E 199 -90.97 50.41 -6.50
N ASP E 200 -90.05 49.49 -6.24
CA ASP E 200 -89.36 49.41 -4.96
C ASP E 200 -90.35 49.32 -3.79
N LEU E 201 -91.43 48.57 -3.99
CA LEU E 201 -92.44 48.40 -2.95
C LEU E 201 -93.09 47.04 -3.10
N TYR E 202 -93.04 46.25 -2.03
CA TYR E 202 -93.59 44.89 -2.01
C TYR E 202 -95.05 44.93 -1.59
N THR E 203 -95.86 44.04 -2.18
CA THR E 203 -97.30 44.01 -1.98
C THR E 203 -97.75 42.59 -1.65
N LEU E 204 -98.17 42.38 -0.42
CA LEU E 204 -98.60 41.09 0.13
C LEU E 204 -100.10 41.08 0.36
N SER E 205 -100.69 39.87 0.37
CA SER E 205 -102.05 39.65 0.85
C SER E 205 -102.14 38.33 1.62
N SER E 206 -103.12 38.27 2.53
CA SER E 206 -103.44 37.04 3.24
C SER E 206 -104.95 36.91 3.33
N SER E 207 -105.43 35.67 3.47
CA SER E 207 -106.84 35.40 3.63
C SER E 207 -107.04 34.33 4.70
N VAL E 208 -108.28 34.25 5.18
CA VAL E 208 -108.68 33.22 6.15
C VAL E 208 -110.14 32.88 5.90
N THR E 209 -110.46 31.60 6.03
CA THR E 209 -111.81 31.09 5.79
C THR E 209 -112.34 30.51 7.09
N VAL E 210 -113.48 31.02 7.54
CA VAL E 210 -114.06 30.65 8.83
C VAL E 210 -115.57 30.61 8.72
N PRO E 211 -116.24 29.95 9.66
CA PRO E 211 -117.70 29.83 9.56
C PRO E 211 -118.41 31.13 9.88
N SER E 212 -119.54 31.33 9.21
CA SER E 212 -120.31 32.56 9.39
C SER E 212 -120.75 32.75 10.83
N SER E 213 -120.81 31.67 11.61
CA SER E 213 -121.32 31.70 12.97
C SER E 213 -120.29 32.12 14.00
N THR E 214 -119.05 32.40 13.57
CA THR E 214 -117.97 32.70 14.49
C THR E 214 -117.47 34.14 14.38
N TRP E 215 -117.14 34.59 13.18
CA TRP E 215 -116.43 35.86 13.04
C TRP E 215 -117.19 37.03 13.64
N PRO E 216 -118.45 37.28 13.29
CA PRO E 216 -119.13 38.47 13.82
C PRO E 216 -119.09 38.52 15.34
N SER E 217 -119.10 37.37 16.00
CA SER E 217 -119.02 37.30 17.46
C SER E 217 -117.57 37.23 17.93
N GLU E 218 -116.77 36.37 17.31
CA GLU E 218 -115.39 36.15 17.73
C GLU E 218 -114.51 37.21 17.10
N THR E 219 -114.05 38.16 17.91
CA THR E 219 -113.28 39.28 17.38
C THR E 219 -112.03 38.75 16.69
N VAL E 220 -112.01 38.85 15.38
CA VAL E 220 -110.85 38.41 14.60
C VAL E 220 -109.91 39.60 14.43
N THR E 221 -108.62 39.30 14.33
CA THR E 221 -107.62 40.32 14.11
C THR E 221 -106.49 39.74 13.27
N CYS E 222 -105.71 40.63 12.70
CA CYS E 222 -104.66 40.29 11.75
C CYS E 222 -103.35 40.90 12.26
N ASN E 223 -102.31 40.08 12.36
CA ASN E 223 -101.05 40.47 12.96
C ASN E 223 -100.00 40.64 11.86
N VAL E 224 -99.23 41.73 11.92
CA VAL E 224 -98.24 42.06 10.92
C VAL E 224 -96.94 42.50 11.57
N ALA E 225 -95.84 42.31 10.84
CA ALA E 225 -94.52 42.72 11.30
C ALA E 225 -93.66 43.14 10.10
N HIS E 226 -92.75 44.08 10.35
CA HIS E 226 -91.72 44.46 9.38
C HIS E 226 -90.46 44.82 10.15
N PRO E 227 -89.67 43.82 10.54
CA PRO E 227 -88.52 44.09 11.40
C PRO E 227 -87.55 45.10 10.82
N ALA E 228 -87.38 45.11 9.50
CA ALA E 228 -86.51 46.09 8.86
C ALA E 228 -86.82 47.50 9.37
N SER E 229 -88.08 47.92 9.20
CA SER E 229 -88.55 49.19 9.74
C SER E 229 -89.00 49.09 11.19
N SER E 230 -88.93 47.89 11.77
CA SER E 230 -89.35 47.67 13.16
C SER E 230 -90.82 48.04 13.32
N THR E 231 -91.66 47.49 12.46
CA THR E 231 -93.07 47.83 12.39
C THR E 231 -93.91 46.60 12.68
N LYS E 232 -94.69 46.65 13.75
CA LYS E 232 -95.52 45.53 14.18
C LYS E 232 -96.88 46.08 14.59
N VAL E 233 -97.94 45.68 13.87
CA VAL E 233 -99.27 46.22 14.10
C VAL E 233 -100.31 45.13 13.86
N ASP E 234 -101.46 45.28 14.52
CA ASP E 234 -102.61 44.40 14.35
C ASP E 234 -103.78 45.20 13.76
N LYS E 235 -104.83 44.49 13.36
CA LYS E 235 -106.00 45.13 12.77
C LYS E 235 -107.24 44.34 13.15
N LYS E 236 -108.10 44.93 13.97
CA LYS E 236 -109.43 44.36 14.16
C LYS E 236 -110.12 44.30 12.81
N ILE E 237 -110.82 43.20 12.54
CA ILE E 237 -111.63 43.07 11.33
C ILE E 237 -113.09 43.21 11.74
N VAL E 238 -113.80 44.12 11.07
CA VAL E 238 -115.19 44.42 11.42
C VAL E 238 -116.04 44.32 10.16
N PRO E 239 -117.32 43.99 10.29
CA PRO E 239 -118.19 43.92 9.11
C PRO E 239 -118.74 45.28 8.73
N ARG E 240 -119.09 45.41 7.45
CA ARG E 240 -119.80 46.59 6.98
C ARG E 240 -120.62 46.27 5.73
N GLN F 23 -68.36 23.49 -16.01
CA GLN F 23 -67.76 22.37 -16.74
C GLN F 23 -68.82 21.35 -17.09
N ILE F 24 -69.29 20.61 -16.10
CA ILE F 24 -70.26 19.54 -16.30
C ILE F 24 -71.66 20.11 -16.12
N VAL F 25 -72.48 20.02 -17.15
CA VAL F 25 -73.84 20.54 -17.13
C VAL F 25 -74.77 19.39 -16.76
N LEU F 26 -75.53 19.57 -15.68
CA LEU F 26 -76.51 18.60 -15.24
C LEU F 26 -77.90 19.06 -15.65
N THR F 27 -78.55 18.27 -16.49
CA THR F 27 -79.87 18.58 -16.98
C THR F 27 -80.85 17.58 -16.38
N GLN F 28 -81.78 18.08 -15.57
CA GLN F 28 -82.83 17.26 -14.98
C GLN F 28 -84.12 17.46 -15.76
N SER F 29 -84.79 16.38 -16.09
CA SER F 29 -86.12 16.43 -16.68
C SER F 29 -87.00 15.40 -15.99
N PRO F 30 -88.31 15.64 -15.90
CA PRO F 30 -88.97 16.86 -16.37
C PRO F 30 -88.69 18.03 -15.44
N ALA F 31 -88.79 19.25 -15.95
CA ALA F 31 -88.64 20.41 -15.09
C ALA F 31 -89.60 20.33 -13.91
N ILE F 32 -90.85 19.98 -14.19
CA ILE F 32 -91.88 19.80 -13.17
C ILE F 32 -92.52 18.44 -13.39
N MET F 33 -93.07 17.89 -12.32
CA MET F 33 -93.66 16.55 -12.40
C MET F 33 -94.76 16.39 -11.38
N SER F 34 -95.90 15.86 -11.83
CA SER F 34 -97.00 15.47 -10.96
C SER F 34 -96.93 13.97 -10.69
N ALA F 35 -97.57 13.55 -9.60
CA ALA F 35 -97.55 12.14 -9.23
C ALA F 35 -98.68 11.86 -8.25
N SER F 36 -99.43 10.75 -8.51
CA SER F 36 -100.48 10.35 -7.57
C SER F 36 -99.89 9.49 -6.47
N PRO F 37 -100.44 9.58 -5.26
CA PRO F 37 -99.92 8.76 -4.15
C PRO F 37 -99.82 7.30 -4.52
N GLY F 38 -98.61 6.73 -4.45
CA GLY F 38 -98.39 5.35 -4.79
C GLY F 38 -97.82 5.11 -6.17
N GLU F 39 -97.75 6.13 -7.02
CA GLU F 39 -97.26 5.96 -8.37
C GLU F 39 -95.73 5.96 -8.38
N LYS F 40 -95.16 5.18 -9.29
CA LYS F 40 -93.71 5.10 -9.41
C LYS F 40 -93.17 6.37 -10.05
N VAL F 41 -92.35 7.10 -9.31
CA VAL F 41 -91.79 8.37 -9.76
C VAL F 41 -90.33 8.14 -10.09
N THR F 42 -89.88 8.70 -11.21
CA THR F 42 -88.49 8.60 -11.63
C THR F 42 -88.09 9.87 -12.36
N MET F 43 -87.08 10.57 -11.85
CA MET F 43 -86.57 11.79 -12.45
C MET F 43 -85.11 11.59 -12.83
N THR F 44 -84.68 12.31 -13.86
CA THR F 44 -83.38 12.11 -14.48
C THR F 44 -82.46 13.30 -14.20
N CYS F 45 -81.18 13.06 -14.44
CA CYS F 45 -80.15 14.10 -14.38
C CYS F 45 -79.16 13.77 -15.50
N SER F 46 -79.42 14.33 -16.68
CA SER F 46 -78.53 14.10 -17.82
C SER F 46 -77.29 14.96 -17.67
N ALA F 47 -76.13 14.37 -17.86
CA ALA F 47 -74.85 15.05 -17.70
C ALA F 47 -74.15 15.14 -19.04
N SER F 48 -73.11 15.97 -19.07
CA SER F 48 -72.27 16.07 -20.26
C SER F 48 -71.13 15.06 -20.27
N SER F 49 -70.74 14.55 -19.10
CA SER F 49 -69.69 13.55 -18.99
C SER F 49 -70.05 12.55 -17.90
N SER F 50 -69.14 11.61 -17.63
CA SER F 50 -69.39 10.53 -16.70
C SER F 50 -69.10 10.97 -15.26
N VAL F 51 -69.76 10.31 -14.32
CA VAL F 51 -69.57 10.57 -12.90
C VAL F 51 -69.60 9.24 -12.15
N SER F 52 -68.71 9.10 -11.16
CA SER F 52 -68.68 7.90 -10.34
C SER F 52 -69.80 7.93 -9.31
N TYR F 53 -69.80 8.93 -8.44
CA TYR F 53 -70.80 9.08 -7.40
C TYR F 53 -71.69 10.28 -7.72
N ILE F 54 -72.86 10.30 -7.08
CA ILE F 54 -73.81 11.39 -7.23
C ILE F 54 -74.53 11.55 -5.89
N HIS F 55 -75.20 12.69 -5.74
CA HIS F 55 -75.90 13.04 -4.52
C HIS F 55 -77.18 13.75 -4.87
N TRP F 56 -78.24 13.44 -4.13
CA TRP F 56 -79.56 14.01 -4.36
C TRP F 56 -79.99 14.79 -3.14
N TYR F 57 -80.59 15.95 -3.38
CA TYR F 57 -81.00 16.85 -2.32
C TYR F 57 -82.49 17.16 -2.45
N GLN F 58 -83.16 17.19 -1.30
CA GLN F 58 -84.56 17.54 -1.22
C GLN F 58 -84.69 18.94 -0.65
N GLN F 59 -85.52 19.77 -1.28
CA GLN F 59 -85.80 21.10 -0.76
C GLN F 59 -87.29 21.37 -0.89
N LYS F 60 -87.88 21.86 0.19
CA LYS F 60 -89.28 22.27 0.20
C LYS F 60 -89.34 23.80 0.20
N SER F 61 -90.53 24.32 -0.05
CA SER F 61 -90.67 25.76 -0.16
C SER F 61 -90.19 26.43 1.12
N GLY F 62 -89.38 27.47 0.96
CA GLY F 62 -88.96 28.27 2.10
C GLY F 62 -87.99 27.59 3.05
N THR F 63 -87.49 26.41 2.71
CA THR F 63 -86.60 25.68 3.60
C THR F 63 -85.25 25.47 2.94
N SER F 64 -84.26 25.16 3.77
CA SER F 64 -82.96 24.81 3.24
C SER F 64 -83.01 23.42 2.61
N PRO F 65 -82.13 23.14 1.67
CA PRO F 65 -82.01 21.77 1.17
C PRO F 65 -81.59 20.83 2.29
N LYS F 66 -81.98 19.56 2.15
CA LYS F 66 -81.68 18.54 3.12
C LYS F 66 -80.97 17.37 2.44
N ARG F 67 -79.97 16.82 3.12
CA ARG F 67 -79.30 15.62 2.63
C ARG F 67 -80.29 14.47 2.52
N TRP F 68 -80.47 13.96 1.30
CA TRP F 68 -81.44 12.90 1.05
C TRP F 68 -80.78 11.58 0.65
N ILE F 69 -80.01 11.57 -0.43
CA ILE F 69 -79.32 10.38 -0.90
C ILE F 69 -77.87 10.76 -1.17
N TYR F 70 -76.98 10.39 -0.26
CA TYR F 70 -75.56 10.60 -0.42
C TYR F 70 -74.88 9.33 -0.92
N ASP F 71 -73.72 9.51 -1.56
CA ASP F 71 -73.00 8.42 -2.20
C ASP F 71 -73.94 7.62 -3.10
N THR F 72 -74.59 8.33 -4.02
CA THR F 72 -75.38 7.72 -5.07
C THR F 72 -76.61 7.01 -4.54
N SER F 73 -76.42 5.97 -3.73
CA SER F 73 -77.53 5.12 -3.31
C SER F 73 -77.72 5.01 -1.80
N LYS F 74 -76.82 5.56 -0.99
CA LYS F 74 -76.98 5.49 0.46
C LYS F 74 -78.05 6.48 0.91
N LEU F 75 -78.92 6.01 1.81
CA LEU F 75 -80.00 6.83 2.36
C LEU F 75 -79.56 7.50 3.66
N ALA F 76 -80.11 8.68 3.92
CA ALA F 76 -79.73 9.45 5.08
C ALA F 76 -80.52 9.02 6.31
N SER F 77 -80.10 9.52 7.47
CA SER F 77 -80.81 9.27 8.72
C SER F 77 -82.12 10.04 8.67
N GLY F 78 -83.23 9.31 8.55
CA GLY F 78 -84.53 9.94 8.43
C GLY F 78 -84.95 10.00 6.98
N VAL F 79 -84.82 8.87 6.28
CA VAL F 79 -85.21 8.77 4.88
C VAL F 79 -85.97 7.45 4.71
N PRO F 80 -87.21 7.49 4.23
CA PRO F 80 -87.94 6.24 3.98
C PRO F 80 -87.24 5.36 2.96
N ALA F 81 -87.64 4.09 2.94
CA ALA F 81 -87.00 3.11 2.06
C ALA F 81 -87.54 3.14 0.64
N ARG F 82 -88.68 3.81 0.40
CA ARG F 82 -89.21 3.91 -0.95
C ARG F 82 -88.26 4.61 -1.90
N PHE F 83 -87.30 5.33 -1.35
CA PHE F 83 -86.32 6.07 -2.15
C PHE F 83 -85.15 5.17 -2.53
N SER F 84 -84.85 5.13 -3.81
CA SER F 84 -83.72 4.36 -4.32
C SER F 84 -83.18 5.11 -5.54
N GLY F 85 -82.09 5.85 -5.34
CA GLY F 85 -81.44 6.58 -6.41
C GLY F 85 -80.36 5.72 -7.03
N SER F 86 -80.22 5.83 -8.35
CA SER F 86 -79.30 4.98 -9.08
C SER F 86 -78.36 5.77 -9.98
N GLY F 87 -77.60 5.07 -10.81
CA GLY F 87 -76.68 5.75 -11.72
C GLY F 87 -76.25 4.83 -12.85
N SER F 88 -75.82 5.47 -13.94
CA SER F 88 -75.39 4.74 -15.12
C SER F 88 -74.28 5.50 -15.83
N GLY F 89 -73.33 6.04 -15.07
CA GLY F 89 -72.23 6.73 -15.72
C GLY F 89 -72.60 8.17 -16.03
N THR F 90 -73.38 8.34 -17.09
CA THR F 90 -73.83 9.66 -17.53
C THR F 90 -75.31 9.89 -17.31
N SER F 91 -76.06 8.84 -16.98
CA SER F 91 -77.50 8.92 -16.76
C SER F 91 -77.72 8.43 -15.33
N TYR F 92 -77.78 9.37 -14.40
CA TYR F 92 -78.14 9.06 -13.02
C TYR F 92 -79.57 9.52 -12.78
N SER F 93 -80.32 8.70 -12.04
CA SER F 93 -81.76 8.89 -11.92
C SER F 93 -82.23 8.57 -10.52
N LEU F 94 -83.23 9.31 -10.06
CA LEU F 94 -83.86 9.11 -8.77
C LEU F 94 -85.25 8.55 -9.00
N THR F 95 -85.61 7.53 -8.22
CA THR F 95 -86.88 6.84 -8.38
C THR F 95 -87.54 6.65 -7.02
N ILE F 96 -88.86 6.59 -7.04
CA ILE F 96 -89.65 6.30 -5.85
C ILE F 96 -90.62 5.20 -6.19
N SER F 97 -90.67 4.17 -5.33
CA SER F 97 -91.64 3.10 -5.52
C SER F 97 -93.07 3.63 -5.42
N SER F 98 -93.36 4.34 -4.34
CA SER F 98 -94.69 4.80 -4.02
C SER F 98 -94.64 6.29 -3.71
N MET F 99 -95.26 7.09 -4.57
CA MET F 99 -95.40 8.51 -4.26
C MET F 99 -96.14 8.65 -2.94
N GLU F 100 -95.83 9.72 -2.21
CA GLU F 100 -96.54 9.98 -0.97
C GLU F 100 -96.67 11.48 -0.77
N ALA F 101 -97.52 11.84 0.19
CA ALA F 101 -97.79 13.26 0.45
C ALA F 101 -96.51 13.99 0.81
N GLU F 102 -95.77 13.48 1.79
CA GLU F 102 -94.55 14.12 2.24
C GLU F 102 -93.45 14.08 1.19
N ASP F 103 -93.59 13.26 0.15
CA ASP F 103 -92.58 13.20 -0.90
C ASP F 103 -92.60 14.42 -1.80
N ALA F 104 -93.67 15.21 -1.77
CA ALA F 104 -93.79 16.35 -2.68
C ALA F 104 -92.70 17.37 -2.36
N ALA F 105 -91.81 17.62 -3.33
CA ALA F 105 -90.76 18.62 -3.14
C ALA F 105 -89.96 18.79 -4.43
N THR F 106 -89.04 19.76 -4.39
CA THR F 106 -88.11 19.96 -5.49
C THR F 106 -86.83 19.19 -5.18
N TYR F 107 -86.36 18.42 -6.16
CA TYR F 107 -85.19 17.57 -5.98
C TYR F 107 -84.12 17.95 -6.98
N TYR F 108 -82.89 18.05 -6.49
CA TYR F 108 -81.76 18.45 -7.30
C TYR F 108 -80.69 17.35 -7.26
N CYS F 109 -79.98 17.20 -8.37
CA CYS F 109 -78.86 16.28 -8.47
C CYS F 109 -77.55 17.06 -8.35
N GLN F 110 -76.54 16.42 -7.76
CA GLN F 110 -75.27 17.08 -7.51
C GLN F 110 -74.11 16.13 -7.75
N GLN F 111 -72.98 16.72 -8.16
CA GLN F 111 -71.77 15.99 -8.48
C GLN F 111 -70.56 16.82 -8.09
N TRP F 112 -69.49 16.15 -7.64
CA TRP F 112 -68.20 16.80 -7.47
C TRP F 112 -67.06 15.91 -7.94
N ILE F 113 -67.23 15.30 -9.10
CA ILE F 113 -66.10 14.60 -9.72
C ILE F 113 -65.07 15.60 -10.23
N SER F 114 -65.54 16.68 -10.86
CA SER F 114 -64.67 17.73 -11.38
C SER F 114 -65.03 19.05 -10.74
N TYR F 115 -64.02 19.85 -10.43
CA TYR F 115 -64.25 21.25 -10.13
C TYR F 115 -64.61 21.98 -11.42
N PRO F 116 -65.58 22.90 -11.39
CA PRO F 116 -66.41 23.30 -10.26
C PRO F 116 -67.51 22.28 -9.98
N ALA F 117 -68.16 22.42 -8.85
CA ALA F 117 -69.31 21.60 -8.51
C ALA F 117 -70.58 22.22 -9.07
N THR F 118 -71.43 21.38 -9.68
CA THR F 118 -72.58 21.86 -10.42
C THR F 118 -73.85 21.17 -9.94
N PHE F 119 -74.98 21.81 -10.24
CA PHE F 119 -76.29 21.28 -9.90
C PHE F 119 -77.19 21.23 -11.13
N GLY F 120 -78.24 20.42 -11.03
CA GLY F 120 -79.24 20.36 -12.07
C GLY F 120 -80.21 21.53 -12.00
N ALA F 121 -80.95 21.71 -13.09
CA ALA F 121 -81.93 22.79 -13.13
C ALA F 121 -82.97 22.65 -12.03
N GLY F 122 -83.26 21.43 -11.62
CA GLY F 122 -84.24 21.17 -10.58
C GLY F 122 -85.48 20.52 -11.15
N THR F 123 -86.01 19.55 -10.43
CA THR F 123 -87.23 18.83 -10.81
C THR F 123 -88.22 18.94 -9.67
N LYS F 124 -89.26 19.75 -9.88
CA LYS F 124 -90.31 19.90 -8.89
C LYS F 124 -91.25 18.71 -8.94
N LEU F 125 -91.72 18.29 -7.76
CA LEU F 125 -92.57 17.12 -7.63
C LEU F 125 -93.85 17.51 -6.90
N GLU F 126 -94.96 17.55 -7.63
CA GLU F 126 -96.26 17.88 -7.06
C GLU F 126 -97.04 16.60 -6.76
N LEU F 127 -98.18 16.78 -6.10
CA LEU F 127 -99.08 15.70 -5.76
C LEU F 127 -100.36 15.82 -6.57
N LYS F 128 -100.95 14.66 -6.90
CA LYS F 128 -102.12 14.62 -7.75
C LYS F 128 -103.35 14.56 -6.86
N ARG F 129 -104.23 15.53 -7.02
CA ARG F 129 -105.48 15.64 -6.29
C ARG F 129 -106.64 15.56 -7.27
N ALA F 130 -107.79 15.11 -6.77
CA ALA F 130 -109.01 15.23 -7.55
C ALA F 130 -109.24 16.68 -7.92
N ASP F 131 -109.69 16.92 -9.15
CA ASP F 131 -109.95 18.27 -9.60
C ASP F 131 -110.93 18.97 -8.66
N ALA F 132 -110.62 20.22 -8.32
CA ALA F 132 -111.42 20.99 -7.40
C ALA F 132 -111.73 22.37 -7.99
N ALA F 133 -112.79 22.97 -7.49
CA ALA F 133 -113.21 24.28 -7.95
C ALA F 133 -112.70 25.37 -7.02
N PRO F 134 -112.28 26.52 -7.54
CA PRO F 134 -111.73 27.56 -6.67
C PRO F 134 -112.81 28.18 -5.81
N THR F 135 -112.44 28.51 -4.57
CA THR F 135 -113.31 29.26 -3.68
C THR F 135 -113.03 30.74 -3.95
N VAL F 136 -113.87 31.36 -4.75
CA VAL F 136 -113.64 32.72 -5.21
C VAL F 136 -114.23 33.68 -4.20
N SER F 137 -113.41 34.61 -3.72
CA SER F 137 -113.86 35.68 -2.85
C SER F 137 -113.33 36.99 -3.38
N ILE F 138 -114.08 38.06 -3.13
CA ILE F 138 -113.76 39.38 -3.64
C ILE F 138 -113.96 40.38 -2.52
N PHE F 139 -113.12 41.41 -2.48
CA PHE F 139 -113.18 42.39 -1.41
C PHE F 139 -112.96 43.80 -1.95
N PRO F 140 -113.67 44.78 -1.40
CA PRO F 140 -113.53 46.15 -1.88
C PRO F 140 -112.39 46.86 -1.18
N PRO F 141 -112.11 48.10 -1.55
CA PRO F 141 -111.10 48.88 -0.81
C PRO F 141 -111.51 49.11 0.63
N SER F 142 -110.63 49.74 1.40
CA SER F 142 -110.88 50.06 2.79
C SER F 142 -111.00 51.58 2.95
N SER F 143 -111.88 52.00 3.85
CA SER F 143 -111.99 53.42 4.16
C SER F 143 -110.62 54.00 4.50
N GLU F 144 -109.80 53.23 5.23
CA GLU F 144 -108.46 53.69 5.58
C GLU F 144 -107.60 53.90 4.35
N GLN F 145 -107.80 53.08 3.32
CA GLN F 145 -107.03 53.25 2.09
C GLN F 145 -107.47 54.48 1.33
N LEU F 146 -108.79 54.67 1.20
CA LEU F 146 -109.31 55.86 0.53
C LEU F 146 -108.86 57.13 1.24
N THR F 147 -108.56 57.04 2.53
CA THR F 147 -108.02 58.18 3.25
C THR F 147 -106.67 58.60 2.68
N SER F 148 -105.92 57.66 2.11
CA SER F 148 -104.60 57.93 1.59
C SER F 148 -104.60 58.21 0.10
N GLY F 149 -105.75 58.22 -0.54
CA GLY F 149 -105.84 58.45 -1.96
C GLY F 149 -105.74 57.21 -2.84
N GLY F 150 -105.66 56.02 -2.25
CA GLY F 150 -105.56 54.81 -3.02
C GLY F 150 -106.78 53.91 -2.88
N ALA F 151 -106.98 53.01 -3.84
CA ALA F 151 -108.14 52.13 -3.84
C ALA F 151 -107.80 50.83 -4.55
N SER F 152 -107.84 49.72 -3.81
CA SER F 152 -107.57 48.40 -4.37
C SER F 152 -108.76 47.47 -4.17
N VAL F 153 -108.88 46.48 -5.06
CA VAL F 153 -109.94 45.48 -5.00
C VAL F 153 -109.30 44.12 -5.15
N VAL F 154 -109.61 43.21 -4.24
CA VAL F 154 -108.93 41.93 -4.14
C VAL F 154 -109.90 40.81 -4.46
N CYS F 155 -109.35 39.76 -5.06
CA CYS F 155 -110.12 38.57 -5.39
C CYS F 155 -109.32 37.34 -4.99
N PHE F 156 -109.95 36.46 -4.22
CA PHE F 156 -109.31 35.27 -3.68
C PHE F 156 -109.91 34.03 -4.33
N LEU F 157 -109.06 33.18 -4.88
CA LEU F 157 -109.47 31.97 -5.57
C LEU F 157 -108.79 30.82 -4.86
N ASN F 158 -109.47 30.28 -3.84
CA ASN F 158 -108.83 29.40 -2.89
C ASN F 158 -109.18 27.95 -3.17
N ASN F 159 -108.21 27.07 -2.94
CA ASN F 159 -108.44 25.63 -2.91
C ASN F 159 -109.02 25.12 -4.23
N PHE F 160 -108.17 25.21 -5.26
CA PHE F 160 -108.50 24.69 -6.57
C PHE F 160 -107.40 23.75 -7.04
N TYR F 161 -107.66 23.08 -8.16
CA TYR F 161 -106.74 22.11 -8.74
C TYR F 161 -107.22 21.75 -10.15
N PRO F 162 -106.32 21.63 -11.14
CA PRO F 162 -104.87 21.89 -11.08
C PRO F 162 -104.55 23.37 -10.97
N LYS F 163 -103.28 23.72 -11.22
CA LYS F 163 -102.84 25.09 -11.03
C LYS F 163 -103.27 26.01 -12.17
N ASP F 164 -103.30 25.50 -13.41
CA ASP F 164 -103.51 26.36 -14.56
C ASP F 164 -104.93 26.91 -14.57
N ILE F 165 -105.05 28.23 -14.35
CA ILE F 165 -106.32 28.93 -14.46
C ILE F 165 -106.02 30.37 -14.88
N ASN F 166 -106.99 31.01 -15.50
CA ASN F 166 -106.86 32.41 -15.91
C ASN F 166 -107.91 33.26 -15.20
N VAL F 167 -107.52 34.49 -14.89
CA VAL F 167 -108.38 35.46 -14.24
C VAL F 167 -108.43 36.72 -15.10
N LYS F 168 -109.63 37.22 -15.33
CA LYS F 168 -109.81 38.48 -16.03
C LYS F 168 -110.69 39.38 -15.16
N TRP F 169 -110.45 40.67 -15.25
CA TRP F 169 -111.16 41.67 -14.47
C TRP F 169 -111.93 42.59 -15.42
N LYS F 170 -113.12 42.98 -15.01
CA LYS F 170 -114.00 43.79 -15.83
C LYS F 170 -114.60 44.92 -15.02
N ILE F 171 -115.00 45.97 -15.72
CA ILE F 171 -115.57 47.18 -15.12
C ILE F 171 -116.79 47.57 -15.95
N ASP F 172 -117.99 47.40 -15.39
CA ASP F 172 -119.22 47.78 -16.07
C ASP F 172 -119.30 47.15 -17.46
N GLY F 173 -118.88 45.90 -17.55
CA GLY F 173 -118.78 45.22 -18.82
C GLY F 173 -117.56 45.59 -19.63
N SER F 174 -116.68 46.43 -19.09
CA SER F 174 -115.44 46.82 -19.74
C SER F 174 -114.29 45.98 -19.17
N GLU F 175 -113.06 46.32 -19.52
CA GLU F 175 -111.90 45.60 -19.02
C GLU F 175 -110.85 46.60 -18.56
N ARG F 176 -109.87 46.09 -17.81
CA ARG F 176 -108.74 46.91 -17.38
C ARG F 176 -107.62 45.97 -16.98
N GLN F 177 -106.55 45.97 -17.76
CA GLN F 177 -105.33 45.25 -17.41
C GLN F 177 -104.29 46.17 -16.79
N ASN F 178 -104.62 47.45 -16.61
CA ASN F 178 -103.71 48.41 -15.99
C ASN F 178 -103.98 48.40 -14.49
N GLY F 179 -103.44 47.37 -13.83
CA GLY F 179 -103.59 47.22 -12.40
C GLY F 179 -103.73 45.77 -11.98
N VAL F 180 -103.89 44.87 -12.95
CA VAL F 180 -104.04 43.46 -12.65
C VAL F 180 -102.73 42.92 -12.09
N LEU F 181 -102.75 42.46 -10.84
CA LEU F 181 -101.57 41.90 -10.18
C LEU F 181 -101.96 40.57 -9.55
N ASN F 182 -101.54 39.47 -10.16
CA ASN F 182 -101.91 38.13 -9.73
C ASN F 182 -100.75 37.45 -9.03
N SER F 183 -101.07 36.64 -8.02
CA SER F 183 -100.06 35.89 -7.28
C SER F 183 -100.54 34.47 -7.02
N TRP F 184 -99.62 33.51 -7.17
CA TRP F 184 -99.89 32.08 -7.02
C TRP F 184 -99.21 31.54 -5.77
N THR F 185 -99.70 30.39 -5.31
CA THR F 185 -99.11 29.62 -4.23
C THR F 185 -98.59 28.29 -4.77
N ASP F 186 -98.10 27.45 -3.87
CA ASP F 186 -97.67 26.09 -4.20
C ASP F 186 -98.57 25.08 -3.49
N GLN F 187 -98.31 23.80 -3.76
CA GLN F 187 -99.07 22.72 -3.16
C GLN F 187 -99.24 22.94 -1.67
N ASP F 188 -100.49 23.04 -1.22
CA ASP F 188 -100.75 23.12 0.21
C ASP F 188 -100.32 21.85 0.90
N SER F 189 -99.72 21.99 2.08
CA SER F 189 -99.22 20.83 2.80
C SER F 189 -100.35 19.87 3.16
N LYS F 190 -101.56 20.39 3.32
CA LYS F 190 -102.67 19.62 3.87
C LYS F 190 -103.54 18.99 2.79
N ASP F 191 -103.92 19.76 1.77
CA ASP F 191 -104.86 19.28 0.77
C ASP F 191 -104.29 19.20 -0.64
N SER F 192 -103.05 19.60 -0.86
CA SER F 192 -102.48 19.59 -2.19
C SER F 192 -103.28 20.48 -3.15
N THR F 193 -103.93 21.50 -2.60
CA THR F 193 -104.68 22.47 -3.39
C THR F 193 -103.84 23.72 -3.61
N TYR F 194 -104.39 24.66 -4.39
CA TYR F 194 -103.71 25.89 -4.75
C TYR F 194 -104.54 27.10 -4.33
N SER F 195 -104.05 28.28 -4.67
CA SER F 195 -104.74 29.53 -4.37
C SER F 195 -104.17 30.62 -5.28
N MET F 196 -104.91 31.73 -5.36
CA MET F 196 -104.45 32.89 -6.13
C MET F 196 -104.99 34.18 -5.51
N SER F 197 -104.27 35.28 -5.73
CA SER F 197 -104.76 36.61 -5.44
C SER F 197 -104.60 37.48 -6.68
N SER F 198 -105.62 38.27 -6.98
CA SER F 198 -105.50 39.38 -7.91
C SER F 198 -105.90 40.65 -7.16
N THR F 199 -104.92 41.53 -6.95
CA THR F 199 -105.18 42.88 -6.45
C THR F 199 -105.23 43.83 -7.63
N LEU F 200 -106.32 44.59 -7.74
CA LEU F 200 -106.45 45.63 -8.75
C LEU F 200 -106.27 46.98 -8.06
N THR F 201 -105.12 47.61 -8.28
CA THR F 201 -104.82 48.90 -7.68
C THR F 201 -105.29 50.02 -8.61
N LEU F 202 -105.88 51.06 -8.03
CA LEU F 202 -106.43 52.17 -8.79
C LEU F 202 -106.32 53.45 -7.98
N THR F 203 -106.45 54.57 -8.67
CA THR F 203 -106.49 55.86 -8.02
C THR F 203 -107.84 56.06 -7.34
N LYS F 204 -107.82 56.83 -6.24
CA LYS F 204 -109.07 57.10 -5.53
C LYS F 204 -110.14 57.61 -6.48
N ASP F 205 -109.74 58.42 -7.46
CA ASP F 205 -110.69 59.02 -8.37
C ASP F 205 -111.24 58.00 -9.36
N GLU F 206 -110.36 57.32 -10.11
CA GLU F 206 -110.83 56.37 -11.10
C GLU F 206 -111.69 55.27 -10.46
N TYR F 207 -111.53 55.04 -9.17
CA TYR F 207 -112.30 54.00 -8.49
C TYR F 207 -113.80 54.31 -8.54
N GLU F 208 -114.22 55.37 -7.87
CA GLU F 208 -115.65 55.68 -7.81
C GLU F 208 -116.20 56.10 -9.16
N ARG F 209 -115.35 56.40 -10.14
CA ARG F 209 -115.84 56.76 -11.47
C ARG F 209 -116.70 55.65 -12.06
N HIS F 210 -116.46 54.40 -11.65
CA HIS F 210 -117.24 53.25 -12.07
C HIS F 210 -118.05 52.73 -10.90
N ASN F 211 -119.00 51.84 -11.18
CA ASN F 211 -119.84 51.24 -10.14
C ASN F 211 -119.65 49.74 -10.03
N SER F 212 -119.76 49.01 -11.15
CA SER F 212 -119.71 47.56 -11.12
C SER F 212 -118.28 47.07 -11.25
N TYR F 213 -117.85 46.25 -10.30
CA TYR F 213 -116.52 45.66 -10.31
C TYR F 213 -116.66 44.15 -10.18
N THR F 214 -115.90 43.42 -11.00
CA THR F 214 -116.11 41.99 -11.14
C THR F 214 -114.77 41.28 -11.27
N CYS F 215 -114.75 40.05 -10.76
CA CYS F 215 -113.57 39.20 -10.81
C CYS F 215 -113.97 37.90 -11.50
N GLU F 216 -113.34 37.60 -12.62
CA GLU F 216 -113.65 36.41 -13.37
C GLU F 216 -112.56 35.37 -13.13
N ALA F 217 -112.98 34.11 -13.11
CA ALA F 217 -112.08 33.00 -12.87
C ALA F 217 -112.35 32.00 -13.99
N THR F 218 -111.32 31.73 -14.78
CA THR F 218 -111.46 30.84 -15.92
C THR F 218 -110.96 29.45 -15.58
N HIS F 219 -111.59 28.84 -14.58
CA HIS F 219 -111.21 27.50 -14.19
C HIS F 219 -111.63 26.58 -15.33
N LYS F 220 -110.80 25.59 -15.63
CA LYS F 220 -111.00 24.80 -16.85
C LYS F 220 -111.87 23.58 -16.65
N THR F 221 -112.21 23.23 -15.41
CA THR F 221 -113.29 22.27 -15.15
C THR F 221 -114.55 23.01 -14.70
N SER F 222 -114.67 24.27 -15.09
CA SER F 222 -115.75 25.16 -14.73
C SER F 222 -116.15 25.79 -16.07
N THR F 223 -116.89 25.02 -16.88
CA THR F 223 -117.40 25.56 -18.14
C THR F 223 -118.03 26.92 -17.91
N SER F 224 -118.74 27.09 -16.79
CA SER F 224 -119.25 28.40 -16.41
C SER F 224 -118.16 29.07 -15.59
N PRO F 225 -117.57 30.16 -16.07
CA PRO F 225 -116.61 30.91 -15.24
C PRO F 225 -117.18 31.31 -13.89
N ILE F 226 -116.41 31.06 -12.84
CA ILE F 226 -116.79 31.49 -11.50
C ILE F 226 -116.47 32.97 -11.36
N VAL F 227 -117.44 33.75 -10.89
CA VAL F 227 -117.37 35.20 -10.94
C VAL F 227 -118.03 35.79 -9.70
N LYS F 228 -117.48 36.90 -9.21
CA LYS F 228 -118.05 37.62 -8.08
C LYS F 228 -117.95 39.13 -8.32
N SER F 229 -118.94 39.85 -7.79
CA SER F 229 -119.04 41.30 -8.02
C SER F 229 -119.84 41.92 -6.87
N PHE F 230 -120.12 43.22 -6.98
CA PHE F 230 -120.78 43.98 -5.93
C PHE F 230 -121.19 45.34 -6.48
N ASN F 231 -121.60 46.24 -5.58
CA ASN F 231 -122.00 47.60 -5.93
C ASN F 231 -121.57 48.60 -4.84
N PHE G 21 48.93 -22.27 -7.91
CA PHE G 21 48.44 -20.95 -7.58
C PHE G 21 49.24 -19.85 -8.26
N SER G 22 50.55 -20.05 -8.38
CA SER G 22 51.37 -19.11 -9.13
C SER G 22 50.83 -18.92 -10.54
N GLU G 23 50.03 -19.87 -11.02
CA GLU G 23 49.39 -19.73 -12.32
C GLU G 23 48.24 -18.73 -12.24
N ARG G 24 47.31 -18.95 -11.31
CA ARG G 24 46.16 -18.05 -11.19
C ARG G 24 46.60 -16.62 -11.01
N ILE G 25 47.75 -16.40 -10.40
CA ILE G 25 48.28 -15.04 -10.25
C ILE G 25 48.76 -14.51 -11.59
N GLY G 26 49.49 -15.34 -12.35
CA GLY G 26 49.93 -14.91 -13.66
C GLY G 26 48.79 -14.80 -14.64
N ASN G 27 47.78 -15.66 -14.52
CA ASN G 27 46.68 -15.66 -15.48
C ASN G 27 45.85 -14.40 -15.38
N SER G 28 45.50 -14.01 -14.15
CA SER G 28 44.67 -12.82 -13.96
C SER G 28 45.36 -11.58 -14.50
N LEU G 29 46.64 -11.41 -14.16
CA LEU G 29 47.36 -10.22 -14.58
C LEU G 29 47.52 -10.16 -16.09
N SER G 30 47.73 -11.30 -16.73
CA SER G 30 47.94 -11.33 -18.17
C SER G 30 46.74 -10.79 -18.93
N SER G 31 45.58 -10.70 -18.28
CA SER G 31 44.37 -10.25 -18.95
C SER G 31 44.29 -8.74 -19.12
N PHE G 32 45.30 -7.98 -18.68
CA PHE G 32 45.30 -6.54 -18.99
C PHE G 32 45.68 -6.29 -20.44
N LEU G 33 46.71 -6.98 -20.94
CA LEU G 33 47.09 -6.82 -22.34
C LEU G 33 46.09 -7.51 -23.26
N SER G 34 45.90 -8.82 -23.08
CA SER G 34 44.84 -9.53 -23.77
C SER G 34 43.49 -9.23 -23.14
N GLU G 35 42.49 -9.01 -23.99
CA GLU G 35 41.11 -8.65 -23.65
C GLU G 35 40.94 -7.17 -23.30
N SER G 36 42.02 -6.38 -23.26
CA SER G 36 41.97 -4.99 -22.81
C SER G 36 41.05 -4.86 -21.60
N ALA G 37 41.30 -5.70 -20.60
CA ALA G 37 40.41 -5.80 -19.46
C ALA G 37 40.46 -4.54 -18.61
N SER G 38 39.32 -4.21 -18.01
CA SER G 38 39.25 -3.06 -17.14
C SER G 38 40.24 -3.24 -15.99
N LEU G 39 40.86 -2.12 -15.58
CA LEU G 39 41.73 -2.17 -14.41
C LEU G 39 40.98 -2.61 -13.17
N GLU G 40 39.70 -2.23 -13.05
CA GLU G 40 38.91 -2.64 -11.90
C GLU G 40 38.72 -4.15 -11.87
N VAL G 41 38.45 -4.76 -13.02
CA VAL G 41 38.17 -6.19 -13.05
C VAL G 41 39.38 -6.99 -12.59
N ILE G 42 40.58 -6.60 -13.06
CA ILE G 42 41.77 -7.38 -12.77
C ILE G 42 42.07 -7.35 -11.27
N GLY G 43 42.06 -6.17 -10.67
CA GLY G 43 42.29 -6.08 -9.24
C GLY G 43 41.24 -6.83 -8.44
N ASN G 44 39.99 -6.78 -8.89
CA ASN G 44 38.91 -7.44 -8.18
C ASN G 44 39.10 -8.95 -8.18
N GLU G 45 39.46 -9.53 -9.33
CA GLU G 45 39.58 -10.98 -9.44
C GLU G 45 40.82 -11.54 -8.77
N LEU G 46 41.86 -10.73 -8.59
CA LEU G 46 43.08 -11.23 -7.95
C LEU G 46 42.86 -11.46 -6.45
N ALA G 47 42.21 -10.51 -5.78
CA ALA G 47 41.92 -10.70 -4.36
C ALA G 47 41.19 -12.01 -4.13
N ASP G 48 40.37 -12.43 -5.10
CA ASP G 48 39.73 -13.74 -5.00
C ASP G 48 40.78 -14.84 -4.94
N ASN G 49 41.77 -14.81 -5.84
CA ASN G 49 42.78 -15.85 -5.86
C ASN G 49 43.47 -15.97 -4.51
N ILE G 50 43.93 -14.85 -3.96
CA ILE G 50 44.62 -14.86 -2.68
C ILE G 50 43.69 -15.33 -1.58
N ALA G 51 42.56 -14.66 -1.42
CA ALA G 51 41.58 -15.10 -0.44
C ALA G 51 41.20 -16.55 -0.68
N ASN G 52 40.86 -16.89 -1.93
CA ASN G 52 40.63 -18.29 -2.27
C ASN G 52 41.86 -19.14 -1.97
N GLU G 53 43.05 -18.58 -2.13
CA GLU G 53 44.26 -19.36 -1.88
C GLU G 53 44.53 -19.50 -0.39
N ILE G 54 44.44 -18.41 0.37
CA ILE G 54 44.65 -18.50 1.80
C ILE G 54 43.64 -19.43 2.44
N VAL G 55 42.36 -19.23 2.10
CA VAL G 55 41.32 -20.14 2.57
C VAL G 55 41.64 -21.56 2.11
N SER G 56 42.11 -21.71 0.87
CA SER G 56 42.50 -23.03 0.39
C SER G 56 43.82 -23.49 0.99
N SER G 57 44.68 -22.55 1.38
CA SER G 57 45.94 -22.93 2.02
C SER G 57 45.70 -23.51 3.41
N LEU G 58 44.80 -22.91 4.17
CA LEU G 58 44.63 -23.30 5.56
C LEU G 58 43.86 -24.61 5.71
N GLN G 59 42.87 -24.86 4.84
CA GLN G 59 42.14 -26.13 4.90
C GLN G 59 43.11 -27.31 4.87
N LYS G 60 44.26 -27.11 4.23
CA LYS G 60 45.31 -28.12 4.16
C LYS G 60 46.15 -28.17 5.43
N ASP G 61 46.19 -27.09 6.20
CA ASP G 61 47.07 -26.99 7.35
C ASP G 61 46.42 -27.51 8.64
N SER G 62 45.31 -26.90 9.06
CA SER G 62 44.67 -27.21 10.32
C SER G 62 43.45 -28.10 10.11
N ALA G 63 43.23 -29.02 11.06
CA ALA G 63 42.06 -29.89 11.05
C ALA G 63 40.93 -29.35 11.90
N SER G 64 41.22 -28.64 12.98
CA SER G 64 40.16 -28.04 13.78
C SER G 64 39.42 -26.98 12.99
N PHE G 65 40.11 -26.29 12.08
CA PHE G 65 39.43 -25.33 11.23
C PHE G 65 38.60 -26.02 10.15
N LEU G 66 39.19 -26.99 9.46
CA LEU G 66 38.51 -27.61 8.33
C LEU G 66 37.17 -28.21 8.74
N GLN G 67 36.99 -28.46 10.04
CA GLN G 67 35.73 -28.99 10.57
C GLN G 67 34.97 -27.97 11.40
N SER G 68 35.22 -26.68 11.17
CA SER G 68 34.57 -25.63 11.95
C SER G 68 33.21 -25.22 11.39
N GLY G 69 32.94 -25.53 10.12
CA GLY G 69 31.66 -25.20 9.50
C GLY G 69 31.82 -24.31 8.29
N PHE G 70 30.95 -24.48 7.29
CA PHE G 70 31.09 -23.72 6.06
C PHE G 70 30.81 -22.23 6.27
N ASP G 71 29.83 -21.90 7.11
CA ASP G 71 29.57 -20.49 7.39
C ASP G 71 30.77 -19.82 8.03
N VAL G 72 31.71 -20.60 8.56
CA VAL G 72 32.93 -20.04 9.13
C VAL G 72 34.01 -19.85 8.08
N LYS G 73 33.88 -20.47 6.90
CA LYS G 73 34.87 -20.34 5.84
C LYS G 73 34.51 -19.28 4.81
N THR G 74 33.23 -19.16 4.43
CA THR G 74 32.83 -18.13 3.48
C THR G 74 33.06 -16.74 4.04
N GLN G 75 32.74 -16.54 5.32
CA GLN G 75 32.96 -15.24 5.96
C GLN G 75 34.42 -14.81 5.88
N LEU G 76 35.34 -15.76 5.80
CA LEU G 76 36.76 -15.42 5.72
C LEU G 76 37.10 -14.73 4.40
N LYS G 77 36.66 -15.31 3.28
CA LYS G 77 36.99 -14.74 1.98
C LYS G 77 36.58 -13.28 1.91
N ALA G 78 35.59 -12.88 2.70
CA ALA G 78 35.19 -11.48 2.78
C ALA G 78 36.14 -10.69 3.68
N THR G 79 36.32 -11.13 4.92
CA THR G 79 37.17 -10.38 5.85
C THR G 79 38.53 -10.09 5.24
N ALA G 80 39.11 -11.07 4.53
CA ALA G 80 40.35 -10.82 3.82
C ALA G 80 40.14 -9.75 2.75
N LYS G 81 39.19 -9.97 1.85
CA LYS G 81 39.01 -9.05 0.74
C LYS G 81 38.75 -7.63 1.24
N LYS G 82 37.92 -7.50 2.28
CA LYS G 82 37.66 -6.18 2.84
C LYS G 82 38.94 -5.54 3.37
N VAL G 83 39.68 -6.28 4.21
CA VAL G 83 40.91 -5.73 4.77
C VAL G 83 41.88 -5.39 3.64
N LEU G 84 41.96 -6.24 2.63
CA LEU G 84 42.89 -6.02 1.53
C LEU G 84 42.69 -4.65 0.91
N VAL G 85 41.44 -4.35 0.52
CA VAL G 85 41.17 -3.08 -0.14
C VAL G 85 41.37 -1.92 0.83
N GLU G 86 40.77 -2.01 2.02
CA GLU G 86 40.88 -0.92 2.97
C GLU G 86 42.35 -0.63 3.28
N ALA G 87 43.18 -1.66 3.36
CA ALA G 87 44.61 -1.45 3.47
C ALA G 87 45.14 -0.74 2.22
N LEU G 88 44.75 -1.22 1.05
CA LEU G 88 45.20 -0.59 -0.19
C LEU G 88 44.80 0.88 -0.22
N LYS G 89 43.58 1.18 0.22
CA LYS G 89 43.12 2.56 0.25
C LYS G 89 44.07 3.42 1.08
N ALA G 90 44.26 3.06 2.35
CA ALA G 90 45.10 3.84 3.22
C ALA G 90 46.55 3.91 2.74
N ALA G 91 46.95 2.98 1.86
CA ALA G 91 48.34 2.85 1.45
C ALA G 91 48.68 3.62 0.18
N LEU G 92 47.72 4.33 -0.42
CA LEU G 92 47.99 4.95 -1.71
C LEU G 92 48.80 6.23 -1.57
N GLU G 93 48.33 7.15 -0.74
CA GLU G 93 49.02 8.44 -0.61
C GLU G 93 50.47 8.28 -0.20
N PRO G 94 50.82 7.51 0.82
CA PRO G 94 52.26 7.34 1.13
C PRO G 94 53.04 6.76 -0.03
N THR G 95 52.41 5.97 -0.89
CA THR G 95 53.12 5.42 -2.04
C THR G 95 53.51 6.51 -3.04
N GLU G 96 52.60 7.46 -3.29
CA GLU G 96 52.94 8.57 -4.17
C GLU G 96 54.12 9.35 -3.60
N LYS G 97 54.07 9.68 -2.32
CA LYS G 97 55.17 10.41 -1.70
C LYS G 97 56.47 9.64 -1.86
N ILE G 98 56.45 8.34 -1.58
CA ILE G 98 57.64 7.51 -1.78
C ILE G 98 58.07 7.56 -3.24
N VAL G 99 57.12 7.29 -4.15
CA VAL G 99 57.44 7.36 -5.57
C VAL G 99 57.96 8.74 -5.93
N ALA G 100 57.26 9.79 -5.46
CA ALA G 100 57.69 11.15 -5.75
C ALA G 100 59.13 11.37 -5.33
N SER G 101 59.46 11.05 -4.08
CA SER G 101 60.82 11.27 -3.60
C SER G 101 61.81 10.41 -4.38
N THR G 102 61.46 9.15 -4.63
CA THR G 102 62.39 8.25 -5.29
C THR G 102 62.77 8.74 -6.68
N ILE G 103 61.97 9.64 -7.25
CA ILE G 103 62.19 10.13 -8.60
C ILE G 103 62.38 11.64 -8.64
N LYS G 104 62.25 12.33 -7.53
CA LYS G 104 62.38 13.78 -7.52
C LYS G 104 63.85 14.16 -7.65
N PRO G 105 64.20 15.07 -8.55
CA PRO G 105 65.58 15.56 -8.62
C PRO G 105 66.07 15.96 -7.24
N PRO G 106 67.40 15.90 -7.01
CA PRO G 106 68.41 15.54 -8.00
C PRO G 106 68.47 14.05 -8.27
N ARG G 107 67.50 13.29 -7.72
CA ARG G 107 67.42 11.87 -8.00
C ARG G 107 67.38 11.62 -9.51
N VAL G 108 66.80 12.55 -10.26
CA VAL G 108 66.80 12.50 -11.71
C VAL G 108 67.01 13.91 -12.24
N SER G 109 67.52 14.00 -13.46
CA SER G 109 67.75 15.29 -14.09
C SER G 109 66.47 16.10 -14.07
N GLU G 110 66.59 17.37 -13.69
CA GLU G 110 65.43 18.25 -13.74
C GLU G 110 64.92 18.38 -15.17
N ASP G 111 65.83 18.46 -16.15
CA ASP G 111 65.42 18.44 -17.55
C ASP G 111 64.72 17.13 -17.90
N ALA G 112 65.03 16.05 -17.17
CA ALA G 112 64.35 14.78 -17.36
C ALA G 112 63.08 14.68 -16.52
N TYR G 113 63.12 15.19 -15.28
CA TYR G 113 61.93 15.17 -14.44
C TYR G 113 60.78 15.95 -15.05
N PHE G 114 61.07 16.87 -15.99
CA PHE G 114 60.02 17.57 -16.71
C PHE G 114 59.10 16.60 -17.43
N LEU G 115 59.61 15.43 -17.81
CA LEU G 115 58.82 14.44 -18.53
C LEU G 115 58.29 13.33 -17.64
N LEU G 116 58.76 13.25 -16.39
CA LEU G 116 58.42 12.12 -15.53
C LEU G 116 57.22 12.42 -14.63
N GLY G 117 57.33 13.45 -13.80
CA GLY G 117 56.29 13.80 -12.87
C GLY G 117 54.90 13.75 -13.49
N PRO G 118 54.71 14.49 -14.58
CA PRO G 118 53.37 14.56 -15.19
C PRO G 118 52.78 13.21 -15.52
N VAL G 119 53.58 12.31 -16.08
CA VAL G 119 53.04 11.04 -16.54
C VAL G 119 52.89 10.08 -15.38
N VAL G 120 53.87 10.07 -14.47
CA VAL G 120 53.70 9.37 -13.20
C VAL G 120 52.39 9.81 -12.55
N LYS G 121 52.18 11.13 -12.46
CA LYS G 121 50.99 11.63 -11.80
C LYS G 121 49.76 11.34 -12.63
N THR G 122 49.89 11.33 -13.96
CA THR G 122 48.77 10.93 -14.81
C THR G 122 48.27 9.54 -14.42
N LEU G 123 49.16 8.55 -14.41
CA LEU G 123 48.71 7.21 -14.07
C LEU G 123 48.30 7.15 -12.61
N PHE G 124 48.95 7.94 -11.76
CA PHE G 124 48.59 7.89 -10.35
C PHE G 124 47.24 8.53 -10.13
N ASN G 125 46.87 9.49 -10.98
CA ASN G 125 45.48 9.94 -11.04
C ASN G 125 44.55 8.79 -11.42
N LYS G 126 44.89 8.06 -12.50
CA LYS G 126 44.04 6.95 -12.93
C LYS G 126 43.66 6.07 -11.75
N VAL G 127 44.59 5.84 -10.83
CA VAL G 127 44.28 5.06 -9.65
C VAL G 127 43.43 5.85 -8.67
N GLU G 128 43.86 7.09 -8.36
CA GLU G 128 43.12 7.95 -7.46
C GLU G 128 41.64 7.92 -7.83
N ASP G 129 41.36 7.84 -9.13
CA ASP G 129 40.00 7.67 -9.60
C ASP G 129 39.40 6.37 -9.08
N VAL G 130 39.97 5.23 -9.48
CA VAL G 130 39.30 3.95 -9.30
C VAL G 130 39.01 3.67 -7.83
N LEU G 131 40.03 3.78 -6.98
CA LEU G 131 39.76 3.58 -5.56
C LEU G 131 38.97 4.72 -4.96
N HIS G 132 38.70 5.77 -5.71
CA HIS G 132 38.01 6.94 -5.19
C HIS G 132 38.70 7.44 -3.94
N LYS G 133 40.03 7.48 -3.98
CA LYS G 133 40.85 8.06 -2.91
C LYS G 133 41.76 9.09 -3.55
N PRO G 134 41.20 10.25 -3.92
CA PRO G 134 42.01 11.23 -4.66
C PRO G 134 43.20 11.70 -3.85
N ILE G 135 44.30 11.95 -4.55
CA ILE G 135 45.46 12.58 -3.94
C ILE G 135 45.83 13.75 -4.83
N PRO G 136 45.96 14.96 -4.29
CA PRO G 136 46.35 16.09 -5.13
C PRO G 136 47.68 15.81 -5.81
N ASP G 137 47.83 16.36 -7.01
CA ASP G 137 49.02 16.14 -7.81
C ASP G 137 50.18 17.04 -7.39
N THR G 138 50.11 17.61 -6.18
CA THR G 138 51.16 18.49 -5.69
C THR G 138 52.41 17.72 -5.26
N ILE G 139 52.24 16.55 -4.66
CA ILE G 139 53.36 15.76 -4.15
C ILE G 139 54.45 15.75 -5.21
N TRP G 140 54.05 15.68 -6.48
CA TRP G 140 54.98 15.79 -7.59
C TRP G 140 55.26 17.27 -7.81
N GLU G 141 56.50 17.68 -7.52
CA GLU G 141 56.82 19.09 -7.39
C GLU G 141 58.28 19.33 -7.77
N TYR G 142 58.49 20.24 -8.73
CA TYR G 142 59.83 20.74 -9.07
C TYR G 142 60.87 19.63 -9.12
N GLU H 20 20.75 7.03 14.85
CA GLU H 20 20.92 6.33 13.59
C GLU H 20 21.84 7.09 12.64
N ILE H 21 22.09 6.51 11.47
CA ILE H 21 22.96 7.13 10.47
C ILE H 21 22.14 8.16 9.71
N GLN H 22 22.54 9.43 9.80
CA GLN H 22 21.78 10.50 9.20
C GLN H 22 22.71 11.64 8.78
N LEU H 23 22.44 12.19 7.59
CA LEU H 23 23.23 13.27 7.02
C LEU H 23 22.36 14.52 7.02
N GLN H 24 22.76 15.51 7.80
CA GLN H 24 22.02 16.77 7.90
C GLN H 24 22.67 17.81 7.00
N GLN H 25 21.84 18.65 6.41
CA GLN H 25 22.29 19.70 5.50
C GLN H 25 21.80 21.07 5.99
N SER H 26 22.05 22.07 5.16
CA SER H 26 21.56 23.42 5.38
C SER H 26 20.21 23.60 4.71
N GLY H 27 19.51 24.66 5.11
CA GLY H 27 18.24 25.01 4.53
C GLY H 27 18.41 25.70 3.20
N PRO H 28 17.28 26.06 2.59
CA PRO H 28 17.33 26.72 1.28
C PRO H 28 18.09 28.03 1.37
N GLU H 29 18.71 28.41 0.26
CA GLU H 29 19.48 29.65 0.19
C GLU H 29 18.97 30.47 -0.97
N LEU H 30 18.50 31.67 -0.67
CA LEU H 30 18.27 32.70 -1.68
C LEU H 30 19.57 33.49 -1.80
N VAL H 31 20.17 33.47 -2.99
CA VAL H 31 21.45 34.11 -3.23
C VAL H 31 21.30 35.03 -4.44
N LYS H 32 21.84 36.25 -4.32
CA LYS H 32 21.78 37.18 -5.42
C LYS H 32 22.63 36.67 -6.59
N PRO H 33 22.20 36.92 -7.82
CA PRO H 33 22.94 36.38 -8.96
C PRO H 33 24.38 36.85 -8.96
N GLY H 34 25.26 35.99 -9.44
CA GLY H 34 26.66 36.33 -9.50
C GLY H 34 27.38 36.27 -8.17
N ALA H 35 26.73 35.78 -7.13
CA ALA H 35 27.35 35.62 -5.83
C ALA H 35 27.75 34.17 -5.62
N SER H 36 28.46 33.93 -4.52
CA SER H 36 28.88 32.60 -4.12
C SER H 36 28.01 32.14 -2.96
N VAL H 37 28.09 30.85 -2.64
CA VAL H 37 27.35 30.28 -1.53
C VAL H 37 28.12 29.09 -0.99
N LYS H 38 28.00 28.87 0.32
CA LYS H 38 28.71 27.82 1.04
C LYS H 38 27.72 27.02 1.86
N VAL H 39 27.21 25.93 1.27
CA VAL H 39 26.29 25.05 1.98
C VAL H 39 27.08 24.01 2.75
N SER H 40 26.42 23.42 3.75
CA SER H 40 27.06 22.46 4.65
C SER H 40 26.23 21.17 4.68
N CYS H 41 26.88 20.10 5.12
CA CYS H 41 26.23 18.79 5.25
C CYS H 41 26.89 18.04 6.40
N LYS H 42 26.18 17.95 7.53
CA LYS H 42 26.72 17.27 8.70
C LYS H 42 26.28 15.81 8.72
N ALA H 43 27.06 14.99 9.41
CA ALA H 43 26.85 13.57 9.52
C ALA H 43 26.72 13.16 10.98
N SER H 44 26.19 11.95 11.20
CA SER H 44 26.09 11.41 12.55
C SER H 44 25.79 9.92 12.47
N GLY H 45 25.95 9.25 13.59
CA GLY H 45 25.71 7.82 13.71
C GLY H 45 26.92 6.97 13.37
N TYR H 46 27.53 7.24 12.22
CA TYR H 46 28.71 6.52 11.76
C TYR H 46 29.95 7.38 11.99
N SER H 47 31.10 6.88 11.54
CA SER H 47 32.36 7.60 11.66
C SER H 47 32.51 8.54 10.48
N PHE H 48 32.41 9.84 10.76
CA PHE H 48 32.39 10.84 9.70
C PHE H 48 33.55 10.67 8.74
N THR H 49 34.71 10.27 9.24
CA THR H 49 35.94 10.31 8.46
C THR H 49 36.21 9.06 7.64
N ASP H 50 35.54 7.94 7.93
CA ASP H 50 35.89 6.72 7.20
C ASP H 50 35.25 6.67 5.82
N TYR H 51 34.11 7.32 5.64
CA TYR H 51 33.39 7.32 4.37
C TYR H 51 33.62 8.64 3.64
N ASN H 52 33.49 8.59 2.31
CA ASN H 52 33.60 9.77 1.47
C ASN H 52 32.25 10.47 1.38
N MET H 53 32.28 11.72 0.92
CA MET H 53 31.09 12.53 0.74
C MET H 53 31.02 13.02 -0.69
N TYR H 54 29.92 12.71 -1.37
CA TYR H 54 29.69 13.10 -2.75
C TYR H 54 28.57 14.12 -2.81
N TRP H 55 28.59 14.94 -3.86
CA TRP H 55 27.62 16.01 -4.04
C TRP H 55 26.97 15.89 -5.41
N VAL H 56 25.66 16.11 -5.47
CA VAL H 56 24.88 15.92 -6.69
C VAL H 56 23.89 17.07 -6.85
N LYS H 57 23.51 17.32 -8.10
CA LYS H 57 22.59 18.38 -8.47
C LYS H 57 21.38 17.79 -9.18
N GLN H 58 20.23 18.43 -9.00
CA GLN H 58 18.99 17.98 -9.64
C GLN H 58 18.23 19.20 -10.15
N SER H 59 18.29 19.44 -11.45
CA SER H 59 17.51 20.49 -12.09
C SER H 59 16.14 19.96 -12.47
N HIS H 60 15.16 20.88 -12.49
CA HIS H 60 13.81 20.56 -12.91
C HIS H 60 13.16 19.57 -11.95
N GLY H 61 13.90 19.16 -10.92
CA GLY H 61 13.53 17.95 -10.22
C GLY H 61 13.53 16.73 -11.10
N LYS H 62 14.25 16.77 -12.23
CA LYS H 62 14.29 15.64 -13.15
C LYS H 62 15.68 15.05 -13.31
N SER H 63 16.65 15.82 -13.80
CA SER H 63 17.92 15.28 -14.24
C SER H 63 18.96 15.40 -13.13
N LEU H 64 19.67 14.32 -12.88
CA LEU H 64 20.63 14.22 -11.79
C LEU H 64 22.05 14.24 -12.33
N GLU H 65 22.90 15.05 -11.72
CA GLU H 65 24.24 15.30 -12.23
C GLU H 65 25.23 15.27 -11.06
N TRP H 66 26.33 14.54 -11.22
CA TRP H 66 27.38 14.50 -10.21
C TRP H 66 28.34 15.67 -10.38
N ILE H 67 28.76 16.24 -9.27
CA ILE H 67 29.67 17.37 -9.29
C ILE H 67 31.07 16.91 -8.90
N GLY H 68 31.21 16.40 -7.69
CA GLY H 68 32.52 16.02 -7.21
C GLY H 68 32.42 15.25 -5.92
N TYR H 69 33.57 15.06 -5.28
CA TYR H 69 33.63 14.45 -3.97
C TYR H 69 34.99 14.73 -3.35
N ILE H 70 35.13 14.33 -2.10
CA ILE H 70 36.29 14.67 -1.28
C ILE H 70 36.48 13.56 -0.26
N ASP H 71 37.74 13.21 0.01
CA ASP H 71 38.04 12.22 1.04
C ASP H 71 38.32 12.96 2.34
N PRO H 72 37.50 12.79 3.38
CA PRO H 72 37.72 13.60 4.59
C PRO H 72 39.11 13.44 5.18
N TYR H 73 39.58 12.20 5.30
CA TYR H 73 40.88 11.94 5.92
C TYR H 73 42.01 12.59 5.13
N ASN H 74 42.08 12.32 3.83
CA ASN H 74 43.10 12.92 2.98
C ASN H 74 42.77 14.36 2.61
N GLY H 75 41.49 14.68 2.47
CA GLY H 75 41.07 16.01 2.07
C GLY H 75 41.16 16.29 0.59
N GLY H 76 41.53 15.30 -0.22
CA GLY H 76 41.65 15.52 -1.65
C GLY H 76 40.28 15.47 -2.32
N THR H 77 40.11 16.34 -3.31
CA THR H 77 38.85 16.48 -4.01
C THR H 77 38.99 15.93 -5.43
N ARG H 78 37.84 15.58 -6.01
CA ARG H 78 37.77 15.15 -7.40
C ARG H 78 36.48 15.72 -7.97
N TYR H 79 36.61 16.49 -9.05
CA TYR H 79 35.48 17.21 -9.61
C TYR H 79 35.10 16.67 -10.99
N ASN H 80 33.84 16.88 -11.34
CA ASN H 80 33.40 16.73 -12.72
C ASN H 80 33.87 17.92 -13.54
N GLN H 81 34.26 17.65 -14.80
CA GLN H 81 34.80 18.71 -15.65
C GLN H 81 33.83 19.89 -15.74
N LYS H 82 32.53 19.62 -15.84
CA LYS H 82 31.59 20.73 -16.02
C LYS H 82 31.63 21.70 -14.84
N PHE H 83 31.91 21.20 -13.64
CA PHE H 83 31.89 22.02 -12.44
C PHE H 83 33.27 22.12 -11.82
N ARG H 84 34.31 22.01 -12.64
CA ARG H 84 35.66 21.97 -12.11
C ARG H 84 35.97 23.23 -11.31
N ASP H 85 35.60 24.38 -11.84
CA ASP H 85 35.87 25.66 -11.19
C ASP H 85 34.62 26.31 -10.62
N LYS H 86 33.43 25.87 -11.03
CA LYS H 86 32.21 26.38 -10.41
C LYS H 86 32.13 26.00 -8.94
N ALA H 87 32.46 24.75 -8.61
CA ALA H 87 32.25 24.20 -7.29
C ALA H 87 33.57 24.05 -6.53
N THR H 88 33.50 24.21 -5.21
CA THR H 88 34.65 24.06 -4.34
C THR H 88 34.21 23.36 -3.05
N LEU H 89 34.86 22.24 -2.74
CA LEU H 89 34.49 21.43 -1.58
C LEU H 89 35.50 21.61 -0.45
N THR H 90 34.99 21.68 0.77
CA THR H 90 35.81 21.75 1.97
C THR H 90 35.16 20.89 3.05
N VAL H 91 35.86 20.71 4.16
CA VAL H 91 35.40 19.85 5.24
C VAL H 91 35.83 20.44 6.59
N ASP H 92 35.27 19.89 7.67
CA ASP H 92 35.68 20.22 9.03
C ASP H 92 35.43 18.98 9.89
N LYS H 93 36.49 18.24 10.18
CA LYS H 93 36.35 17.02 10.96
C LYS H 93 35.82 17.30 12.36
N SER H 94 36.22 18.43 12.95
CA SER H 94 35.79 18.75 14.30
C SER H 94 34.28 18.68 14.42
N SER H 95 33.58 19.29 13.47
CA SER H 95 32.13 19.30 13.44
C SER H 95 31.55 18.12 12.66
N SER H 96 32.39 17.22 12.15
CA SER H 96 31.92 16.10 11.33
C SER H 96 31.09 16.61 10.16
N THR H 97 31.56 17.67 9.52
CA THR H 97 30.79 18.36 8.51
C THR H 97 31.60 18.55 7.23
N ALA H 98 30.88 18.50 6.11
CA ALA H 98 31.42 18.81 4.79
C ALA H 98 30.65 19.97 4.20
N PHE H 99 31.31 20.72 3.34
CA PHE H 99 30.73 21.93 2.76
C PHE H 99 30.92 21.90 1.26
N MET H 100 30.08 22.68 0.58
CA MET H 100 30.17 22.84 -0.87
C MET H 100 30.08 24.32 -1.16
N HIS H 101 31.09 24.84 -1.86
CA HIS H 101 31.19 26.26 -2.15
C HIS H 101 31.01 26.48 -3.64
N LEU H 102 30.20 27.48 -4.00
CA LEU H 102 29.86 27.75 -5.38
C LEU H 102 30.08 29.23 -5.67
N ASN H 103 30.38 29.53 -6.93
CA ASN H 103 30.72 30.89 -7.33
C ASN H 103 29.99 31.24 -8.62
N SER H 104 29.79 32.54 -8.82
CA SER H 104 29.20 33.07 -10.04
C SER H 104 27.89 32.36 -10.36
N LEU H 105 26.93 32.52 -9.46
CA LEU H 105 25.68 31.79 -9.56
C LEU H 105 24.79 32.40 -10.63
N THR H 106 24.34 31.56 -11.56
CA THR H 106 23.41 31.95 -12.60
C THR H 106 22.09 31.21 -12.41
N SER H 107 21.09 31.62 -13.18
CA SER H 107 19.84 30.88 -13.21
C SER H 107 20.08 29.42 -13.49
N GLU H 108 21.01 29.11 -14.39
CA GLU H 108 21.32 27.73 -14.70
C GLU H 108 21.88 26.99 -13.49
N ASP H 109 22.30 27.72 -12.45
CA ASP H 109 22.88 27.12 -11.26
C ASP H 109 21.89 26.97 -10.11
N SER H 110 20.61 27.28 -10.31
CA SER H 110 19.62 27.17 -9.24
C SER H 110 18.95 25.81 -9.29
N ALA H 111 19.06 25.05 -8.21
CA ALA H 111 18.46 23.72 -8.16
C ALA H 111 18.54 23.21 -6.72
N VAL H 112 18.25 21.92 -6.54
CA VAL H 112 18.37 21.25 -5.26
C VAL H 112 19.67 20.47 -5.26
N TYR H 113 20.41 20.56 -4.16
CA TYR H 113 21.74 19.95 -4.04
C TYR H 113 21.73 18.97 -2.89
N TYR H 114 22.11 17.72 -3.18
CA TYR H 114 22.15 16.65 -2.20
C TYR H 114 23.59 16.35 -1.78
N CYS H 115 23.73 15.72 -0.61
CA CYS H 115 25.00 15.18 -0.14
C CYS H 115 24.80 13.72 0.24
N ALA H 116 25.79 12.88 -0.04
CA ALA H 116 25.65 11.45 0.17
C ALA H 116 26.96 10.84 0.66
N ARG H 117 26.83 9.64 1.20
CA ARG H 117 27.93 8.88 1.77
C ARG H 117 28.32 7.75 0.81
N GLY H 118 29.51 7.22 1.01
CA GLY H 118 29.94 6.07 0.23
C GLY H 118 31.22 5.49 0.78
N TYR H 119 31.50 4.26 0.35
CA TYR H 119 32.79 3.62 0.63
C TYR H 119 33.08 2.62 -0.48
N TYR H 120 34.29 2.67 -1.02
CA TYR H 120 34.66 1.82 -2.14
C TYR H 120 35.18 0.49 -1.59
N TYR H 121 34.53 -0.59 -1.99
CA TYR H 121 34.92 -1.94 -1.60
C TYR H 121 35.08 -2.81 -2.84
N GLY H 122 35.79 -2.26 -3.83
CA GLY H 122 36.12 -3.01 -5.01
C GLY H 122 35.13 -2.82 -6.14
N ASN H 123 33.87 -3.11 -5.88
CA ASN H 123 32.85 -2.89 -6.90
C ASN H 123 32.66 -1.40 -7.11
N PRO H 124 32.21 -0.99 -8.29
CA PRO H 124 31.92 0.43 -8.53
C PRO H 124 31.03 0.99 -7.43
N LEU H 125 31.27 2.24 -7.08
CA LEU H 125 30.64 2.82 -5.91
C LEU H 125 29.17 3.13 -6.16
N HIS H 126 28.38 3.07 -5.09
CA HIS H 126 26.98 3.46 -5.08
C HIS H 126 26.76 4.43 -3.92
N PHE H 127 25.50 4.84 -3.71
CA PHE H 127 25.15 5.83 -2.70
C PHE H 127 24.18 5.19 -1.71
N ASP H 128 24.62 5.04 -0.47
CA ASP H 128 23.81 4.37 0.54
C ASP H 128 23.01 5.33 1.41
N VAL H 129 23.43 6.59 1.53
CA VAL H 129 22.74 7.56 2.36
C VAL H 129 22.69 8.89 1.63
N TRP H 130 21.56 9.59 1.76
CA TRP H 130 21.36 10.87 1.11
C TRP H 130 20.88 11.90 2.12
N GLY H 131 21.29 13.14 1.91
CA GLY H 131 20.84 14.22 2.74
C GLY H 131 19.49 14.74 2.32
N ALA H 132 18.95 15.64 3.16
CA ALA H 132 17.61 16.15 2.92
C ALA H 132 17.51 16.92 1.61
N GLY H 133 18.63 17.32 1.04
CA GLY H 133 18.60 18.15 -0.15
C GLY H 133 18.52 19.61 0.21
N THR H 134 19.41 20.42 -0.34
CA THR H 134 19.41 21.85 -0.11
C THR H 134 18.98 22.53 -1.40
N THR H 135 17.86 23.24 -1.35
CA THR H 135 17.32 23.91 -2.52
C THR H 135 17.91 25.31 -2.60
N VAL H 136 18.70 25.57 -3.62
CA VAL H 136 19.34 26.85 -3.82
C VAL H 136 18.61 27.59 -4.92
N THR H 137 18.28 28.84 -4.66
CA THR H 137 17.54 29.67 -5.59
C THR H 137 18.34 30.93 -5.89
N VAL H 138 18.59 31.18 -7.18
CA VAL H 138 19.29 32.37 -7.64
C VAL H 138 18.28 33.30 -8.27
N SER H 139 18.14 34.51 -7.71
CA SER H 139 17.24 35.50 -8.28
C SER H 139 17.47 36.87 -7.67
N SER H 140 17.55 37.90 -8.52
CA SER H 140 17.64 39.26 -8.03
C SER H 140 16.32 39.74 -7.42
N ALA H 141 15.24 38.97 -7.57
CA ALA H 141 13.96 39.36 -7.00
C ALA H 141 14.05 39.46 -5.48
N LYS H 142 13.26 40.36 -4.92
CA LYS H 142 13.32 40.63 -3.50
C LYS H 142 12.55 39.57 -2.72
N THR H 143 12.79 39.53 -1.41
CA THR H 143 11.98 38.71 -0.52
C THR H 143 10.72 39.49 -0.19
N THR H 144 9.58 38.98 -0.64
CA THR H 144 8.30 39.62 -0.43
C THR H 144 7.36 38.64 0.27
N PRO H 145 6.71 39.03 1.36
CA PRO H 145 5.79 38.11 2.01
C PRO H 145 4.59 37.82 1.14
N PRO H 146 3.88 36.74 1.39
CA PRO H 146 2.72 36.39 0.57
C PRO H 146 1.47 37.16 0.96
N SER H 147 0.53 37.17 0.02
CA SER H 147 -0.82 37.66 0.25
C SER H 147 -1.76 36.46 0.19
N VAL H 148 -2.58 36.31 1.23
CA VAL H 148 -3.44 35.14 1.39
C VAL H 148 -4.89 35.57 1.29
N TYR H 149 -5.67 34.85 0.48
CA TYR H 149 -7.10 35.11 0.35
C TYR H 149 -7.87 33.80 0.49
N PRO H 150 -8.95 33.78 1.26
CA PRO H 150 -9.74 32.55 1.41
C PRO H 150 -10.56 32.26 0.17
N LEU H 151 -11.32 31.16 0.20
CA LEU H 151 -12.17 30.78 -0.92
C LEU H 151 -13.40 30.07 -0.34
N ALA H 152 -14.56 30.69 -0.45
CA ALA H 152 -15.78 30.15 0.13
C ALA H 152 -16.77 29.82 -0.98
N PRO H 153 -17.58 28.78 -0.81
CA PRO H 153 -18.46 28.34 -1.90
C PRO H 153 -19.42 29.48 -2.18
N GLY H 154 -19.34 30.01 -3.40
CA GLY H 154 -19.89 31.34 -3.63
C GLY H 154 -21.39 31.45 -3.54
N SER H 155 -22.13 30.89 -4.51
CA SER H 155 -23.56 31.05 -4.48
C SER H 155 -24.21 30.32 -3.31
N ALA H 156 -23.48 29.42 -2.64
CA ALA H 156 -24.05 28.54 -1.63
C ALA H 156 -25.09 27.63 -2.29
N ALA H 157 -24.99 27.57 -3.62
CA ALA H 157 -25.99 27.11 -4.56
C ALA H 157 -26.02 25.62 -4.84
N GLN H 158 -25.16 24.82 -4.21
CA GLN H 158 -25.23 23.40 -4.52
C GLN H 158 -24.79 22.60 -3.27
N THR H 159 -25.76 22.25 -2.43
CA THR H 159 -25.48 21.44 -1.25
C THR H 159 -25.39 19.97 -1.61
N ASN H 160 -24.16 19.49 -1.79
CA ASN H 160 -23.87 18.08 -1.66
C ASN H 160 -23.43 17.86 -0.22
N SER H 161 -23.23 16.60 0.16
CA SER H 161 -22.83 16.35 1.53
C SER H 161 -21.36 16.64 1.75
N MET H 162 -20.72 17.33 0.80
CA MET H 162 -19.28 17.56 0.80
C MET H 162 -19.04 18.90 0.11
N VAL H 163 -18.55 19.87 0.87
CA VAL H 163 -18.35 21.24 0.39
C VAL H 163 -16.85 21.49 0.30
N THR H 164 -16.37 21.76 -0.91
CA THR H 164 -14.97 22.06 -1.12
C THR H 164 -14.69 23.52 -0.78
N LEU H 165 -13.72 23.75 0.08
CA LEU H 165 -13.24 25.08 0.43
C LEU H 165 -11.82 25.27 -0.10
N GLY H 166 -11.36 26.52 -0.10
CA GLY H 166 -10.06 26.84 -0.65
C GLY H 166 -9.33 27.88 0.16
N CYS H 167 -8.07 28.10 -0.24
CA CYS H 167 -7.18 29.07 0.38
C CYS H 167 -6.17 29.46 -0.69
N LEU H 168 -5.99 30.76 -0.92
CA LEU H 168 -5.20 31.27 -2.03
C LEU H 168 -4.02 32.06 -1.50
N VAL H 169 -2.81 31.65 -1.88
CA VAL H 169 -1.57 32.33 -1.49
C VAL H 169 -0.96 32.93 -2.74
N LYS H 170 -0.71 34.23 -2.71
CA LYS H 170 -0.25 34.95 -3.88
C LYS H 170 0.87 35.91 -3.51
N GLY H 171 1.79 36.12 -4.44
CA GLY H 171 2.75 37.20 -4.34
C GLY H 171 3.77 37.04 -3.24
N TYR H 172 4.69 36.10 -3.39
CA TYR H 172 5.76 35.93 -2.42
C TYR H 172 7.00 35.41 -3.12
N PHE H 173 8.15 35.63 -2.46
CA PHE H 173 9.42 35.19 -3.00
C PHE H 173 10.40 35.09 -1.85
N PRO H 174 11.20 34.01 -1.76
CA PRO H 174 11.30 32.82 -2.63
C PRO H 174 10.12 31.87 -2.49
N GLU H 175 10.23 30.68 -3.09
CA GLU H 175 9.09 29.79 -3.22
C GLU H 175 8.66 29.06 -1.95
N PRO H 176 9.59 28.58 -1.10
CA PRO H 176 9.17 27.67 -0.04
C PRO H 176 8.13 28.29 0.89
N VAL H 177 6.92 27.74 0.87
CA VAL H 177 5.83 28.13 1.76
C VAL H 177 5.04 26.88 2.13
N THR H 178 4.56 26.84 3.38
CA THR H 178 3.85 25.67 3.89
C THR H 178 2.42 26.04 4.26
N VAL H 179 1.51 25.06 4.09
CA VAL H 179 0.08 25.27 4.29
C VAL H 179 -0.48 24.09 5.08
N THR H 180 -0.96 24.36 6.28
CA THR H 180 -1.74 23.41 7.05
C THR H 180 -3.13 23.97 7.30
N TRP H 181 -4.03 23.09 7.72
CA TRP H 181 -5.41 23.43 8.00
C TRP H 181 -5.72 23.10 9.45
N ASN H 182 -6.25 24.07 10.17
CA ASN H 182 -6.50 23.90 11.61
C ASN H 182 -5.22 23.48 12.32
N SER H 183 -4.10 24.06 11.88
CA SER H 183 -2.79 23.82 12.48
C SER H 183 -2.35 22.36 12.30
N GLY H 184 -2.76 21.73 11.20
CA GLY H 184 -2.33 20.40 10.86
C GLY H 184 -3.30 19.30 11.25
N SER H 185 -4.22 19.57 12.19
CA SER H 185 -5.17 18.54 12.59
C SER H 185 -5.87 17.98 11.36
N LEU H 186 -6.35 18.86 10.48
CA LEU H 186 -6.97 18.44 9.23
C LEU H 186 -5.90 17.95 8.26
N SER H 187 -5.61 16.65 8.30
CA SER H 187 -4.64 16.05 7.39
C SER H 187 -5.31 15.30 6.25
N SER H 188 -6.50 14.78 6.46
CA SER H 188 -7.19 13.98 5.45
C SER H 188 -7.89 14.87 4.44
N GLY H 189 -7.82 14.48 3.17
CA GLY H 189 -8.62 15.10 2.14
C GLY H 189 -8.19 16.48 1.72
N VAL H 190 -6.94 16.84 1.93
CA VAL H 190 -6.44 18.16 1.56
C VAL H 190 -5.66 18.04 0.26
N HIS H 191 -5.53 19.17 -0.45
CA HIS H 191 -4.80 19.22 -1.71
C HIS H 191 -4.16 20.59 -1.82
N THR H 192 -2.84 20.62 -1.85
CA THR H 192 -2.09 21.87 -2.03
C THR H 192 -1.33 21.79 -3.35
N PHE H 193 -1.58 22.77 -4.24
CA PHE H 193 -1.07 22.68 -5.60
C PHE H 193 0.30 23.34 -5.73
N PRO H 194 1.17 22.81 -6.60
CA PRO H 194 2.45 23.48 -6.82
C PRO H 194 2.26 24.91 -7.28
N ALA H 195 3.14 25.78 -6.83
CA ALA H 195 3.09 27.18 -7.23
C ALA H 195 3.60 27.33 -8.66
N VAL H 196 3.22 28.46 -9.27
CA VAL H 196 3.65 28.81 -10.61
C VAL H 196 4.15 30.24 -10.58
N LEU H 197 5.33 30.46 -11.13
CA LEU H 197 5.96 31.77 -11.06
C LEU H 197 5.45 32.66 -12.19
N GLN H 198 5.21 33.92 -11.86
CA GLN H 198 4.92 34.93 -12.88
C GLN H 198 5.48 36.25 -12.37
N SER H 199 6.49 36.77 -13.06
CA SER H 199 7.06 38.08 -12.75
C SER H 199 7.60 38.13 -11.32
N ASP H 200 8.52 37.21 -11.03
CA ASP H 200 9.19 37.15 -9.73
C ASP H 200 8.20 37.05 -8.58
N LEU H 201 7.13 36.29 -8.77
CA LEU H 201 6.11 36.13 -7.73
C LEU H 201 5.48 34.75 -7.86
N TYR H 202 5.54 33.97 -6.79
CA TYR H 202 5.01 32.62 -6.76
C TYR H 202 3.55 32.64 -6.33
N THR H 203 2.74 31.76 -6.94
CA THR H 203 1.30 31.74 -6.74
C THR H 203 0.84 30.32 -6.43
N LEU H 204 0.40 30.11 -5.20
CA LEU H 204 -0.04 28.82 -4.67
C LEU H 204 -1.54 28.81 -4.42
N SER H 205 -2.13 27.60 -4.41
CA SER H 205 -3.49 27.39 -3.93
C SER H 205 -3.58 26.07 -3.16
N SER H 206 -4.55 25.99 -2.24
CA SER H 206 -4.88 24.75 -1.54
C SER H 206 -6.39 24.63 -1.44
N SER H 207 -6.87 23.38 -1.30
CA SER H 207 -8.28 23.12 -1.13
C SER H 207 -8.48 22.05 -0.06
N VAL H 208 -9.71 21.96 0.44
CA VAL H 208 -10.10 20.95 1.42
C VAL H 208 -11.56 20.59 1.16
N THR H 209 -11.87 19.31 1.29
CA THR H 209 -13.22 18.80 1.05
C THR H 209 -13.76 18.23 2.36
N VAL H 210 -14.91 18.75 2.81
CA VAL H 210 -15.47 18.38 4.10
C VAL H 210 -16.98 18.33 3.99
N PRO H 211 -17.64 17.68 4.94
CA PRO H 211 -19.10 17.54 4.85
C PRO H 211 -19.82 18.84 5.16
N SER H 212 -20.96 19.03 4.48
CA SER H 212 -21.73 20.25 4.64
C SER H 212 -22.17 20.46 6.08
N SER H 213 -22.22 19.39 6.87
CA SER H 213 -22.74 19.43 8.23
C SER H 213 -21.71 19.86 9.26
N THR H 214 -20.47 20.12 8.83
CA THR H 214 -19.38 20.44 9.75
C THR H 214 -18.88 21.87 9.62
N TRP H 215 -18.54 22.31 8.41
CA TRP H 215 -17.83 23.58 8.29
C TRP H 215 -18.60 24.75 8.87
N PRO H 216 -19.85 25.00 8.50
CA PRO H 216 -20.53 26.18 9.04
C PRO H 216 -20.51 26.24 10.56
N SER H 217 -20.52 25.08 11.22
CA SER H 217 -20.44 25.01 12.67
C SER H 217 -19.00 24.95 13.16
N GLU H 218 -18.20 24.09 12.54
CA GLU H 218 -16.81 23.86 12.96
C GLU H 218 -15.92 24.92 12.33
N THR H 219 -15.46 25.87 13.14
CA THR H 219 -14.68 26.99 12.61
C THR H 219 -13.44 26.46 11.93
N VAL H 220 -13.40 26.56 10.63
CA VAL H 220 -12.25 26.13 9.85
C VAL H 220 -11.30 27.30 9.69
N THR H 221 -10.01 27.00 9.59
CA THR H 221 -9.01 28.02 9.38
C THR H 221 -7.88 27.44 8.52
N CYS H 222 -7.10 28.33 7.94
CA CYS H 222 -6.06 27.98 6.99
C CYS H 222 -4.76 28.59 7.49
N ASN H 223 -3.72 27.77 7.59
CA ASN H 223 -2.45 28.17 8.19
C ASN H 223 -1.40 28.35 7.09
N VAL H 224 -0.65 29.45 7.15
CA VAL H 224 0.34 29.77 6.13
C VAL H 224 1.64 30.22 6.76
N ALA H 225 2.75 30.03 6.03
CA ALA H 225 4.07 30.44 6.48
C ALA H 225 4.92 30.87 5.29
N HIS H 226 5.82 31.81 5.54
CA HIS H 226 6.85 32.18 4.57
C HIS H 226 8.11 32.54 5.35
N PRO H 227 8.90 31.53 5.73
CA PRO H 227 10.05 31.80 6.61
C PRO H 227 11.02 32.83 6.04
N ALA H 228 11.20 32.85 4.71
CA ALA H 228 12.06 33.85 4.09
C ALA H 228 11.73 35.25 4.61
N SER H 229 10.48 35.66 4.44
CA SER H 229 10.01 36.93 4.98
C SER H 229 9.57 36.82 6.44
N SER H 230 9.65 35.61 7.03
CA SER H 230 9.22 35.39 8.41
C SER H 230 7.76 35.76 8.58
N THR H 231 6.92 35.17 7.72
CA THR H 231 5.50 35.51 7.64
C THR H 231 4.69 34.26 7.95
N LYS H 232 3.89 34.32 9.01
CA LYS H 232 3.06 33.21 9.45
C LYS H 232 1.70 33.75 9.83
N VAL H 233 0.66 33.33 9.12
CA VAL H 233 -0.69 33.87 9.34
C VAL H 233 -1.73 32.78 9.11
N ASP H 234 -2.89 32.94 9.76
CA ASP H 234 -4.05 32.08 9.60
C ASP H 234 -5.20 32.89 9.03
N LYS H 235 -6.26 32.19 8.61
CA LYS H 235 -7.42 32.84 8.02
C LYS H 235 -8.67 32.05 8.40
N LYS H 236 -9.53 32.64 9.23
CA LYS H 236 -10.86 32.08 9.40
C LYS H 236 -11.54 32.02 8.05
N ILE H 237 -12.23 30.92 7.77
CA ILE H 237 -13.03 30.78 6.57
C ILE H 237 -14.50 30.92 6.97
N VAL H 238 -15.21 31.82 6.31
CA VAL H 238 -16.59 32.12 6.65
C VAL H 238 -17.45 32.04 5.39
N PRO H 239 -18.73 31.70 5.51
CA PRO H 239 -19.59 31.64 4.34
C PRO H 239 -20.14 33.01 3.97
N ARG H 240 -20.48 33.15 2.70
CA ARG H 240 -21.16 34.35 2.23
C ARG H 240 -22.01 34.06 0.99
N GLN I 23 29.74 11.46 -20.34
CA GLN I 23 30.39 10.77 -21.46
C GLN I 23 29.56 9.57 -21.89
N ILE I 24 29.16 8.75 -20.92
CA ILE I 24 28.29 7.61 -21.19
C ILE I 24 26.86 8.07 -20.98
N VAL I 25 26.05 7.98 -22.02
CA VAL I 25 24.66 8.43 -21.97
C VAL I 25 23.79 7.23 -21.65
N LEU I 26 23.04 7.32 -20.56
CA LEU I 26 22.10 6.29 -20.13
C LEU I 26 20.70 6.76 -20.51
N THR I 27 20.05 5.99 -21.36
CA THR I 27 18.71 6.31 -21.84
C THR I 27 17.74 5.31 -21.21
N GLN I 28 16.82 5.82 -20.40
CA GLN I 28 15.78 5.00 -19.79
C GLN I 28 14.47 5.19 -20.55
N SER I 29 13.81 4.10 -20.86
CA SER I 29 12.47 4.12 -21.44
C SER I 29 11.61 3.11 -20.73
N PRO I 30 10.30 3.36 -20.63
CA PRO I 30 9.62 4.57 -21.11
C PRO I 30 9.89 5.74 -20.21
N ALA I 31 9.77 6.97 -20.72
CA ALA I 31 9.91 8.14 -19.87
C ALA I 31 8.95 8.06 -18.70
N ILE I 32 7.70 7.70 -18.96
CA ILE I 32 6.67 7.54 -17.95
C ILE I 32 6.02 6.17 -18.15
N MET I 33 5.46 5.63 -17.08
CA MET I 33 4.87 4.30 -17.14
C MET I 33 3.77 4.12 -16.12
N SER I 34 2.64 3.58 -16.58
CA SER I 34 1.54 3.17 -15.71
C SER I 34 1.63 1.67 -15.44
N ALA I 35 0.99 1.25 -14.35
CA ALA I 35 1.01 -0.16 -13.99
C ALA I 35 -0.12 -0.46 -13.03
N SER I 36 -0.87 -1.57 -13.28
CA SER I 36 -1.92 -1.98 -12.37
C SER I 36 -1.34 -2.83 -11.24
N PRO I 37 -1.90 -2.72 -10.03
CA PRO I 37 -1.38 -3.54 -8.92
C PRO I 37 -1.29 -5.00 -9.30
N GLY I 38 -0.09 -5.56 -9.24
CA GLY I 38 0.15 -6.94 -9.58
C GLY I 38 0.72 -7.18 -10.97
N GLU I 39 0.79 -6.15 -11.80
CA GLU I 39 1.30 -6.31 -13.15
C GLU I 39 2.82 -6.31 -13.16
N LYS I 40 3.40 -7.09 -14.07
CA LYS I 40 4.84 -7.17 -14.17
C LYS I 40 5.39 -5.91 -14.82
N VAL I 41 6.20 -5.17 -14.08
CA VAL I 41 6.77 -3.91 -14.54
C VAL I 41 8.23 -4.13 -14.88
N THR I 42 8.66 -3.58 -16.01
CA THR I 42 10.06 -3.68 -16.43
C THR I 42 10.44 -2.40 -17.15
N MET I 43 11.44 -1.70 -16.63
CA MET I 43 11.96 -0.48 -17.23
C MET I 43 13.42 -0.69 -17.60
N THR I 44 13.85 0.00 -18.65
CA THR I 44 15.15 -0.20 -19.24
C THR I 44 16.06 1.00 -19.00
N CYS I 45 17.35 0.76 -19.21
CA CYS I 45 18.37 1.81 -19.19
C CYS I 45 19.37 1.45 -20.27
N SER I 46 19.13 1.95 -21.48
CA SER I 46 20.03 1.69 -22.59
C SER I 46 21.24 2.60 -22.46
N ALA I 47 22.42 2.03 -22.62
CA ALA I 47 23.68 2.73 -22.47
C ALA I 47 24.40 2.79 -23.81
N SER I 48 25.44 3.62 -23.86
CA SER I 48 26.28 3.71 -25.05
C SER I 48 27.43 2.71 -25.04
N SER I 49 27.81 2.21 -23.86
CA SER I 49 28.87 1.21 -23.75
C SER I 49 28.49 0.21 -22.66
N SER I 50 29.41 -0.72 -22.39
CA SER I 50 29.16 -1.81 -21.46
C SER I 50 29.46 -1.37 -20.02
N VAL I 51 28.81 -2.04 -19.08
CA VAL I 51 29.00 -1.78 -17.66
C VAL I 51 28.96 -3.10 -16.91
N SER I 52 29.83 -3.24 -15.92
CA SER I 52 29.84 -4.45 -15.10
C SER I 52 28.73 -4.40 -14.06
N TYR I 53 28.76 -3.40 -13.19
CA TYR I 53 27.76 -3.23 -12.15
C TYR I 53 26.87 -2.04 -12.48
N ILE I 54 25.71 -2.01 -11.84
CA ILE I 54 24.76 -0.91 -11.98
C ILE I 54 24.02 -0.74 -10.66
N HIS I 55 23.35 0.40 -10.53
CA HIS I 55 22.66 0.76 -9.30
C HIS I 55 21.37 1.50 -9.65
N TRP I 56 20.32 1.18 -8.90
CA TRP I 56 18.99 1.74 -9.12
C TRP I 56 18.55 2.53 -7.89
N TYR I 57 17.95 3.68 -8.12
CA TYR I 57 17.53 4.57 -7.05
C TYR I 57 16.04 4.87 -7.19
N GLN I 58 15.36 4.89 -6.05
CA GLN I 58 13.95 5.24 -5.98
C GLN I 58 13.83 6.64 -5.39
N GLN I 59 13.04 7.49 -6.03
CA GLN I 59 12.78 8.82 -5.50
C GLN I 59 11.30 9.13 -5.67
N LYS I 60 10.68 9.61 -4.61
CA LYS I 60 9.30 10.06 -4.64
C LYS I 60 9.27 11.58 -4.57
N SER I 61 8.09 12.14 -4.85
CA SER I 61 7.96 13.58 -4.91
C SER I 61 8.43 14.21 -3.60
N GLY I 62 9.24 15.27 -3.73
CA GLY I 62 9.64 16.03 -2.57
C GLY I 62 10.62 15.34 -1.64
N THR I 63 11.13 14.16 -2.02
CA THR I 63 12.01 13.40 -1.15
C THR I 63 13.37 13.23 -1.81
N SER I 64 14.35 12.90 -0.98
CA SER I 64 15.66 12.54 -1.50
C SER I 64 15.59 11.15 -2.13
N PRO I 65 16.49 10.85 -3.06
CA PRO I 65 16.60 9.49 -3.56
C PRO I 65 16.98 8.54 -2.43
N LYS I 66 16.58 7.28 -2.58
CA LYS I 66 16.87 6.24 -1.61
C LYS I 66 17.59 5.08 -2.30
N ARG I 67 18.57 4.53 -1.61
CA ARG I 67 19.25 3.33 -2.10
C ARG I 67 18.26 2.18 -2.22
N TRP I 68 18.09 1.66 -3.44
CA TRP I 68 17.12 0.60 -3.70
C TRP I 68 17.78 -0.70 -4.10
N ILE I 69 18.57 -0.71 -5.19
CA ILE I 69 19.26 -1.91 -5.65
C ILE I 69 20.71 -1.52 -5.92
N TYR I 70 21.60 -1.89 -5.02
CA TYR I 70 23.04 -1.66 -5.20
C TYR I 70 23.70 -2.95 -5.71
N ASP I 71 24.84 -2.76 -6.37
CA ASP I 71 25.56 -3.85 -7.01
C ASP I 71 24.61 -4.66 -7.90
N THR I 72 23.95 -3.94 -8.81
CA THR I 72 23.15 -4.56 -9.86
C THR I 72 21.92 -5.27 -9.31
N SER I 73 22.12 -6.34 -8.53
CA SER I 73 21.03 -7.19 -8.10
C SER I 73 20.87 -7.32 -6.60
N LYS I 74 21.77 -6.76 -5.80
CA LYS I 74 21.62 -6.83 -4.36
C LYS I 74 20.53 -5.87 -3.90
N LEU I 75 19.67 -6.35 -3.01
CA LEU I 75 18.57 -5.54 -2.48
C LEU I 75 19.04 -4.83 -1.21
N ALA I 76 18.50 -3.64 -0.98
CA ALA I 76 18.93 -2.87 0.16
C ALA I 76 18.15 -3.27 1.41
N SER I 77 18.62 -2.77 2.55
CA SER I 77 17.99 -3.04 3.83
C SER I 77 16.64 -2.33 3.88
N GLY I 78 15.56 -3.11 3.85
CA GLY I 78 14.23 -2.55 3.86
C GLY I 78 13.64 -2.44 2.47
N VAL I 79 13.74 -3.52 1.70
CA VAL I 79 13.21 -3.55 0.35
C VAL I 79 12.50 -4.88 0.11
N PRO I 80 11.23 -4.87 -0.30
CA PRO I 80 10.53 -6.13 -0.58
C PRO I 80 11.25 -6.94 -1.66
N ALA I 81 10.89 -8.22 -1.71
CA ALA I 81 11.52 -9.16 -2.63
C ALA I 81 10.93 -9.12 -4.04
N ARG I 82 9.78 -8.47 -4.23
CA ARG I 82 9.21 -8.39 -5.57
C ARG I 82 10.15 -7.67 -6.53
N PHE I 83 11.11 -6.93 -5.99
CA PHE I 83 12.08 -6.21 -6.80
C PHE I 83 13.25 -7.13 -7.10
N SER I 84 13.55 -7.27 -8.40
CA SER I 84 14.75 -7.98 -8.83
C SER I 84 15.17 -7.33 -10.14
N GLY I 85 16.08 -6.38 -10.05
CA GLY I 85 16.61 -5.71 -11.22
C GLY I 85 17.90 -6.37 -11.66
N SER I 86 17.99 -6.65 -12.96
CA SER I 86 19.17 -7.28 -13.54
C SER I 86 19.44 -6.62 -14.89
N GLY I 87 20.34 -7.20 -15.65
CA GLY I 87 20.69 -6.70 -16.97
C GLY I 87 22.16 -6.98 -17.20
N SER I 88 22.54 -6.97 -18.47
CA SER I 88 23.92 -7.27 -18.79
C SER I 88 24.36 -6.59 -20.07
N GLY I 89 25.60 -6.12 -20.06
CA GLY I 89 26.25 -5.53 -21.21
C GLY I 89 25.92 -4.07 -21.40
N THR I 90 24.98 -3.79 -22.30
CA THR I 90 24.55 -2.43 -22.60
C THR I 90 23.11 -2.17 -22.24
N SER I 91 22.34 -3.21 -21.95
CA SER I 91 20.91 -3.11 -21.65
C SER I 91 20.70 -3.64 -20.24
N TYR I 92 20.64 -2.73 -19.27
CA TYR I 92 20.30 -3.08 -17.91
C TYR I 92 18.85 -2.68 -17.64
N SER I 93 18.14 -3.53 -16.89
CA SER I 93 16.70 -3.41 -16.75
C SER I 93 16.29 -3.64 -15.30
N LEU I 94 15.28 -2.90 -14.85
CA LEU I 94 14.66 -3.09 -13.54
C LEU I 94 13.28 -3.68 -13.74
N THR I 95 12.95 -4.70 -12.95
CA THR I 95 11.69 -5.41 -13.09
C THR I 95 11.04 -5.61 -11.74
N ILE I 96 9.71 -5.69 -11.76
CA ILE I 96 8.91 -5.99 -10.58
C ILE I 96 7.94 -7.08 -10.95
N SER I 97 7.86 -8.12 -10.12
CA SER I 97 6.89 -9.19 -10.36
C SER I 97 5.47 -8.65 -10.24
N SER I 98 5.16 -7.99 -9.13
CA SER I 98 3.81 -7.54 -8.82
C SER I 98 3.88 -6.07 -8.43
N MET I 99 3.26 -5.22 -9.24
CA MET I 99 3.16 -3.82 -8.89
C MET I 99 2.40 -3.67 -7.58
N GLU I 100 2.72 -2.61 -6.83
CA GLU I 100 1.99 -2.31 -5.61
C GLU I 100 1.90 -0.80 -5.45
N ALA I 101 1.05 -0.39 -4.51
CA ALA I 101 0.83 1.04 -4.29
C ALA I 101 2.13 1.73 -3.93
N GLU I 102 2.85 1.19 -2.95
CA GLU I 102 4.10 1.79 -2.50
C GLU I 102 5.20 1.73 -3.55
N ASP I 103 5.02 0.93 -4.60
CA ASP I 103 6.02 0.85 -5.66
C ASP I 103 6.01 2.08 -6.56
N ALA I 104 4.95 2.88 -6.53
CA ALA I 104 4.83 4.02 -7.43
C ALA I 104 5.91 5.04 -7.12
N ALA I 105 6.80 5.28 -8.09
CA ALA I 105 7.85 6.28 -7.92
C ALA I 105 8.66 6.45 -9.21
N THR I 106 9.58 7.41 -9.19
CA THR I 106 10.52 7.61 -10.30
C THR I 106 11.80 6.84 -10.00
N TYR I 107 12.27 6.08 -10.98
CA TYR I 107 13.44 5.23 -10.82
C TYR I 107 14.51 5.63 -11.83
N TYR I 108 15.75 5.73 -11.34
CA TYR I 108 16.89 6.13 -12.14
C TYR I 108 17.95 5.05 -12.09
N CYS I 109 18.68 4.91 -13.20
CA CYS I 109 19.80 3.99 -13.29
C CYS I 109 21.12 4.76 -13.17
N GLN I 110 22.12 4.13 -12.56
CA GLN I 110 23.40 4.78 -12.34
C GLN I 110 24.56 3.81 -12.51
N GLN I 111 25.69 4.35 -12.95
CA GLN I 111 26.90 3.57 -13.21
C GLN I 111 28.11 4.44 -12.86
N TRP I 112 29.18 3.79 -12.38
CA TRP I 112 30.45 4.46 -12.22
C TRP I 112 31.59 3.55 -12.68
N ILE I 113 31.42 2.92 -13.84
CA ILE I 113 32.53 2.20 -14.44
C ILE I 113 33.58 3.20 -14.95
N SER I 114 33.11 4.28 -15.59
CA SER I 114 33.99 5.32 -16.09
C SER I 114 33.60 6.65 -15.47
N TYR I 115 34.61 7.45 -15.14
CA TYR I 115 34.37 8.86 -14.85
C TYR I 115 34.01 9.58 -16.14
N PRO I 116 33.05 10.50 -16.12
CA PRO I 116 32.22 10.93 -15.00
C PRO I 116 31.10 9.92 -14.73
N ALA I 117 30.44 10.06 -13.60
CA ALA I 117 29.28 9.25 -13.27
C ALA I 117 28.02 9.91 -13.83
N THR I 118 27.16 9.10 -14.46
CA THR I 118 26.01 9.63 -15.20
C THR I 118 24.74 8.93 -14.73
N PHE I 119 23.61 9.56 -15.02
CA PHE I 119 22.31 9.00 -14.68
C PHE I 119 21.42 8.94 -15.92
N GLY I 120 20.37 8.11 -15.83
CA GLY I 120 19.39 8.05 -16.88
C GLY I 120 18.41 9.20 -16.80
N ALA I 121 17.66 9.38 -17.90
CA ALA I 121 16.67 10.46 -17.94
C ALA I 121 15.64 10.31 -16.84
N GLY I 122 15.34 9.09 -16.43
CA GLY I 122 14.37 8.83 -15.38
C GLY I 122 13.11 8.20 -15.94
N THR I 123 12.58 7.22 -15.20
CA THR I 123 11.36 6.52 -15.57
C THR I 123 10.37 6.65 -14.43
N LYS I 124 9.33 7.45 -14.64
CA LYS I 124 8.29 7.61 -13.63
C LYS I 124 7.34 6.41 -13.69
N LEU I 125 6.88 5.99 -12.52
CA LEU I 125 6.02 4.82 -12.39
C LEU I 125 4.75 5.22 -11.66
N GLU I 126 3.63 5.25 -12.38
CA GLU I 126 2.35 5.59 -11.80
C GLU I 126 1.55 4.31 -11.50
N LEU I 127 0.44 4.51 -10.80
CA LEU I 127 -0.47 3.42 -10.45
C LEU I 127 -1.77 3.57 -11.23
N LYS I 128 -2.39 2.44 -11.56
CA LYS I 128 -3.59 2.43 -12.38
C LYS I 128 -4.81 2.34 -11.48
N ARG I 129 -5.69 3.32 -11.63
CA ARG I 129 -6.95 3.38 -10.91
C ARG I 129 -8.09 3.31 -11.91
N ALA I 130 -9.24 2.85 -11.44
CA ALA I 130 -10.45 2.96 -12.24
C ALA I 130 -10.69 4.42 -12.61
N ASP I 131 -11.12 4.64 -13.84
CA ASP I 131 -11.38 6.00 -14.29
C ASP I 131 -12.36 6.71 -13.37
N ALA I 132 -12.05 7.95 -13.02
CA ALA I 132 -12.86 8.73 -12.10
C ALA I 132 -13.16 10.09 -12.70
N ALA I 133 -14.23 10.71 -12.20
CA ALA I 133 -14.63 12.02 -12.68
C ALA I 133 -14.10 13.11 -11.76
N PRO I 134 -13.66 14.23 -12.30
CA PRO I 134 -13.11 15.28 -11.43
C PRO I 134 -14.19 15.93 -10.60
N THR I 135 -13.83 16.25 -9.36
CA THR I 135 -14.71 17.02 -8.47
C THR I 135 -14.42 18.50 -8.75
N VAL I 136 -15.26 19.11 -9.56
CA VAL I 136 -15.02 20.48 -10.02
C VAL I 136 -15.63 21.43 -9.01
N SER I 137 -14.81 22.35 -8.51
CA SER I 137 -15.28 23.41 -7.64
C SER I 137 -14.73 24.73 -8.16
N ILE I 138 -15.48 25.80 -7.92
CA ILE I 138 -15.15 27.12 -8.41
C ILE I 138 -15.37 28.13 -7.28
N PHE I 139 -14.52 29.14 -7.24
CA PHE I 139 -14.59 30.12 -6.17
C PHE I 139 -14.38 31.53 -6.71
N PRO I 140 -15.08 32.51 -6.17
CA PRO I 140 -14.94 33.88 -6.65
C PRO I 140 -13.80 34.60 -5.96
N PRO I 141 -13.53 35.84 -6.33
CA PRO I 141 -12.53 36.63 -5.60
C PRO I 141 -12.93 36.84 -4.15
N SER I 142 -12.04 37.46 -3.37
CA SER I 142 -12.28 37.77 -1.98
C SER I 142 -12.41 39.28 -1.81
N SER I 143 -13.28 39.69 -0.89
CA SER I 143 -13.39 41.11 -0.58
C SER I 143 -12.02 41.70 -0.24
N GLU I 144 -11.19 40.93 0.48
CA GLU I 144 -9.86 41.39 0.83
C GLU I 144 -9.00 41.61 -0.41
N GLN I 145 -9.20 40.79 -1.44
CA GLN I 145 -8.44 40.96 -2.67
C GLN I 145 -8.89 42.20 -3.43
N LEU I 146 -10.21 42.37 -3.56
CA LEU I 146 -10.75 43.56 -4.22
C LEU I 146 -10.29 44.83 -3.51
N THR I 147 -9.98 44.74 -2.22
CA THR I 147 -9.43 45.88 -1.50
C THR I 147 -8.10 46.31 -2.09
N SER I 148 -7.35 45.39 -2.67
CA SER I 148 -6.03 45.65 -3.21
C SER I 148 -6.03 45.94 -4.70
N GLY I 149 -7.20 45.92 -5.35
CA GLY I 149 -7.28 46.15 -6.76
C GLY I 149 -7.17 44.92 -7.63
N GLY I 150 -7.09 43.73 -7.04
CA GLY I 150 -6.99 42.50 -7.81
C GLY I 150 -8.20 41.62 -7.68
N ALA I 151 -8.40 40.71 -8.65
CA ALA I 151 -9.56 39.83 -8.66
C ALA I 151 -9.22 38.53 -9.35
N SER I 152 -9.27 37.42 -8.62
CA SER I 152 -9.00 36.10 -9.16
C SER I 152 -10.20 35.17 -8.96
N VAL I 153 -10.31 34.19 -9.85
CA VAL I 153 -11.36 33.17 -9.79
C VAL I 153 -10.70 31.82 -9.94
N VAL I 154 -11.01 30.91 -9.02
CA VAL I 154 -10.31 29.65 -8.92
C VAL I 154 -11.27 28.52 -9.24
N CYS I 155 -10.73 27.46 -9.83
CA CYS I 155 -11.50 26.28 -10.17
C CYS I 155 -10.71 25.05 -9.75
N PHE I 156 -11.35 24.18 -8.99
CA PHE I 156 -10.71 22.98 -8.46
C PHE I 156 -11.33 21.74 -9.08
N LEU I 157 -10.48 20.89 -9.65
CA LEU I 157 -10.90 19.68 -10.36
C LEU I 157 -10.21 18.53 -9.62
N ASN I 158 -10.87 18.01 -8.60
CA ASN I 158 -10.23 17.15 -7.63
C ASN I 158 -10.56 15.69 -7.88
N ASN I 159 -9.56 14.83 -7.64
CA ASN I 159 -9.77 13.39 -7.57
C ASN I 159 -10.37 12.85 -8.86
N PHE I 160 -9.56 12.93 -9.91
CA PHE I 160 -9.92 12.38 -11.21
C PHE I 160 -8.82 11.45 -11.69
N TYR I 161 -9.11 10.78 -12.81
CA TYR I 161 -8.21 9.81 -13.42
C TYR I 161 -8.73 9.49 -14.81
N PRO I 162 -7.86 9.36 -15.84
CA PRO I 162 -6.41 9.54 -15.85
C PRO I 162 -5.97 11.00 -15.73
N LYS I 163 -4.70 11.26 -16.04
CA LYS I 163 -4.13 12.58 -15.84
C LYS I 163 -4.57 13.58 -16.91
N ASP I 164 -4.68 13.15 -18.16
CA ASP I 164 -4.89 14.07 -19.27
C ASP I 164 -6.31 14.65 -19.23
N ILE I 165 -6.42 15.95 -18.99
CA ILE I 165 -7.69 16.65 -19.09
C ILE I 165 -7.40 18.09 -19.52
N ASN I 166 -8.39 18.72 -20.14
CA ASN I 166 -8.29 20.11 -20.59
C ASN I 166 -9.34 20.95 -19.88
N VAL I 167 -8.97 22.21 -19.63
CA VAL I 167 -9.82 23.18 -18.97
C VAL I 167 -9.99 24.38 -19.88
N LYS I 168 -11.22 24.85 -20.00
CA LYS I 168 -11.53 26.06 -20.74
C LYS I 168 -12.27 27.02 -19.83
N TRP I 169 -12.01 28.30 -20.04
CA TRP I 169 -12.64 29.37 -19.26
C TRP I 169 -13.42 30.27 -20.21
N LYS I 170 -14.58 30.71 -19.76
CA LYS I 170 -15.46 31.53 -20.59
C LYS I 170 -16.01 32.69 -19.78
N ILE I 171 -16.42 33.72 -20.51
CA ILE I 171 -16.98 34.94 -19.91
C ILE I 171 -18.19 35.33 -20.74
N ASP I 172 -19.39 35.16 -20.18
CA ASP I 172 -20.63 35.54 -20.85
C ASP I 172 -20.69 34.91 -22.24
N GLY I 173 -20.29 33.65 -22.32
CA GLY I 173 -20.19 32.97 -23.59
C GLY I 173 -18.98 33.33 -24.41
N SER I 174 -18.09 34.16 -23.88
CA SER I 174 -16.85 34.53 -24.55
C SER I 174 -15.71 33.68 -23.98
N GLU I 175 -14.48 34.01 -24.34
CA GLU I 175 -13.31 33.28 -23.85
C GLU I 175 -12.26 34.26 -23.38
N ARG I 176 -11.29 33.75 -22.63
CA ARG I 176 -10.16 34.55 -22.19
C ARG I 176 -9.04 33.61 -21.79
N GLN I 177 -7.95 33.62 -22.55
CA GLN I 177 -6.73 32.91 -22.19
C GLN I 177 -5.70 33.84 -21.57
N ASN I 178 -6.04 35.11 -21.39
CA ASN I 178 -5.13 36.09 -20.78
C ASN I 178 -5.38 36.09 -19.28
N GLY I 179 -4.83 35.07 -18.62
CA GLY I 179 -4.98 34.92 -17.19
C GLY I 179 -5.12 33.47 -16.76
N VAL I 180 -5.28 32.57 -17.74
CA VAL I 180 -5.44 31.15 -17.44
C VAL I 180 -4.14 30.62 -16.87
N LEU I 181 -4.17 30.17 -15.61
CA LEU I 181 -3.00 29.61 -14.94
C LEU I 181 -3.39 28.30 -14.29
N ASN I 182 -2.97 27.20 -14.89
CA ASN I 182 -3.34 25.85 -14.46
C ASN I 182 -2.16 25.17 -13.75
N SER I 183 -2.48 24.37 -12.74
CA SER I 183 -1.46 23.61 -12.02
C SER I 183 -1.95 22.19 -11.75
N TRP I 184 -1.05 21.22 -11.90
CA TRP I 184 -1.34 19.81 -11.75
C TRP I 184 -0.67 19.26 -10.50
N THR I 185 -1.16 18.10 -10.05
CA THR I 185 -0.56 17.33 -8.96
C THR I 185 -0.02 16.01 -9.51
N ASP I 186 0.48 15.16 -8.61
CA ASP I 186 0.90 13.82 -8.94
C ASP I 186 0.01 12.80 -8.24
N GLN I 187 0.27 11.53 -8.52
CA GLN I 187 -0.49 10.44 -7.93
C GLN I 187 -0.66 10.65 -6.43
N ASP I 188 -1.91 10.75 -5.99
CA ASP I 188 -2.18 10.82 -4.57
C ASP I 188 -1.75 9.54 -3.89
N SER I 189 -1.15 9.66 -2.71
CA SER I 189 -0.67 8.48 -2.00
C SER I 189 -1.81 7.53 -1.65
N LYS I 190 -3.02 8.06 -1.47
CA LYS I 190 -4.12 7.28 -0.94
C LYS I 190 -5.00 6.67 -2.02
N ASP I 191 -5.38 7.46 -3.03
CA ASP I 191 -6.32 7.00 -4.03
C ASP I 191 -5.76 6.95 -5.44
N SER I 192 -4.50 7.33 -5.64
CA SER I 192 -3.90 7.32 -6.97
C SER I 192 -4.68 8.22 -7.93
N THR I 193 -5.36 9.23 -7.40
CA THR I 193 -6.10 10.18 -8.21
C THR I 193 -5.25 11.45 -8.41
N TYR I 194 -5.80 12.37 -9.20
CA TYR I 194 -5.11 13.61 -9.55
C TYR I 194 -5.96 14.81 -9.14
N SER I 195 -5.46 16.00 -9.46
CA SER I 195 -6.16 17.24 -9.18
C SER I 195 -5.60 18.34 -10.06
N MET I 196 -6.33 19.46 -10.15
CA MET I 196 -5.86 20.62 -10.88
C MET I 196 -6.39 21.89 -10.22
N SER I 197 -5.65 22.99 -10.43
CA SER I 197 -6.14 24.32 -10.13
C SER I 197 -5.98 25.16 -11.38
N SER I 198 -7.01 25.93 -11.70
CA SER I 198 -6.90 27.00 -12.68
C SER I 198 -7.28 28.27 -11.93
N THR I 199 -6.29 29.13 -11.72
CA THR I 199 -6.49 30.47 -11.19
C THR I 199 -6.52 31.44 -12.35
N LEU I 200 -7.59 32.22 -12.45
CA LEU I 200 -7.74 33.25 -13.46
C LEU I 200 -7.60 34.62 -12.79
N THR I 201 -6.48 35.29 -13.04
CA THR I 201 -6.22 36.61 -12.48
C THR I 201 -6.70 37.71 -13.41
N LEU I 202 -7.30 38.74 -12.83
CA LEU I 202 -7.84 39.86 -13.59
C LEU I 202 -7.74 41.15 -12.78
N THR I 203 -7.86 42.27 -13.48
CA THR I 203 -7.90 43.56 -12.81
C THR I 203 -9.25 43.77 -12.14
N LYS I 204 -9.23 44.53 -11.04
CA LYS I 204 -10.47 44.80 -10.32
C LYS I 204 -11.54 45.31 -11.27
N ASP I 205 -11.14 46.13 -12.24
CA ASP I 205 -12.10 46.74 -13.15
C ASP I 205 -12.65 45.72 -14.14
N GLU I 206 -11.78 45.04 -14.89
CA GLU I 206 -12.26 44.10 -15.89
C GLU I 206 -13.09 43.00 -15.26
N TYR I 207 -12.93 42.74 -13.96
CA TYR I 207 -13.72 41.70 -13.30
C TYR I 207 -15.21 42.01 -13.34
N GLU I 208 -15.63 43.06 -12.65
CA GLU I 208 -17.06 43.37 -12.59
C GLU I 208 -17.62 43.81 -13.95
N ARG I 209 -16.76 44.11 -14.92
CA ARG I 209 -17.24 44.48 -16.25
C ARG I 209 -18.10 43.37 -16.85
N HIS I 210 -17.86 42.13 -16.45
CA HIS I 210 -18.63 40.98 -16.89
C HIS I 210 -19.45 40.45 -15.71
N ASN I 211 -20.39 39.57 -16.00
CA ASN I 211 -21.23 38.97 -14.96
C ASN I 211 -21.05 37.47 -14.85
N SER I 212 -21.16 36.74 -15.96
CA SER I 212 -21.13 35.28 -15.93
C SER I 212 -19.70 34.78 -16.07
N TYR I 213 -19.28 33.95 -15.11
CA TYR I 213 -17.95 33.36 -15.10
C TYR I 213 -18.09 31.86 -14.98
N THR I 214 -17.31 31.13 -15.78
CA THR I 214 -17.51 29.70 -15.91
C THR I 214 -16.17 28.98 -16.04
N CYS I 215 -16.14 27.75 -15.54
CA CYS I 215 -14.97 26.89 -15.58
C CYS I 215 -15.36 25.60 -16.28
N GLU I 216 -14.71 25.31 -17.40
CA GLU I 216 -15.01 24.12 -18.18
C GLU I 216 -13.94 23.06 -17.93
N ALA I 217 -14.38 21.81 -17.92
CA ALA I 217 -13.49 20.68 -17.68
C ALA I 217 -13.81 19.61 -18.72
N THR I 218 -12.81 19.22 -19.50
CA THR I 218 -12.97 18.22 -20.54
C THR I 218 -12.39 16.91 -20.04
N HIS I 219 -13.26 15.94 -19.78
CA HIS I 219 -12.86 14.64 -19.28
C HIS I 219 -13.31 13.57 -20.26
N LYS I 220 -12.42 12.59 -20.50
CA LYS I 220 -12.75 11.52 -21.42
C LYS I 220 -14.05 10.82 -21.01
N THR I 221 -14.14 10.42 -19.74
CA THR I 221 -15.34 9.75 -19.24
C THR I 221 -16.50 10.73 -19.03
N SER I 222 -16.44 11.90 -19.67
CA SER I 222 -17.43 12.96 -19.50
C SER I 222 -17.80 13.44 -20.90
N THR I 223 -18.64 12.66 -21.59
CA THR I 223 -19.18 13.15 -22.85
C THR I 223 -19.70 14.57 -22.68
N SER I 224 -20.34 14.82 -21.54
CA SER I 224 -20.76 16.16 -21.16
C SER I 224 -19.64 16.81 -20.36
N PRO I 225 -19.02 17.88 -20.86
CA PRO I 225 -18.05 18.62 -20.04
C PRO I 225 -18.61 19.04 -18.69
N ILE I 226 -17.83 18.78 -17.64
CA ILE I 226 -18.19 19.20 -16.29
C ILE I 226 -17.87 20.68 -16.15
N VAL I 227 -18.85 21.45 -15.67
CA VAL I 227 -18.78 22.91 -15.72
C VAL I 227 -19.44 23.50 -14.48
N LYS I 228 -18.90 24.62 -13.99
CA LYS I 228 -19.47 25.33 -12.85
C LYS I 228 -19.40 26.83 -13.10
N SER I 229 -20.39 27.55 -12.57
CA SER I 229 -20.51 29.00 -12.80
C SER I 229 -21.30 29.62 -11.65
N PHE I 230 -21.59 30.91 -11.77
CA PHE I 230 -22.24 31.67 -10.72
C PHE I 230 -22.66 33.04 -11.29
N ASN I 231 -23.05 33.95 -10.39
CA ASN I 231 -23.45 35.31 -10.75
C ASN I 231 -22.99 36.31 -9.70
N PHE J 21 43.42 1.55 11.97
CA PHE J 21 44.25 0.72 11.11
C PHE J 21 44.87 1.49 9.97
N SER J 22 44.11 2.43 9.41
CA SER J 22 44.67 3.30 8.37
C SER J 22 45.93 3.99 8.86
N GLU J 23 46.12 4.09 10.17
CA GLU J 23 47.33 4.67 10.72
C GLU J 23 48.53 3.73 10.54
N ARG J 24 48.40 2.49 11.01
CA ARG J 24 49.51 1.55 10.94
C ARG J 24 50.00 1.40 9.51
N ILE J 25 49.11 1.57 8.53
CA ILE J 25 49.51 1.51 7.13
C ILE J 25 50.33 2.73 6.75
N GLY J 26 49.90 3.91 7.19
CA GLY J 26 50.66 5.11 6.89
C GLY J 26 51.98 5.16 7.61
N ASN J 27 52.04 4.60 8.82
CA ASN J 27 53.25 4.70 9.62
C ASN J 27 54.39 3.90 8.99
N SER J 28 54.10 2.68 8.56
CA SER J 28 55.14 1.84 7.99
C SER J 28 55.72 2.46 6.73
N LEU J 29 54.85 2.93 5.83
CA LEU J 29 55.30 3.46 4.56
C LEU J 29 56.10 4.75 4.74
N SER J 30 55.68 5.58 5.69
CA SER J 30 56.36 6.85 5.91
C SER J 30 57.82 6.65 6.29
N SER J 31 58.19 5.44 6.71
CA SER J 31 59.55 5.15 7.14
C SER J 31 60.51 4.92 5.98
N PHE J 32 60.05 5.00 4.73
CA PHE J 32 61.00 4.94 3.62
C PHE J 32 61.76 6.25 3.48
N LEU J 33 61.06 7.39 3.56
CA LEU J 33 61.73 8.68 3.49
C LEU J 33 62.46 8.98 4.79
N SER J 34 61.73 9.02 5.90
CA SER J 34 62.35 9.12 7.21
C SER J 34 62.96 7.79 7.61
N GLU J 35 64.17 7.85 8.17
CA GLU J 35 64.99 6.71 8.59
C GLU J 35 65.70 6.03 7.42
N SER J 36 65.48 6.46 6.18
CA SER J 36 66.01 5.78 5.00
C SER J 36 65.91 4.27 5.18
N ALA J 37 64.70 3.81 5.52
CA ALA J 37 64.51 2.42 5.88
C ALA J 37 64.70 1.51 4.67
N SER J 38 65.22 0.32 4.92
CA SER J 38 65.40 -0.66 3.87
C SER J 38 64.06 -0.98 3.22
N LEU J 39 64.09 -1.18 1.90
CA LEU J 39 62.87 -1.58 1.20
C LEU J 39 62.36 -2.92 1.73
N GLU J 40 63.26 -3.82 2.10
CA GLU J 40 62.84 -5.11 2.64
C GLU J 40 62.11 -4.93 3.97
N VAL J 41 62.61 -4.05 4.83
CA VAL J 41 62.00 -3.90 6.16
C VAL J 41 60.57 -3.40 6.03
N ILE J 42 60.35 -2.42 5.15
CA ILE J 42 59.03 -1.80 5.05
C ILE J 42 57.99 -2.81 4.56
N GLY J 43 58.31 -3.54 3.49
CA GLY J 43 57.38 -4.53 2.99
C GLY J 43 57.09 -5.62 4.02
N ASN J 44 58.11 -6.04 4.75
CA ASN J 44 57.93 -7.11 5.73
C ASN J 44 57.00 -6.70 6.85
N GLU J 45 57.17 -5.47 7.36
CA GLU J 45 56.37 -5.02 8.50
C GLU J 45 54.94 -4.69 8.12
N LEU J 46 54.69 -4.39 6.84
CA LEU J 46 53.32 -4.08 6.41
C LEU J 46 52.47 -5.34 6.39
N ALA J 47 52.99 -6.43 5.84
CA ALA J 47 52.26 -7.69 5.83
C ALA J 47 51.82 -8.09 7.23
N ASP J 48 52.64 -7.77 8.23
CA ASP J 48 52.24 -8.01 9.61
C ASP J 48 50.96 -7.26 9.95
N ASN J 49 50.90 -5.98 9.58
CA ASN J 49 49.72 -5.18 9.88
C ASN J 49 48.47 -5.83 9.32
N ILE J 50 48.51 -6.22 8.05
CA ILE J 50 47.37 -6.86 7.41
C ILE J 50 47.05 -8.17 8.12
N ALA J 51 48.05 -9.06 8.19
CA ALA J 51 47.87 -10.31 8.91
C ALA J 51 47.43 -10.03 10.35
N ASN J 52 48.13 -9.14 11.05
CA ASN J 52 47.68 -8.73 12.37
C ASN J 52 46.27 -8.15 12.31
N GLU J 53 45.92 -7.48 11.21
CA GLU J 53 44.60 -6.87 11.11
C GLU J 53 43.52 -7.89 10.78
N ILE J 54 43.77 -8.76 9.79
CA ILE J 54 42.78 -9.76 9.44
C ILE J 54 42.48 -10.65 10.63
N VAL J 55 43.54 -11.14 11.28
CA VAL J 55 43.37 -11.92 12.51
C VAL J 55 42.58 -11.09 13.52
N SER J 56 42.91 -9.80 13.63
CA SER J 56 42.19 -8.91 14.53
C SER J 56 40.81 -8.56 13.97
N SER J 57 40.65 -8.57 12.65
CA SER J 57 39.35 -8.28 12.07
C SER J 57 38.36 -9.40 12.37
N LEU J 58 38.82 -10.65 12.27
CA LEU J 58 37.90 -11.78 12.40
C LEU J 58 37.51 -12.02 13.85
N GLN J 59 38.43 -11.80 14.80
CA GLN J 59 38.07 -11.96 16.21
C GLN J 59 36.86 -11.13 16.55
N LYS J 60 36.67 -10.01 15.84
CA LYS J 60 35.51 -9.14 16.06
C LYS J 60 34.26 -9.66 15.36
N ASP J 61 34.41 -10.45 14.30
CA ASP J 61 33.26 -10.86 13.48
C ASP J 61 32.63 -12.15 13.99
N SER J 62 33.41 -13.23 14.03
CA SER J 62 32.91 -14.55 14.38
C SER J 62 33.26 -14.89 15.83
N ALA J 63 32.35 -15.61 16.48
CA ALA J 63 32.58 -16.07 17.84
C ALA J 63 33.16 -17.48 17.88
N SER J 64 32.84 -18.32 16.89
CA SER J 64 33.44 -19.65 16.83
C SER J 64 34.93 -19.57 16.60
N PHE J 65 35.39 -18.53 15.89
CA PHE J 65 36.82 -18.35 15.71
C PHE J 65 37.50 -17.87 16.98
N LEU J 66 36.94 -16.84 17.62
CA LEU J 66 37.59 -16.25 18.78
C LEU J 66 37.81 -17.27 19.89
N GLN J 67 37.07 -18.38 19.86
CA GLN J 67 37.20 -19.45 20.85
C GLN J 67 37.82 -20.71 20.25
N SER J 68 38.59 -20.57 19.17
CA SER J 68 39.17 -21.73 18.49
C SER J 68 40.50 -22.18 19.07
N GLY J 69 41.21 -21.31 19.80
CA GLY J 69 42.49 -21.67 20.38
C GLY J 69 43.63 -20.81 19.90
N PHE J 70 44.63 -20.57 20.75
CA PHE J 70 45.72 -19.67 20.39
C PHE J 70 46.57 -20.25 19.27
N ASP J 71 46.84 -21.56 19.29
CA ASP J 71 47.59 -22.15 18.21
C ASP J 71 46.85 -22.05 16.89
N VAL J 72 45.55 -21.77 16.93
CA VAL J 72 44.75 -21.60 15.72
C VAL J 72 44.73 -20.18 15.19
N LYS J 73 45.12 -19.18 15.99
CA LYS J 73 45.11 -17.80 15.56
C LYS J 73 46.45 -17.31 15.04
N THR J 74 47.54 -17.70 15.71
CA THR J 74 48.87 -17.33 15.21
C THR J 74 49.15 -17.97 13.86
N GLN J 75 48.75 -19.23 13.68
CA GLN J 75 48.94 -19.90 12.41
C GLN J 75 48.31 -19.13 11.26
N LEU J 76 47.27 -18.35 11.56
CA LEU J 76 46.64 -17.54 10.52
C LEU J 76 47.58 -16.43 10.05
N LYS J 77 48.14 -15.67 10.99
CA LYS J 77 49.02 -14.58 10.62
C LYS J 77 50.17 -15.08 9.74
N ALA J 78 50.55 -16.34 9.91
CA ALA J 78 51.59 -16.94 9.08
C ALA J 78 51.04 -17.35 7.72
N THR J 79 49.99 -18.19 7.71
CA THR J 79 49.46 -18.69 6.45
C THR J 79 49.16 -17.53 5.50
N ALA J 80 48.61 -16.44 6.03
CA ALA J 80 48.39 -15.26 5.23
C ALA J 80 49.70 -14.72 4.68
N LYS J 81 50.66 -14.47 5.58
CA LYS J 81 51.90 -13.82 5.16
C LYS J 81 52.58 -14.59 4.04
N LYS J 82 52.62 -15.92 4.14
CA LYS J 82 53.24 -16.71 3.09
C LYS J 82 52.54 -16.51 1.75
N VAL J 83 51.21 -16.64 1.74
CA VAL J 83 50.47 -16.51 0.49
C VAL J 83 50.74 -15.13 -0.12
N LEU J 84 50.80 -14.10 0.72
CA LEU J 84 50.99 -12.75 0.21
C LEU J 84 52.23 -12.68 -0.66
N VAL J 85 53.36 -13.18 -0.16
CA VAL J 85 54.60 -13.12 -0.92
C VAL J 85 54.50 -14.00 -2.16
N GLU J 86 54.05 -15.24 -1.99
CA GLU J 86 53.96 -16.14 -3.12
C GLU J 86 53.10 -15.55 -4.22
N ALA J 87 52.01 -14.88 -3.84
CA ALA J 87 51.21 -14.16 -4.82
C ALA J 87 52.04 -13.05 -5.45
N LEU J 88 52.71 -12.25 -4.62
CA LEU J 88 53.53 -11.17 -5.14
C LEU J 88 54.58 -11.69 -6.10
N LYS J 89 55.22 -12.81 -5.75
CA LYS J 89 56.23 -13.41 -6.60
C LYS J 89 55.66 -13.72 -7.98
N ALA J 90 54.60 -14.54 -8.03
CA ALA J 90 54.02 -14.90 -9.32
C ALA J 90 53.47 -13.69 -10.04
N ALA J 91 53.24 -12.59 -9.34
CA ALA J 91 52.60 -11.41 -9.89
C ALA J 91 53.57 -10.38 -10.43
N LEU J 92 54.88 -10.63 -10.36
CA LEU J 92 55.83 -9.60 -10.72
C LEU J 92 56.01 -9.47 -12.23
N GLU J 93 56.35 -10.58 -12.89
CA GLU J 93 56.60 -10.49 -14.33
C GLU J 93 55.41 -9.95 -15.10
N PRO J 94 54.19 -10.44 -14.91
CA PRO J 94 53.05 -9.85 -15.63
C PRO J 94 52.88 -8.37 -15.34
N THR J 95 53.30 -7.91 -14.16
CA THR J 95 53.20 -6.48 -13.86
C THR J 95 54.18 -5.67 -14.70
N GLU J 96 55.40 -6.16 -14.86
CA GLU J 96 56.35 -5.47 -15.73
C GLU J 96 55.83 -5.37 -17.15
N LYS J 97 55.32 -6.49 -17.67
CA LYS J 97 54.73 -6.46 -19.00
C LYS J 97 53.63 -5.42 -19.08
N ILE J 98 52.74 -5.41 -18.08
CA ILE J 98 51.68 -4.41 -18.03
C ILE J 98 52.26 -3.01 -17.98
N VAL J 99 53.20 -2.79 -17.06
CA VAL J 99 53.85 -1.48 -16.96
C VAL J 99 54.50 -1.16 -18.29
N ALA J 100 55.24 -2.11 -18.86
CA ALA J 100 55.91 -1.88 -20.13
C ALA J 100 54.93 -1.42 -21.19
N SER J 101 53.84 -2.18 -21.39
CA SER J 101 52.88 -1.82 -22.43
C SER J 101 52.22 -0.48 -22.15
N THR J 102 51.82 -0.25 -20.90
CA THR J 102 51.10 0.98 -20.58
C THR J 102 51.93 2.22 -20.86
N ILE J 103 53.24 2.07 -20.97
CA ILE J 103 54.15 3.20 -21.17
C ILE J 103 54.96 3.09 -22.46
N LYS J 104 54.84 1.99 -23.19
CA LYS J 104 55.62 1.81 -24.41
C LYS J 104 55.06 2.68 -25.53
N PRO J 105 55.90 3.40 -26.26
CA PRO J 105 55.43 4.11 -27.46
C PRO J 105 54.62 3.18 -28.34
N PRO J 106 53.68 3.71 -29.13
CA PRO J 106 53.43 5.16 -29.28
C PRO J 106 52.63 5.73 -28.12
N ARG J 107 52.41 4.94 -27.07
CA ARG J 107 51.75 5.47 -25.88
C ARG J 107 52.49 6.69 -25.37
N VAL J 108 53.81 6.74 -25.59
CA VAL J 108 54.63 7.88 -25.24
C VAL J 108 55.64 8.07 -26.36
N SER J 109 56.14 9.30 -26.46
CA SER J 109 57.12 9.62 -27.50
C SER J 109 58.29 8.66 -27.43
N GLU J 110 58.71 8.16 -28.60
CA GLU J 110 59.90 7.33 -28.65
C GLU J 110 61.13 8.11 -28.18
N ASP J 111 61.23 9.38 -28.57
CA ASP J 111 62.29 10.22 -28.04
C ASP J 111 62.18 10.40 -26.53
N ALA J 112 60.98 10.24 -25.97
CA ALA J 112 60.78 10.28 -24.53
C ALA J 112 60.99 8.91 -23.90
N TYR J 113 60.54 7.84 -24.55
CA TYR J 113 60.77 6.50 -24.03
C TYR J 113 62.26 6.22 -23.89
N PHE J 114 63.10 6.95 -24.62
CA PHE J 114 64.54 6.84 -24.44
C PHE J 114 64.95 7.10 -23.00
N LEU J 115 64.17 7.91 -22.28
CA LEU J 115 64.48 8.26 -20.90
C LEU J 115 63.67 7.45 -19.89
N LEU J 116 62.65 6.71 -20.33
CA LEU J 116 61.74 6.05 -19.40
C LEU J 116 62.15 4.60 -19.11
N GLY J 117 62.24 3.78 -20.15
CA GLY J 117 62.58 2.38 -19.99
C GLY J 117 63.67 2.14 -18.98
N PRO J 118 64.82 2.80 -19.17
CA PRO J 118 65.96 2.54 -18.26
C PRO J 118 65.61 2.68 -16.79
N VAL J 119 64.87 3.73 -16.44
CA VAL J 119 64.63 4.01 -15.04
C VAL J 119 63.49 3.14 -14.51
N VAL J 120 62.44 2.97 -15.30
CA VAL J 120 61.41 1.99 -14.96
C VAL J 120 62.04 0.64 -14.72
N LYS J 121 62.87 0.19 -15.66
CA LYS J 121 63.46 -1.14 -15.54
C LYS J 121 64.50 -1.16 -14.44
N THR J 122 65.21 -0.05 -14.24
CA THR J 122 66.12 0.05 -13.10
C THR J 122 65.38 -0.26 -11.81
N LEU J 123 64.27 0.44 -11.58
CA LEU J 123 63.52 0.23 -10.35
C LEU J 123 62.92 -1.16 -10.32
N PHE J 124 62.54 -1.69 -11.48
CA PHE J 124 61.97 -3.02 -11.52
C PHE J 124 63.04 -4.08 -11.33
N ASN J 125 64.28 -3.80 -11.75
CA ASN J 125 65.41 -4.61 -11.33
C ASN J 125 65.60 -4.55 -9.82
N LYS J 126 65.63 -3.35 -9.25
CA LYS J 126 65.76 -3.22 -7.80
C LYS J 126 64.80 -4.16 -7.09
N VAL J 127 63.59 -4.29 -7.64
CA VAL J 127 62.58 -5.14 -7.04
C VAL J 127 62.92 -6.61 -7.23
N GLU J 128 63.15 -7.02 -8.49
CA GLU J 128 63.49 -8.42 -8.75
C GLU J 128 64.61 -8.87 -7.83
N ASP J 129 65.58 -8.00 -7.59
CA ASP J 129 66.66 -8.32 -6.67
C ASP J 129 66.09 -8.75 -5.33
N VAL J 130 65.36 -7.85 -4.69
CA VAL J 130 64.94 -8.08 -3.31
C VAL J 130 64.13 -9.36 -3.21
N LEU J 131 63.11 -9.50 -4.07
CA LEU J 131 62.35 -10.73 -4.06
C LEU J 131 63.11 -11.89 -4.68
N HIS J 132 64.29 -11.63 -5.25
CA HIS J 132 65.06 -12.68 -5.91
C HIS J 132 64.21 -13.38 -6.96
N LYS J 133 63.45 -12.61 -7.73
CA LYS J 133 62.69 -13.11 -8.87
C LYS J 133 63.09 -12.30 -10.08
N PRO J 134 64.27 -12.57 -10.64
CA PRO J 134 64.75 -11.74 -11.75
C PRO J 134 63.82 -11.82 -12.94
N ILE J 135 63.68 -10.69 -13.63
CA ILE J 135 62.96 -10.65 -14.89
C ILE J 135 63.89 -9.98 -15.89
N PRO J 136 64.14 -10.58 -17.05
CA PRO J 136 64.99 -9.92 -18.04
C PRO J 136 64.39 -8.56 -18.38
N ASP J 137 65.27 -7.61 -18.66
CA ASP J 137 64.84 -6.26 -18.98
C ASP J 137 64.45 -6.11 -20.44
N THR J 138 64.16 -7.25 -21.10
CA THR J 138 63.77 -7.22 -22.50
C THR J 138 62.36 -6.67 -22.66
N ILE J 139 61.47 -6.98 -21.71
CA ILE J 139 60.09 -6.51 -21.76
C ILE J 139 60.12 -5.05 -22.15
N TRP J 140 61.12 -4.33 -21.63
CA TRP J 140 61.36 -2.95 -22.02
C TRP J 140 62.17 -2.97 -23.31
N GLU J 141 61.53 -2.58 -24.41
CA GLU J 141 62.10 -2.80 -25.74
C GLU J 141 61.60 -1.74 -26.71
N TYR J 142 62.53 -1.06 -27.36
CA TYR J 142 62.23 -0.17 -28.48
C TYR J 142 61.01 0.71 -28.20
N GLU K 20 64.47 -38.82 -0.37
CA GLU K 20 64.64 -37.58 0.38
C GLU K 20 64.99 -36.44 -0.55
N ILE K 21 65.11 -35.24 0.01
CA ILE K 21 65.46 -34.06 -0.77
C ILE K 21 66.98 -34.05 -0.94
N GLN K 22 67.44 -34.18 -2.18
CA GLN K 22 68.86 -34.32 -2.44
C GLN K 22 69.20 -33.71 -3.80
N LEU K 23 70.33 -33.00 -3.85
CA LEU K 23 70.81 -32.33 -5.06
C LEU K 23 72.06 -33.03 -5.56
N GLN K 24 71.96 -33.65 -6.73
CA GLN K 24 73.09 -34.34 -7.35
C GLN K 24 73.73 -33.45 -8.40
N GLN K 25 75.04 -33.55 -8.52
CA GLN K 25 75.82 -32.76 -9.46
C GLN K 25 76.60 -33.66 -10.40
N SER K 26 77.47 -33.05 -11.20
CA SER K 26 78.39 -33.77 -12.06
C SER K 26 79.69 -34.05 -11.34
N GLY K 27 80.47 -34.98 -11.89
CA GLY K 27 81.76 -35.30 -11.34
C GLY K 27 82.81 -34.29 -11.74
N PRO K 28 84.02 -34.50 -11.23
CA PRO K 28 85.11 -33.57 -11.53
C PRO K 28 85.42 -33.54 -13.02
N GLU K 29 85.90 -32.39 -13.48
CA GLU K 29 86.25 -32.21 -14.88
C GLU K 29 87.68 -31.69 -14.99
N LEU K 30 88.51 -32.44 -15.70
CA LEU K 30 89.79 -31.93 -16.15
C LEU K 30 89.56 -31.28 -17.50
N VAL K 31 89.82 -29.98 -17.57
CA VAL K 31 89.56 -29.19 -18.78
C VAL K 31 90.83 -28.43 -19.13
N LYS K 32 91.16 -28.42 -20.42
CA LYS K 32 92.33 -27.69 -20.87
C LYS K 32 92.09 -26.19 -20.72
N PRO K 33 93.15 -25.43 -20.40
CA PRO K 33 92.95 -23.99 -20.18
C PRO K 33 92.36 -23.32 -21.41
N GLY K 34 91.55 -22.30 -21.18
CA GLY K 34 90.91 -21.59 -22.25
C GLY K 34 89.72 -22.28 -22.86
N ALA K 35 89.27 -23.38 -22.28
CA ALA K 35 88.08 -24.07 -22.75
C ALA K 35 86.89 -23.75 -21.83
N SER K 36 85.72 -24.17 -22.25
CA SER K 36 84.48 -24.01 -21.50
C SER K 36 84.05 -25.34 -20.92
N VAL K 37 83.09 -25.28 -20.00
CA VAL K 37 82.52 -26.48 -19.40
C VAL K 37 81.09 -26.17 -18.99
N LYS K 38 80.25 -27.20 -19.02
CA LYS K 38 78.82 -27.07 -18.71
C LYS K 38 78.48 -28.12 -17.66
N VAL K 39 78.53 -27.72 -16.39
CA VAL K 39 78.22 -28.61 -15.29
C VAL K 39 76.71 -28.57 -15.02
N SER K 40 76.22 -29.63 -14.39
CA SER K 40 74.80 -29.80 -14.12
C SER K 40 74.55 -30.07 -12.65
N CYS K 41 73.30 -29.85 -12.23
CA CYS K 41 72.89 -30.11 -10.86
C CYS K 41 71.42 -30.47 -10.87
N LYS K 42 71.11 -31.75 -10.69
CA LYS K 42 69.74 -32.22 -10.71
C LYS K 42 69.15 -32.26 -9.30
N ALA K 43 67.82 -32.21 -9.25
CA ALA K 43 67.07 -32.20 -8.01
C ALA K 43 66.10 -33.38 -7.96
N SER K 44 65.63 -33.70 -6.76
CA SER K 44 64.65 -34.76 -6.59
C SER K 44 64.05 -34.65 -5.19
N GLY K 45 62.96 -35.39 -4.99
CA GLY K 45 62.24 -35.41 -3.73
C GLY K 45 61.21 -34.31 -3.62
N TYR K 46 61.63 -33.07 -3.91
CA TYR K 46 60.75 -31.92 -3.88
C TYR K 46 60.38 -31.54 -5.32
N SER K 47 59.65 -30.43 -5.46
CA SER K 47 59.23 -29.93 -6.77
C SER K 47 60.34 -29.05 -7.32
N PHE K 48 61.00 -29.53 -8.37
CA PHE K 48 62.19 -28.88 -8.90
C PHE K 48 61.97 -27.39 -9.17
N THR K 49 60.79 -27.02 -9.61
CA THR K 49 60.56 -25.69 -10.14
C THR K 49 60.19 -24.65 -9.09
N ASP K 50 59.84 -25.06 -7.87
CA ASP K 50 59.37 -24.07 -6.90
C ASP K 50 60.51 -23.29 -6.27
N TYR K 51 61.69 -23.89 -6.15
CA TYR K 51 62.83 -23.25 -5.52
C TYR K 51 63.83 -22.76 -6.55
N ASN K 52 64.62 -21.76 -6.15
CA ASN K 52 65.67 -21.22 -7.00
C ASN K 52 66.96 -22.02 -6.86
N MET K 53 67.86 -21.83 -7.81
CA MET K 53 69.14 -22.50 -7.83
C MET K 53 70.23 -21.45 -7.90
N TYR K 54 71.12 -21.46 -6.92
CA TYR K 54 72.23 -20.54 -6.82
C TYR K 54 73.52 -21.32 -7.04
N TRP K 55 74.55 -20.63 -7.51
CA TRP K 55 75.83 -21.25 -7.81
C TRP K 55 76.93 -20.52 -7.04
N VAL K 56 77.84 -21.29 -6.44
CA VAL K 56 78.88 -20.75 -5.58
C VAL K 56 80.21 -21.43 -5.87
N LYS K 57 81.29 -20.73 -5.55
CA LYS K 57 82.65 -21.18 -5.75
C LYS K 57 83.38 -21.18 -4.42
N GLN K 58 84.33 -22.10 -4.28
CA GLN K 58 85.17 -22.18 -3.08
C GLN K 58 86.59 -22.48 -3.53
N SER K 59 87.44 -21.45 -3.52
CA SER K 59 88.85 -21.61 -3.80
C SER K 59 89.61 -21.98 -2.52
N HIS K 60 90.68 -22.76 -2.69
CA HIS K 60 91.54 -23.13 -1.59
C HIS K 60 90.81 -24.01 -0.58
N GLY K 61 89.54 -24.32 -0.85
CA GLY K 61 88.69 -24.81 0.20
C GLY K 61 88.53 -23.85 1.35
N LYS K 62 88.78 -22.56 1.13
CA LYS K 62 88.66 -21.57 2.19
C LYS K 62 87.61 -20.51 1.90
N SER K 63 87.73 -19.75 0.82
CA SER K 63 86.92 -18.56 0.61
C SER K 63 85.75 -18.89 -0.30
N LEU K 64 84.55 -18.46 0.12
CA LEU K 64 83.31 -18.75 -0.58
C LEU K 64 82.77 -17.49 -1.23
N GLU K 65 82.41 -17.60 -2.51
CA GLU K 65 82.00 -16.45 -3.31
C GLU K 65 80.74 -16.81 -4.09
N TRP K 66 79.75 -15.92 -4.09
CA TRP K 66 78.54 -16.15 -4.85
C TRP K 66 78.75 -15.75 -6.30
N ILE K 67 78.22 -16.56 -7.21
CA ILE K 67 78.37 -16.31 -8.63
C ILE K 67 77.07 -15.74 -9.15
N GLY K 68 76.01 -16.53 -9.06
CA GLY K 68 74.73 -16.11 -9.60
C GLY K 68 73.64 -17.05 -9.17
N TYR K 69 72.48 -16.89 -9.80
CA TYR K 69 71.37 -17.80 -9.59
C TYR K 69 70.35 -17.57 -10.70
N ILE K 70 69.33 -18.41 -10.72
CA ILE K 70 68.39 -18.46 -11.83
C ILE K 70 67.04 -18.92 -11.31
N ASP K 71 65.98 -18.34 -11.85
CA ASP K 71 64.62 -18.72 -11.49
C ASP K 71 64.13 -19.79 -12.47
N PRO K 72 63.89 -21.02 -12.04
CA PRO K 72 63.52 -22.06 -13.02
C PRO K 72 62.29 -21.73 -13.84
N TYR K 73 61.21 -21.29 -13.20
CA TYR K 73 59.95 -21.04 -13.92
C TYR K 73 60.13 -19.95 -14.97
N ASN K 74 60.63 -18.79 -14.55
CA ASN K 74 60.84 -17.69 -15.48
C ASN K 74 62.12 -17.89 -16.30
N GLY K 75 63.14 -18.52 -15.72
CA GLY K 75 64.41 -18.69 -16.39
C GLY K 75 65.34 -17.50 -16.30
N GLY K 76 64.98 -16.47 -15.56
CA GLY K 76 65.83 -15.30 -15.46
C GLY K 76 66.99 -15.55 -14.51
N THR K 77 68.15 -15.00 -14.88
CA THR K 77 69.38 -15.18 -14.15
C THR K 77 69.81 -13.88 -13.48
N ARG K 78 70.63 -14.03 -12.44
CA ARG K 78 71.24 -12.89 -11.76
C ARG K 78 72.66 -13.28 -11.40
N TYR K 79 73.63 -12.51 -11.86
CA TYR K 79 75.03 -12.82 -11.70
C TYR K 79 75.70 -11.83 -10.74
N ASN K 80 76.78 -12.28 -10.14
CA ASN K 80 77.70 -11.38 -9.48
C ASN K 80 78.55 -10.67 -10.53
N GLN K 81 78.86 -9.40 -10.28
CA GLN K 81 79.61 -8.63 -11.27
C GLN K 81 80.89 -9.34 -11.66
N LYS K 82 81.55 -9.99 -10.69
CA LYS K 82 82.82 -10.66 -10.99
C LYS K 82 82.64 -11.73 -12.06
N PHE K 83 81.48 -12.37 -12.12
CA PHE K 83 81.25 -13.50 -13.02
C PHE K 83 80.17 -13.20 -14.05
N ARG K 84 79.98 -11.93 -14.41
CA ARG K 84 78.87 -11.58 -15.28
C ARG K 84 78.94 -12.32 -16.61
N ASP K 85 80.10 -12.31 -17.26
CA ASP K 85 80.26 -12.96 -18.55
C ASP K 85 81.10 -14.23 -18.48
N LYS K 86 81.83 -14.44 -17.39
CA LYS K 86 82.53 -15.71 -17.23
C LYS K 86 81.53 -16.85 -17.20
N ALA K 87 80.44 -16.69 -16.46
CA ALA K 87 79.49 -17.75 -16.20
C ALA K 87 78.20 -17.52 -16.96
N THR K 88 77.57 -18.62 -17.35
CA THR K 88 76.28 -18.58 -18.03
C THR K 88 75.45 -19.76 -17.51
N LEU K 89 74.27 -19.46 -16.98
CA LEU K 89 73.42 -20.47 -16.37
C LEU K 89 72.27 -20.82 -17.29
N THR K 90 71.94 -22.11 -17.33
CA THR K 90 70.79 -22.60 -18.07
C THR K 90 70.10 -23.64 -17.21
N VAL K 91 68.93 -24.08 -17.66
CA VAL K 91 68.11 -25.04 -16.92
C VAL K 91 67.40 -25.96 -17.90
N ASP K 92 66.85 -27.05 -17.37
CA ASP K 92 66.01 -27.95 -18.16
C ASP K 92 65.05 -28.65 -17.19
N LYS K 93 63.79 -28.21 -17.18
CA LYS K 93 62.83 -28.83 -16.29
C LYS K 93 62.66 -30.31 -16.59
N SER K 94 62.77 -30.70 -17.86
CA SER K 94 62.56 -32.09 -18.24
C SER K 94 63.40 -33.01 -17.36
N SER K 95 64.67 -32.69 -17.21
CA SER K 95 65.59 -33.47 -16.39
C SER K 95 65.63 -33.00 -14.94
N SER K 96 64.81 -32.03 -14.57
CA SER K 96 64.84 -31.47 -13.21
C SER K 96 66.26 -31.02 -12.87
N THR K 97 66.92 -30.39 -13.83
CA THR K 97 68.32 -30.07 -13.73
C THR K 97 68.60 -28.62 -14.08
N ALA K 98 69.60 -28.06 -13.42
CA ALA K 98 70.12 -26.74 -13.72
C ALA K 98 71.58 -26.87 -14.12
N PHE K 99 72.04 -25.94 -14.94
CA PHE K 99 73.38 -26.00 -15.50
C PHE K 99 74.10 -24.68 -15.27
N MET K 100 75.43 -24.76 -15.32
CA MET K 100 76.29 -23.60 -15.19
C MET K 100 77.31 -23.67 -16.31
N HIS K 101 77.38 -22.61 -17.11
CA HIS K 101 78.23 -22.55 -18.28
C HIS K 101 79.35 -21.56 -18.04
N LEU K 102 80.58 -21.98 -18.34
CA LEU K 102 81.76 -21.18 -18.05
C LEU K 102 82.63 -21.09 -19.30
N ASN K 103 83.35 -19.97 -19.42
CA ASN K 103 84.15 -19.69 -20.60
C ASN K 103 85.49 -19.12 -20.16
N SER K 104 86.48 -19.28 -21.02
CA SER K 104 87.80 -18.68 -20.80
C SER K 104 88.35 -19.03 -19.41
N LEU K 105 88.58 -20.33 -19.24
CA LEU K 105 88.95 -20.85 -17.93
C LEU K 105 90.39 -20.50 -17.59
N THR K 106 90.59 -19.93 -16.41
CA THR K 106 91.90 -19.55 -15.91
C THR K 106 92.26 -20.42 -14.71
N SER K 107 93.52 -20.35 -14.32
CA SER K 107 93.96 -20.98 -13.07
C SER K 107 93.10 -20.48 -11.92
N GLU K 108 92.81 -19.17 -11.91
CA GLU K 108 91.97 -18.62 -10.85
C GLU K 108 90.57 -19.21 -10.88
N ASP K 109 90.19 -19.85 -11.99
CA ASP K 109 88.86 -20.43 -12.14
C ASP K 109 88.84 -21.92 -11.82
N SER K 110 89.94 -22.48 -11.33
CA SER K 110 89.97 -23.88 -10.94
C SER K 110 89.61 -23.94 -9.45
N ALA K 111 88.50 -24.59 -9.13
CA ALA K 111 88.06 -24.67 -7.74
C ALA K 111 86.91 -25.67 -7.65
N VAL K 112 86.25 -25.68 -6.49
CA VAL K 112 85.07 -26.49 -6.24
C VAL K 112 83.84 -25.58 -6.36
N TYR K 113 82.83 -26.08 -7.06
CA TYR K 113 81.60 -25.33 -7.31
C TYR K 113 80.42 -26.09 -6.75
N TYR K 114 79.64 -25.43 -5.91
CA TYR K 114 78.46 -26.01 -5.28
C TYR K 114 77.19 -25.47 -5.94
N CYS K 115 76.09 -26.22 -5.77
CA CYS K 115 74.75 -25.79 -6.16
C CYS K 115 73.83 -25.91 -4.95
N ALA K 116 72.89 -24.97 -4.81
CA ALA K 116 72.04 -24.93 -3.63
C ALA K 116 70.63 -24.48 -3.98
N ARG K 117 69.72 -24.74 -3.04
CA ARG K 117 68.29 -24.45 -3.16
C ARG K 117 67.93 -23.23 -2.32
N GLY K 118 66.79 -22.62 -2.65
CA GLY K 118 66.28 -21.53 -1.85
C GLY K 118 64.90 -21.10 -2.29
N TYR K 119 64.23 -20.36 -1.40
CA TYR K 119 62.98 -19.68 -1.72
C TYR K 119 62.86 -18.46 -0.82
N TYR K 120 62.49 -17.32 -1.40
CA TYR K 120 62.45 -16.05 -0.67
C TYR K 120 61.13 -15.93 0.08
N TYR K 121 61.21 -15.76 1.40
CA TYR K 121 60.05 -15.54 2.25
C TYR K 121 60.23 -14.26 3.05
N GLY K 122 60.66 -13.20 2.38
CA GLY K 122 60.75 -11.89 2.99
C GLY K 122 62.09 -11.60 3.62
N ASN K 123 62.53 -12.47 4.52
CA ASN K 123 63.83 -12.30 5.14
C ASN K 123 64.92 -12.54 4.10
N PRO K 124 66.10 -11.96 4.30
CA PRO K 124 67.19 -12.20 3.36
C PRO K 124 67.38 -13.68 3.15
N LEU K 125 67.69 -14.06 1.92
CA LEU K 125 67.70 -15.46 1.54
C LEU K 125 68.90 -16.19 2.11
N HIS K 126 68.71 -17.47 2.43
CA HIS K 126 69.80 -18.34 2.85
C HIS K 126 69.77 -19.63 2.03
N PHE K 127 70.64 -20.59 2.36
CA PHE K 127 70.78 -21.82 1.59
C PHE K 127 70.45 -23.01 2.49
N ASP K 128 69.37 -23.72 2.17
CA ASP K 128 68.91 -24.84 2.97
C ASP K 128 69.40 -26.20 2.48
N VAL K 129 69.77 -26.32 1.21
CA VAL K 129 70.23 -27.58 0.65
C VAL K 129 71.46 -27.33 -0.21
N TRP K 130 72.43 -28.23 -0.14
CA TRP K 130 73.69 -28.10 -0.85
C TRP K 130 73.99 -29.35 -1.65
N GLY K 131 74.62 -29.14 -2.81
CA GLY K 131 75.05 -30.25 -3.62
C GLY K 131 76.39 -30.79 -3.16
N ALA K 132 76.77 -31.93 -3.74
CA ALA K 132 77.99 -32.60 -3.32
C ALA K 132 79.23 -31.78 -3.63
N GLY K 133 79.13 -30.78 -4.51
CA GLY K 133 80.29 -30.03 -4.94
C GLY K 133 80.98 -30.69 -6.12
N THR K 134 81.20 -29.94 -7.18
CA THR K 134 81.90 -30.42 -8.37
C THR K 134 83.26 -29.75 -8.45
N THR K 135 84.32 -30.55 -8.38
CA THR K 135 85.68 -30.02 -8.42
C THR K 135 86.15 -29.95 -9.87
N VAL K 136 86.37 -28.74 -10.35
CA VAL K 136 86.82 -28.52 -11.71
C VAL K 136 88.31 -28.19 -11.69
N THR K 137 89.07 -28.84 -12.55
CA THR K 137 90.51 -28.66 -12.62
C THR K 137 90.86 -28.16 -14.01
N VAL K 138 91.52 -27.02 -14.07
CA VAL K 138 91.98 -26.44 -15.33
C VAL K 138 93.49 -26.64 -15.39
N SER K 139 93.95 -27.39 -16.38
CA SER K 139 95.37 -27.60 -16.56
C SER K 139 95.64 -28.23 -17.93
N SER K 140 96.62 -27.69 -18.64
CA SER K 140 97.03 -28.31 -19.90
C SER K 140 97.76 -29.63 -19.68
N ALA K 141 98.09 -29.96 -18.43
CA ALA K 141 98.79 -31.20 -18.14
C ALA K 141 97.94 -32.41 -18.53
N LYS K 142 98.63 -33.48 -18.90
CA LYS K 142 97.97 -34.68 -19.40
C LYS K 142 97.46 -35.54 -18.25
N THR K 143 96.57 -36.47 -18.61
CA THR K 143 96.14 -37.50 -17.67
C THR K 143 97.16 -38.63 -17.68
N THR K 144 97.82 -38.84 -16.55
CA THR K 144 98.82 -39.87 -16.39
C THR K 144 98.41 -40.78 -15.24
N PRO K 145 98.40 -42.10 -15.42
CA PRO K 145 98.04 -42.98 -14.31
C PRO K 145 99.07 -42.91 -13.21
N PRO K 146 98.71 -43.32 -12.00
CA PRO K 146 99.66 -43.27 -10.89
C PRO K 146 100.60 -44.45 -10.88
N SER K 147 101.70 -44.27 -10.16
CA SER K 147 102.63 -45.33 -9.83
C SER K 147 102.56 -45.57 -8.33
N VAL K 148 102.38 -46.83 -7.95
CA VAL K 148 102.16 -47.21 -6.56
C VAL K 148 103.36 -48.00 -6.06
N TYR K 149 103.87 -47.63 -4.89
CA TYR K 149 104.96 -48.35 -4.26
C TYR K 149 104.61 -48.63 -2.80
N PRO K 150 104.81 -49.85 -2.32
CA PRO K 150 104.49 -50.16 -0.92
C PRO K 150 105.51 -49.58 0.05
N LEU K 151 105.32 -49.80 1.34
CA LEU K 151 106.26 -49.33 2.35
C LEU K 151 106.30 -50.34 3.50
N ALA K 152 107.39 -51.10 3.60
CA ALA K 152 107.50 -52.15 4.61
C ALA K 152 108.72 -51.91 5.50
N PRO K 153 108.65 -52.24 6.79
CA PRO K 153 109.77 -51.94 7.70
C PRO K 153 111.00 -52.79 7.41
N GLY K 154 112.06 -52.12 6.98
CA GLY K 154 113.25 -52.78 6.46
C GLY K 154 114.11 -53.44 7.52
N SER K 155 114.76 -52.63 8.38
CA SER K 155 115.58 -53.19 9.45
C SER K 155 114.75 -53.96 10.45
N ALA K 156 113.42 -53.84 10.41
CA ALA K 156 112.53 -54.56 11.30
C ALA K 156 112.70 -54.19 12.75
N ALA K 157 113.32 -53.06 13.04
CA ALA K 157 113.70 -52.81 14.42
C ALA K 157 112.55 -52.26 15.23
N GLN K 158 111.36 -52.13 14.62
CA GLN K 158 110.17 -51.74 15.35
C GLN K 158 109.50 -52.99 15.90
N THR K 159 110.13 -53.55 16.93
CA THR K 159 109.51 -54.62 17.72
C THR K 159 108.70 -53.98 18.85
N ASN K 160 107.77 -53.14 18.44
CA ASN K 160 106.69 -52.68 19.28
C ASN K 160 105.48 -53.59 19.08
N SER K 161 104.45 -53.37 19.87
CA SER K 161 103.25 -54.17 19.73
C SER K 161 102.43 -53.75 18.52
N MET K 162 102.99 -52.87 17.69
CA MET K 162 102.23 -52.23 16.62
C MET K 162 103.18 -51.80 15.52
N VAL K 163 103.05 -52.39 14.34
CA VAL K 163 103.94 -52.13 13.22
C VAL K 163 103.17 -51.32 12.18
N THR K 164 103.61 -50.09 11.95
CA THR K 164 102.97 -49.23 10.96
C THR K 164 103.49 -49.56 9.56
N LEU K 165 102.57 -49.78 8.64
CA LEU K 165 102.89 -50.01 7.24
C LEU K 165 102.40 -48.83 6.41
N GLY K 166 102.86 -48.78 5.15
CA GLY K 166 102.57 -47.66 4.30
C GLY K 166 102.29 -48.10 2.87
N CYS K 167 101.88 -47.11 2.07
CA CYS K 167 101.56 -47.31 0.66
C CYS K 167 101.78 -45.98 -0.03
N LEU K 168 102.55 -45.97 -1.12
CA LEU K 168 103.01 -44.74 -1.75
C LEU K 168 102.47 -44.65 -3.17
N VAL K 169 101.74 -43.55 -3.44
CA VAL K 169 101.18 -43.28 -4.76
C VAL K 169 101.85 -42.04 -5.32
N LYS K 170 102.43 -42.18 -6.51
CA LYS K 170 103.21 -41.10 -7.11
C LYS K 170 102.85 -40.95 -8.58
N GLY K 171 102.91 -39.71 -9.07
CA GLY K 171 102.86 -39.45 -10.48
C GLY K 171 101.54 -39.71 -11.17
N TYR K 172 100.53 -38.87 -10.90
CA TYR K 172 99.26 -39.01 -11.57
C TYR K 172 98.58 -37.65 -11.70
N PHE K 173 97.66 -37.57 -12.65
CA PHE K 173 96.94 -36.34 -12.91
C PHE K 173 95.61 -36.65 -13.60
N PRO K 174 94.50 -36.03 -13.18
CA PRO K 174 94.32 -35.08 -12.08
C PRO K 174 94.44 -35.70 -10.70
N GLU K 175 94.08 -34.95 -9.66
CA GLU K 175 94.36 -35.35 -8.29
C GLU K 175 93.48 -36.47 -7.74
N PRO K 176 92.18 -36.52 -8.05
CA PRO K 176 91.32 -37.46 -7.30
C PRO K 176 91.79 -38.90 -7.42
N VAL K 177 92.23 -39.45 -6.30
CA VAL K 177 92.62 -40.85 -6.19
C VAL K 177 92.16 -41.36 -4.83
N THR K 178 91.73 -42.61 -4.79
CA THR K 178 91.20 -43.21 -3.56
C THR K 178 92.07 -44.38 -3.12
N VAL K 179 92.15 -44.57 -1.81
CA VAL K 179 93.01 -45.58 -1.22
C VAL K 179 92.22 -46.31 -0.13
N THR K 180 92.00 -47.61 -0.33
CA THR K 180 91.47 -48.46 0.73
C THR K 180 92.49 -49.56 1.02
N TRP K 181 92.29 -50.21 2.16
CA TRP K 181 93.15 -51.29 2.62
C TRP K 181 92.33 -52.56 2.79
N ASN K 182 92.80 -53.64 2.19
CA ASN K 182 92.06 -54.89 2.18
C ASN K 182 90.65 -54.64 1.63
N SER K 183 90.57 -53.77 0.63
CA SER K 183 89.31 -53.45 -0.03
C SER K 183 88.32 -52.79 0.93
N GLY K 184 88.85 -52.02 1.88
CA GLY K 184 88.04 -51.28 2.82
C GLY K 184 87.86 -51.95 4.16
N SER K 185 88.11 -53.26 4.25
CA SER K 185 87.94 -53.96 5.52
C SER K 185 88.70 -53.24 6.63
N LEU K 186 89.96 -52.92 6.38
CA LEU K 186 90.75 -52.17 7.34
C LEU K 186 90.35 -50.71 7.38
N SER K 187 89.41 -50.36 8.25
CA SER K 187 88.99 -48.97 8.40
C SER K 187 89.59 -48.30 9.62
N SER K 188 89.89 -49.06 10.66
CA SER K 188 90.42 -48.47 11.89
C SER K 188 91.92 -48.24 11.77
N GLY K 189 92.38 -47.11 12.30
CA GLY K 189 93.80 -46.86 12.44
C GLY K 189 94.54 -46.51 11.16
N VAL K 190 93.85 -45.98 10.16
CA VAL K 190 94.46 -45.62 8.90
C VAL K 190 94.68 -44.11 8.87
N HIS K 191 95.58 -43.68 7.98
CA HIS K 191 95.88 -42.26 7.81
C HIS K 191 96.22 -42.04 6.33
N THR K 192 95.40 -41.25 5.63
CA THR K 192 95.67 -40.90 4.25
C THR K 192 95.92 -39.40 4.16
N PHE K 193 97.08 -39.03 3.64
CA PHE K 193 97.54 -37.65 3.68
C PHE K 193 97.21 -36.91 2.39
N PRO K 194 96.93 -35.62 2.46
CA PRO K 194 96.69 -34.84 1.24
C PRO K 194 97.89 -34.89 0.30
N ALA K 195 97.60 -34.90 -0.99
CA ALA K 195 98.64 -34.89 -2.00
C ALA K 195 99.24 -33.49 -2.13
N VAL K 196 100.45 -33.45 -2.69
CA VAL K 196 101.16 -32.20 -2.94
C VAL K 196 101.68 -32.21 -4.37
N LEU K 197 101.47 -31.12 -5.08
CA LEU K 197 101.82 -31.06 -6.50
C LEU K 197 103.29 -30.72 -6.68
N GLN K 198 103.94 -31.41 -7.61
CA GLN K 198 105.29 -31.07 -8.03
C GLN K 198 105.45 -31.42 -9.50
N SER K 199 105.64 -30.41 -10.34
CA SER K 199 105.89 -30.61 -11.77
C SER K 199 104.73 -31.37 -12.41
N ASP K 200 103.52 -30.84 -12.22
CA ASP K 200 102.32 -31.40 -12.83
C ASP K 200 102.16 -32.89 -12.51
N LEU K 201 102.49 -33.26 -11.27
CA LEU K 201 102.37 -34.65 -10.83
C LEU K 201 102.06 -34.69 -9.35
N TYR K 202 100.95 -35.34 -9.00
CA TYR K 202 100.50 -35.44 -7.62
C TYR K 202 101.12 -36.68 -6.97
N THR K 203 101.48 -36.57 -5.69
CA THR K 203 102.13 -37.64 -4.95
C THR K 203 101.44 -37.81 -3.60
N LEU K 204 100.72 -38.92 -3.46
CA LEU K 204 99.97 -39.25 -2.26
C LEU K 204 100.66 -40.39 -1.51
N SER K 205 100.41 -40.47 -0.20
CA SER K 205 100.79 -41.63 0.60
C SER K 205 99.73 -41.91 1.64
N SER K 206 99.66 -43.17 2.07
CA SER K 206 98.80 -43.59 3.17
C SER K 206 99.56 -44.55 4.07
N SER K 207 99.11 -44.65 5.32
CA SER K 207 99.70 -45.55 6.29
C SER K 207 98.60 -46.28 7.06
N VAL K 208 98.99 -47.36 7.72
CA VAL K 208 98.08 -48.16 8.54
C VAL K 208 98.88 -48.71 9.71
N THR K 209 98.26 -48.75 10.89
CA THR K 209 98.89 -49.23 12.10
C THR K 209 98.14 -50.46 12.58
N VAL K 210 98.86 -51.57 12.72
CA VAL K 210 98.24 -52.87 13.05
C VAL K 210 99.18 -53.63 13.97
N PRO K 211 98.65 -54.65 14.67
CA PRO K 211 99.50 -55.39 15.60
C PRO K 211 100.47 -56.31 14.89
N SER K 212 101.64 -56.47 15.50
CA SER K 212 102.71 -57.27 14.90
C SER K 212 102.29 -58.72 14.66
N SER K 213 101.28 -59.20 15.38
CA SER K 213 100.87 -60.60 15.33
C SER K 213 99.94 -60.91 14.17
N THR K 214 99.59 -59.92 13.35
CA THR K 214 98.62 -60.11 12.28
C THR K 214 99.23 -60.01 10.89
N TRP K 215 99.96 -58.92 10.60
CA TRP K 215 100.37 -58.68 9.23
C TRP K 215 101.19 -59.81 8.63
N PRO K 216 102.28 -60.27 9.26
CA PRO K 216 103.07 -61.34 8.65
C PRO K 216 102.21 -62.55 8.31
N SER K 217 101.16 -62.79 9.10
CA SER K 217 100.23 -63.88 8.86
C SER K 217 99.08 -63.45 7.95
N GLU K 218 98.46 -62.32 8.24
CA GLU K 218 97.31 -61.83 7.49
C GLU K 218 97.83 -61.06 6.29
N THR K 219 97.72 -61.65 5.10
CA THR K 219 98.26 -61.02 3.91
C THR K 219 97.59 -59.66 3.75
N VAL K 220 98.32 -58.60 3.98
CA VAL K 220 97.78 -57.25 3.83
C VAL K 220 98.01 -56.80 2.40
N THR K 221 97.10 -55.95 1.94
CA THR K 221 97.20 -55.37 0.61
C THR K 221 96.60 -53.98 0.65
N CYS K 222 96.95 -53.19 -0.36
CA CYS K 222 96.61 -51.78 -0.44
C CYS K 222 95.92 -51.53 -1.77
N ASN K 223 94.76 -50.87 -1.73
CA ASN K 223 93.91 -50.70 -2.89
C ASN K 223 93.98 -49.25 -3.37
N VAL K 224 94.12 -49.07 -4.69
CA VAL K 224 94.25 -47.74 -5.28
C VAL K 224 93.36 -47.62 -6.51
N ALA K 225 92.97 -46.39 -6.82
CA ALA K 225 92.16 -46.09 -7.99
C ALA K 225 92.55 -44.72 -8.55
N HIS K 226 92.42 -44.57 -9.86
CA HIS K 226 92.57 -43.28 -10.55
C HIS K 226 91.58 -43.25 -11.69
N PRO K 227 90.33 -42.89 -11.42
CA PRO K 227 89.29 -42.98 -12.48
C PRO K 227 89.64 -42.20 -13.73
N ALA K 228 90.33 -41.07 -13.59
CA ALA K 228 90.71 -40.28 -14.76
C ALA K 228 91.32 -41.15 -15.85
N SER K 229 92.39 -41.86 -15.52
CA SER K 229 92.98 -42.83 -16.43
C SER K 229 92.29 -44.18 -16.36
N SER K 230 91.28 -44.32 -15.50
CA SER K 230 90.57 -45.58 -15.31
C SER K 230 91.55 -46.67 -14.88
N THR K 231 92.30 -46.36 -13.82
CA THR K 231 93.40 -47.19 -13.33
C THR K 231 93.09 -47.64 -11.91
N LYS K 232 92.97 -48.94 -11.70
CA LYS K 232 92.64 -49.51 -10.40
C LYS K 232 93.53 -50.72 -10.16
N VAL K 233 94.38 -50.66 -9.13
CA VAL K 233 95.35 -51.71 -8.86
C VAL K 233 95.52 -51.87 -7.35
N ASP K 234 95.93 -53.07 -6.95
CA ASP K 234 96.25 -53.41 -5.57
C ASP K 234 97.72 -53.77 -5.44
N LYS K 235 98.19 -53.85 -4.20
CA LYS K 235 99.60 -54.18 -3.95
C LYS K 235 99.67 -54.96 -2.64
N LYS K 236 100.01 -56.24 -2.72
CA LYS K 236 100.36 -56.98 -1.52
C LYS K 236 101.56 -56.32 -0.85
N ILE K 237 101.53 -56.24 0.48
CA ILE K 237 102.64 -55.73 1.26
C ILE K 237 103.35 -56.91 1.90
N VAL K 238 104.66 -56.97 1.73
CA VAL K 238 105.45 -58.12 2.18
C VAL K 238 106.61 -57.64 3.03
N PRO K 239 107.09 -58.45 3.97
CA PRO K 239 108.22 -58.02 4.81
C PRO K 239 109.56 -58.27 4.13
N ARG K 240 110.55 -57.47 4.55
CA ARG K 240 111.92 -57.68 4.12
C ARG K 240 112.89 -57.11 5.15
N GLN L 23 80.93 -6.36 -1.94
CA GLN L 23 81.04 -4.97 -1.49
C GLN L 23 81.16 -4.91 0.03
N ILE L 24 80.40 -5.77 0.72
CA ILE L 24 80.42 -5.83 2.18
C ILE L 24 81.44 -6.88 2.57
N VAL L 25 82.47 -6.46 3.32
CA VAL L 25 83.55 -7.35 3.73
C VAL L 25 83.23 -7.89 5.12
N LEU L 26 83.15 -9.21 5.23
CA LEU L 26 82.92 -9.89 6.49
C LEU L 26 84.22 -10.50 6.96
N THR L 27 84.73 -10.03 8.10
CA THR L 27 85.96 -10.51 8.68
C THR L 27 85.61 -11.29 9.93
N GLN L 28 85.92 -12.58 9.94
CA GLN L 28 85.69 -13.43 11.09
C GLN L 28 87.00 -13.61 11.85
N SER L 29 86.93 -13.47 13.18
CA SER L 29 88.05 -13.78 14.05
C SER L 29 87.55 -14.59 15.22
N PRO L 30 88.39 -15.49 15.78
CA PRO L 30 89.76 -15.76 15.30
C PRO L 30 89.74 -16.57 14.02
N ALA L 31 90.80 -16.46 13.23
CA ALA L 31 90.89 -17.30 12.03
C ALA L 31 90.76 -18.76 12.40
N ILE L 32 91.47 -19.20 13.43
CA ILE L 32 91.42 -20.56 13.93
C ILE L 32 91.15 -20.48 15.42
N MET L 33 90.55 -21.54 15.96
CA MET L 33 90.17 -21.54 17.36
C MET L 33 90.18 -22.97 17.89
N SER L 34 90.82 -23.16 19.04
CA SER L 34 90.81 -24.41 19.78
C SER L 34 89.76 -24.32 20.89
N ALA L 35 89.32 -25.48 21.35
CA ALA L 35 88.30 -25.51 22.40
C ALA L 35 88.30 -26.88 23.06
N SER L 36 88.28 -26.89 24.41
CA SER L 36 88.17 -28.12 25.17
C SER L 36 86.70 -28.51 25.34
N PRO L 37 86.38 -29.81 25.37
CA PRO L 37 84.98 -30.21 25.56
C PRO L 37 84.36 -29.53 26.76
N GLY L 38 83.28 -28.78 26.54
CA GLY L 38 82.60 -28.08 27.60
C GLY L 38 82.91 -26.60 27.68
N GLU L 39 83.90 -26.11 26.92
CA GLU L 39 84.26 -24.71 26.98
C GLU L 39 83.31 -23.86 26.14
N LYS L 40 83.06 -22.64 26.60
CA LYS L 40 82.21 -21.72 25.87
C LYS L 40 82.97 -21.18 24.67
N VAL L 41 82.46 -21.45 23.48
CA VAL L 41 83.09 -21.06 22.23
C VAL L 41 82.35 -19.87 21.66
N THR L 42 83.08 -18.88 21.16
CA THR L 42 82.47 -17.71 20.56
C THR L 42 83.34 -17.22 19.42
N MET L 43 82.77 -17.21 18.21
CA MET L 43 83.45 -16.72 17.03
C MET L 43 82.67 -15.54 16.45
N THR L 44 83.39 -14.61 15.85
CA THR L 44 82.82 -13.36 15.39
C THR L 44 82.82 -13.28 13.87
N CYS L 45 82.02 -12.36 13.37
CA CYS L 45 82.02 -11.98 11.95
C CYS L 45 81.74 -10.47 11.94
N SER L 46 82.80 -9.69 12.00
CA SER L 46 82.67 -8.23 11.98
C SER L 46 82.43 -7.78 10.55
N ALA L 47 81.47 -6.87 10.38
CA ALA L 47 81.08 -6.39 9.07
C ALA L 47 81.47 -4.93 8.90
N SER L 48 81.41 -4.48 7.64
CA SER L 48 81.65 -3.09 7.31
C SER L 48 80.39 -2.24 7.40
N SER L 49 79.22 -2.86 7.32
CA SER L 49 77.95 -2.16 7.48
C SER L 49 77.01 -3.06 8.27
N SER L 50 75.79 -2.58 8.48
CA SER L 50 74.82 -3.27 9.31
C SER L 50 74.03 -4.30 8.52
N VAL L 51 73.51 -5.29 9.25
CA VAL L 51 72.68 -6.34 8.66
C VAL L 51 71.58 -6.68 9.65
N SER L 52 70.37 -6.89 9.13
CA SER L 52 69.26 -7.27 9.99
C SER L 52 69.34 -8.75 10.34
N TYR L 53 69.30 -9.61 9.33
CA TYR L 53 69.38 -11.05 9.53
C TYR L 53 70.73 -11.56 9.03
N ILE L 54 71.09 -12.76 9.51
CA ILE L 54 72.31 -13.43 9.11
C ILE L 54 72.07 -14.93 9.15
N HIS L 55 73.00 -15.69 8.57
CA HIS L 55 72.89 -17.13 8.48
C HIS L 55 74.28 -17.74 8.67
N TRP L 56 74.33 -18.85 9.39
CA TRP L 56 75.58 -19.51 9.72
C TRP L 56 75.59 -20.92 9.13
N TYR L 57 76.73 -21.30 8.58
CA TYR L 57 76.90 -22.58 7.92
C TYR L 57 78.08 -23.32 8.53
N GLN L 58 77.92 -24.63 8.70
CA GLN L 58 78.98 -25.50 9.20
C GLN L 58 79.53 -26.33 8.05
N GLN L 59 80.85 -26.45 7.98
CA GLN L 59 81.48 -27.31 7.00
C GLN L 59 82.60 -28.09 7.65
N LYS L 60 82.61 -29.39 7.43
CA LYS L 60 83.67 -30.27 7.87
C LYS L 60 84.51 -30.68 6.67
N SER L 61 85.66 -31.30 6.97
CA SER L 61 86.60 -31.65 5.92
C SER L 61 85.94 -32.52 4.87
N GLY L 62 86.18 -32.19 3.60
CA GLY L 62 85.74 -33.03 2.50
C GLY L 62 84.25 -33.05 2.26
N THR L 63 83.49 -32.21 2.95
CA THR L 63 82.05 -32.22 2.86
C THR L 63 81.52 -30.90 2.34
N SER L 64 80.28 -30.94 1.86
CA SER L 64 79.59 -29.73 1.47
C SER L 64 79.19 -28.92 2.70
N PRO L 65 79.02 -27.62 2.55
CA PRO L 65 78.46 -26.82 3.66
C PRO L 65 77.07 -27.30 4.01
N LYS L 66 76.69 -27.08 5.26
CA LYS L 66 75.38 -27.46 5.77
C LYS L 66 74.72 -26.24 6.39
N ARG L 67 73.41 -26.08 6.12
CA ARG L 67 72.63 -25.04 6.76
C ARG L 67 72.63 -25.26 8.27
N TRP L 68 73.13 -24.29 9.03
CA TRP L 68 73.28 -24.46 10.47
C TRP L 68 72.36 -23.54 11.26
N ILE L 69 72.45 -22.22 11.08
CA ILE L 69 71.59 -21.27 11.79
C ILE L 69 71.04 -20.30 10.75
N TYR L 70 69.77 -20.48 10.39
CA TYR L 70 69.11 -19.56 9.47
C TYR L 70 68.29 -18.54 10.26
N ASP L 71 68.07 -17.39 9.62
CA ASP L 71 67.38 -16.26 10.24
C ASP L 71 68.01 -15.94 11.60
N THR L 72 69.32 -15.72 11.57
CA THR L 72 70.04 -15.21 12.72
C THR L 72 70.08 -16.21 13.87
N SER L 73 68.92 -16.51 14.45
CA SER L 73 68.85 -17.31 15.66
C SER L 73 68.04 -18.58 15.52
N LYS L 74 67.35 -18.80 14.40
CA LYS L 74 66.61 -20.03 14.22
C LYS L 74 67.58 -21.17 13.93
N LEU L 75 67.35 -22.31 14.57
CA LEU L 75 68.18 -23.48 14.39
C LEU L 75 67.61 -24.35 13.27
N ALA L 76 68.49 -25.05 12.56
CA ALA L 76 68.05 -25.85 11.44
C ALA L 76 67.58 -27.22 11.92
N SER L 77 66.98 -27.96 10.99
CA SER L 77 66.45 -29.29 11.29
C SER L 77 67.60 -30.25 11.56
N GLY L 78 67.74 -30.68 12.81
CA GLY L 78 68.78 -31.61 13.19
C GLY L 78 70.01 -30.93 13.77
N VAL L 79 69.81 -30.03 14.73
CA VAL L 79 70.93 -29.31 15.34
C VAL L 79 70.75 -29.26 16.85
N PRO L 80 71.75 -29.65 17.64
CA PRO L 80 71.62 -29.55 19.10
C PRO L 80 71.36 -28.11 19.54
N ALA L 81 70.88 -27.98 20.77
CA ALA L 81 70.51 -26.68 21.32
C ALA L 81 71.67 -25.91 21.93
N ARG L 82 72.83 -26.55 22.12
CA ARG L 82 73.98 -25.84 22.68
C ARG L 82 74.40 -24.68 21.79
N PHE L 83 73.98 -24.70 20.54
CA PHE L 83 74.28 -23.62 19.61
C PHE L 83 73.21 -22.54 19.73
N SER L 84 73.64 -21.31 19.99
CA SER L 84 72.72 -20.17 19.97
C SER L 84 73.56 -18.97 19.54
N GLY L 85 73.58 -18.69 18.26
CA GLY L 85 74.28 -17.53 17.72
C GLY L 85 73.32 -16.38 17.50
N SER L 86 73.74 -15.19 17.92
CA SER L 86 72.95 -13.99 17.75
C SER L 86 73.88 -12.88 17.30
N GLY L 87 73.35 -11.66 17.23
CA GLY L 87 74.15 -10.52 16.82
C GLY L 87 73.26 -9.37 16.42
N SER L 88 73.85 -8.18 16.40
CA SER L 88 73.09 -6.99 16.04
C SER L 88 74.02 -5.95 15.44
N GLY L 89 73.64 -5.44 14.26
CA GLY L 89 74.34 -4.38 13.58
C GLY L 89 75.50 -4.82 12.71
N THR L 90 76.73 -4.69 13.22
CA THR L 90 77.91 -5.05 12.45
C THR L 90 78.70 -6.19 13.07
N SER L 91 78.40 -6.57 14.31
CA SER L 91 79.14 -7.60 15.02
C SER L 91 78.14 -8.71 15.37
N TYR L 92 78.07 -9.71 14.51
CA TYR L 92 77.29 -10.91 14.76
C TYR L 92 78.25 -12.04 15.11
N SER L 93 77.87 -12.86 16.08
CA SER L 93 78.77 -13.86 16.65
C SER L 93 78.03 -15.17 16.87
N LEU L 94 78.77 -16.27 16.76
CA LEU L 94 78.26 -17.61 17.01
C LEU L 94 78.88 -18.15 18.29
N THR L 95 78.06 -18.75 19.15
CA THR L 95 78.50 -19.22 20.45
C THR L 95 77.98 -20.62 20.71
N ILE L 96 78.73 -21.36 21.53
CA ILE L 96 78.35 -22.70 21.97
C ILE L 96 78.54 -22.76 23.48
N SER L 97 77.53 -23.27 24.19
CA SER L 97 77.64 -23.41 25.64
C SER L 97 78.74 -24.41 26.02
N SER L 98 78.67 -25.61 25.46
CA SER L 98 79.57 -26.70 25.81
C SER L 98 80.10 -27.30 24.51
N MET L 99 81.40 -27.15 24.28
CA MET L 99 82.01 -27.78 23.12
C MET L 99 81.87 -29.29 23.19
N GLU L 100 81.80 -29.91 22.02
CA GLU L 100 81.79 -31.36 21.91
C GLU L 100 82.53 -31.78 20.65
N ALA L 101 82.77 -33.08 20.55
CA ALA L 101 83.58 -33.61 19.46
C ALA L 101 82.99 -33.24 18.10
N GLU L 102 81.72 -33.53 17.88
CA GLU L 102 81.12 -33.27 16.58
C GLU L 102 81.01 -31.79 16.26
N ASP L 103 81.19 -30.91 17.25
CA ASP L 103 81.12 -29.48 16.98
C ASP L 103 82.33 -28.96 16.21
N ALA L 104 83.42 -29.71 16.19
CA ALA L 104 84.63 -29.24 15.53
C ALA L 104 84.40 -29.13 14.04
N ALA L 105 84.52 -27.92 13.50
CA ALA L 105 84.34 -27.72 12.06
C ALA L 105 84.66 -26.26 11.71
N THR L 106 84.62 -25.98 10.41
CA THR L 106 84.79 -24.62 9.92
C THR L 106 83.42 -23.97 9.80
N TYR L 107 83.30 -22.77 10.33
CA TYR L 107 82.03 -22.05 10.38
C TYR L 107 82.18 -20.73 9.64
N TYR L 108 81.23 -20.45 8.76
CA TYR L 108 81.24 -19.27 7.92
C TYR L 108 79.98 -18.45 8.18
N CYS L 109 80.12 -17.14 8.02
CA CYS L 109 79.00 -16.20 8.12
C CYS L 109 78.56 -15.81 6.72
N GLN L 110 77.26 -15.54 6.57
CA GLN L 110 76.67 -15.26 5.27
C GLN L 110 75.71 -14.09 5.38
N GLN L 111 75.66 -13.29 4.30
CA GLN L 111 74.86 -12.07 4.28
C GLN L 111 74.30 -11.84 2.89
N TRP L 112 73.02 -11.43 2.84
CA TRP L 112 72.44 -10.94 1.60
C TRP L 112 71.48 -9.78 1.85
N ILE L 113 71.88 -8.82 2.69
CA ILE L 113 71.10 -7.59 2.79
C ILE L 113 71.27 -6.77 1.52
N SER L 114 72.50 -6.69 1.04
CA SER L 114 72.83 -5.98 -0.20
C SER L 114 73.49 -6.95 -1.17
N TYR L 115 73.16 -6.81 -2.44
CA TYR L 115 73.95 -7.48 -3.46
C TYR L 115 75.30 -6.78 -3.58
N PRO L 116 76.40 -7.53 -3.76
CA PRO L 116 76.48 -8.99 -3.85
C PRO L 116 76.40 -9.64 -2.48
N ALA L 117 76.24 -10.96 -2.46
CA ALA L 117 76.26 -11.72 -1.22
C ALA L 117 77.69 -12.10 -0.89
N THR L 118 78.07 -11.93 0.37
CA THR L 118 79.46 -12.08 0.79
C THR L 118 79.57 -13.06 1.94
N PHE L 119 80.77 -13.56 2.15
CA PHE L 119 81.05 -14.51 3.22
C PHE L 119 82.23 -14.03 4.06
N GLY L 120 82.32 -14.59 5.27
CA GLY L 120 83.44 -14.31 6.14
C GLY L 120 84.68 -15.10 5.76
N ALA L 121 85.82 -14.66 6.31
CA ALA L 121 87.08 -15.34 6.03
C ALA L 121 87.02 -16.81 6.43
N GLY L 122 86.24 -17.13 7.44
CA GLY L 122 86.11 -18.49 7.93
C GLY L 122 86.77 -18.62 9.28
N THR L 123 86.10 -19.36 10.18
CA THR L 123 86.60 -19.60 11.53
C THR L 123 86.63 -21.10 11.75
N LYS L 124 87.82 -21.68 11.76
CA LYS L 124 87.97 -23.11 12.03
C LYS L 124 87.86 -23.37 13.52
N LEU L 125 87.25 -24.50 13.86
CA LEU L 125 87.00 -24.86 15.26
C LEU L 125 87.60 -26.24 15.50
N GLU L 126 88.69 -26.28 16.26
CA GLU L 126 89.39 -27.52 16.58
C GLU L 126 89.00 -28.01 17.97
N LEU L 127 89.42 -29.23 18.27
CA LEU L 127 89.18 -29.84 19.57
C LEU L 127 90.48 -29.98 20.34
N LYS L 128 90.40 -29.83 21.66
CA LYS L 128 91.56 -29.87 22.52
C LYS L 128 91.66 -31.23 23.21
N ARG L 129 92.79 -31.90 23.00
CA ARG L 129 93.13 -33.14 23.68
C ARG L 129 94.40 -32.89 24.48
N ALA L 130 94.61 -33.71 25.50
CA ALA L 130 95.90 -33.69 26.18
C ALA L 130 97.01 -33.93 25.16
N ASP L 131 98.11 -33.20 25.33
CA ASP L 131 99.23 -33.32 24.41
C ASP L 131 99.71 -34.76 24.33
N ALA L 132 99.98 -35.22 23.11
CA ALA L 132 100.37 -36.60 22.85
C ALA L 132 101.64 -36.65 22.01
N ALA L 133 102.32 -37.79 22.08
CA ALA L 133 103.58 -37.97 21.37
C ALA L 133 103.37 -38.69 20.04
N PRO L 134 104.07 -38.28 18.99
CA PRO L 134 103.89 -38.92 17.68
C PRO L 134 104.47 -40.33 17.63
N THR L 135 103.78 -41.20 16.91
CA THR L 135 104.29 -42.54 16.60
C THR L 135 105.08 -42.43 15.29
N VAL L 136 106.40 -42.39 15.42
CA VAL L 136 107.28 -42.11 14.30
C VAL L 136 107.64 -43.40 13.58
N SER L 137 107.43 -43.42 12.26
CA SER L 137 107.87 -44.53 11.42
C SER L 137 108.59 -43.97 10.21
N ILE L 138 109.56 -44.74 9.73
CA ILE L 138 110.39 -44.36 8.59
C ILE L 138 110.53 -45.57 7.69
N PHE L 139 110.59 -45.33 6.38
CA PHE L 139 110.63 -46.42 5.42
C PHE L 139 111.59 -46.11 4.29
N PRO L 140 112.30 -47.13 3.78
CA PRO L 140 113.23 -46.90 2.69
C PRO L 140 112.52 -46.94 1.36
N PRO L 141 113.23 -46.71 0.26
CA PRO L 141 112.59 -46.84 -1.06
C PRO L 141 112.12 -48.26 -1.31
N SER L 142 111.46 -48.46 -2.45
CA SER L 142 110.95 -49.77 -2.83
C SER L 142 111.74 -50.30 -4.01
N SER L 143 111.97 -51.62 -4.02
CA SER L 143 112.63 -52.24 -5.15
C SER L 143 111.94 -51.88 -6.46
N GLU L 144 110.61 -51.85 -6.44
CA GLU L 144 109.86 -51.49 -7.64
C GLU L 144 110.16 -50.07 -8.07
N GLN L 145 110.42 -49.18 -7.10
CA GLN L 145 110.77 -47.81 -7.43
C GLN L 145 112.20 -47.74 -7.97
N LEU L 146 113.13 -48.40 -7.29
CA LEU L 146 114.49 -48.46 -7.77
C LEU L 146 114.54 -49.10 -9.15
N THR L 147 113.57 -49.95 -9.45
CA THR L 147 113.43 -50.50 -10.79
C THR L 147 113.16 -49.40 -11.81
N SER L 148 112.52 -48.31 -11.37
CA SER L 148 112.13 -47.22 -12.25
C SER L 148 113.15 -46.09 -12.29
N GLY L 149 114.25 -46.23 -11.56
CA GLY L 149 115.26 -45.18 -11.50
C GLY L 149 115.03 -44.15 -10.42
N GLY L 150 114.00 -44.31 -9.61
CA GLY L 150 113.70 -43.37 -8.55
C GLY L 150 113.88 -43.98 -7.17
N ALA L 151 114.03 -43.13 -6.16
CA ALA L 151 114.26 -43.58 -4.79
C ALA L 151 113.66 -42.56 -3.84
N SER L 152 112.64 -42.98 -3.09
CA SER L 152 111.99 -42.11 -2.11
C SER L 152 112.07 -42.73 -0.73
N VAL L 153 112.06 -41.87 0.29
CA VAL L 153 112.09 -42.29 1.69
C VAL L 153 111.02 -41.53 2.44
N VAL L 154 110.18 -42.27 3.15
CA VAL L 154 109.00 -41.70 3.77
C VAL L 154 109.11 -41.83 5.29
N CYS L 155 108.55 -40.85 5.98
CA CYS L 155 108.54 -40.83 7.44
C CYS L 155 107.15 -40.43 7.89
N PHE L 156 106.57 -41.24 8.78
CA PHE L 156 105.20 -41.04 9.23
C PHE L 156 105.16 -40.65 10.70
N LEU L 157 104.44 -39.57 10.98
CA LEU L 157 104.34 -38.98 12.31
C LEU L 157 102.86 -38.94 12.66
N ASN L 158 102.35 -40.01 13.24
CA ASN L 158 100.92 -40.22 13.37
C ASN L 158 100.45 -39.93 14.78
N ASN L 159 99.24 -39.38 14.89
CA ASN L 159 98.53 -39.30 16.15
C ASN L 159 99.35 -38.53 17.20
N PHE L 160 99.53 -37.26 16.90
CA PHE L 160 100.23 -36.36 17.82
C PHE L 160 99.36 -35.15 18.09
N TYR L 161 99.83 -34.33 19.03
CA TYR L 161 99.13 -33.13 19.47
C TYR L 161 100.08 -32.31 20.32
N PRO L 162 100.09 -30.98 20.20
CA PRO L 162 99.32 -30.14 19.28
C PRO L 162 99.78 -30.21 17.83
N LYS L 163 99.33 -29.25 17.02
CA LYS L 163 99.61 -29.28 15.59
C LYS L 163 101.04 -28.84 15.28
N ASP L 164 101.58 -27.89 16.04
CA ASP L 164 102.86 -27.29 15.70
C ASP L 164 103.98 -28.30 15.93
N ILE L 165 104.63 -28.74 14.85
CA ILE L 165 105.79 -29.61 14.94
C ILE L 165 106.70 -29.29 13.76
N ASN L 166 107.99 -29.55 13.94
CA ASN L 166 108.99 -29.37 12.90
C ASN L 166 109.65 -30.70 12.59
N VAL L 167 109.98 -30.89 11.33
CA VAL L 167 110.65 -32.11 10.86
C VAL L 167 111.91 -31.70 10.13
N LYS L 168 113.02 -32.36 10.46
CA LYS L 168 114.28 -32.18 9.76
C LYS L 168 114.82 -33.54 9.34
N TRP L 169 115.50 -33.54 8.21
CA TRP L 169 116.07 -34.75 7.64
C TRP L 169 117.58 -34.60 7.54
N LYS L 170 118.30 -35.70 7.79
CA LYS L 170 119.75 -35.68 7.78
C LYS L 170 120.29 -36.87 7.02
N ILE L 171 121.52 -36.72 6.53
CA ILE L 171 122.23 -37.75 5.77
C ILE L 171 123.64 -37.82 6.31
N ASP L 172 123.98 -38.90 7.02
CA ASP L 172 125.32 -39.09 7.54
C ASP L 172 125.78 -37.89 8.35
N GLY L 173 124.87 -37.35 9.17
CA GLY L 173 125.14 -36.15 9.90
C GLY L 173 125.03 -34.88 9.09
N SER L 174 124.64 -34.97 7.82
CA SER L 174 124.45 -33.82 6.96
C SER L 174 122.95 -33.47 6.89
N GLU L 175 122.60 -32.55 6.01
CA GLU L 175 121.21 -32.16 5.80
C GLU L 175 120.92 -32.11 4.31
N ARG L 176 119.63 -32.06 3.99
CA ARG L 176 119.22 -31.91 2.59
C ARG L 176 117.79 -31.43 2.58
N GLN L 177 117.58 -30.20 2.11
CA GLN L 177 116.24 -29.67 1.90
C GLN L 177 115.81 -29.78 0.44
N ASN L 178 116.64 -30.39 -0.41
CA ASN L 178 116.32 -30.57 -1.83
C ASN L 178 115.58 -31.89 -1.99
N GLY L 179 114.29 -31.86 -1.65
CA GLY L 179 113.45 -33.03 -1.75
C GLY L 179 112.44 -33.15 -0.62
N VAL L 180 112.56 -32.29 0.39
CA VAL L 180 111.67 -32.35 1.54
C VAL L 180 110.26 -31.94 1.09
N LEU L 181 109.31 -32.87 1.23
CA LEU L 181 107.92 -32.64 0.85
C LEU L 181 107.04 -33.09 2.01
N ASN L 182 106.43 -32.12 2.70
CA ASN L 182 105.64 -32.39 3.89
C ASN L 182 104.16 -32.33 3.56
N SER L 183 103.38 -33.19 4.20
CA SER L 183 101.93 -33.19 4.05
C SER L 183 101.32 -33.35 5.43
N TRP L 184 100.30 -32.54 5.70
CA TRP L 184 99.66 -32.47 7.01
C TRP L 184 98.24 -33.00 6.94
N THR L 185 97.73 -33.41 8.10
CA THR L 185 96.32 -33.79 8.24
C THR L 185 95.64 -32.82 9.20
N ASP L 186 94.36 -33.08 9.46
CA ASP L 186 93.57 -32.31 10.41
C ASP L 186 93.13 -33.20 11.57
N GLN L 187 92.39 -32.59 12.49
CA GLN L 187 91.86 -33.26 13.66
C GLN L 187 91.27 -34.62 13.29
N ASP L 188 91.82 -35.67 13.88
CA ASP L 188 91.29 -37.00 13.66
C ASP L 188 89.88 -37.10 14.21
N SER L 189 89.01 -37.79 13.48
CA SER L 189 87.62 -37.91 13.92
C SER L 189 87.51 -38.68 15.22
N LYS L 190 88.44 -39.60 15.48
CA LYS L 190 88.35 -40.51 16.61
C LYS L 190 89.12 -40.02 17.82
N ASP L 191 90.35 -39.56 17.63
CA ASP L 191 91.22 -39.17 18.72
C ASP L 191 91.57 -37.69 18.70
N SER L 192 91.09 -36.94 17.70
CA SER L 192 91.39 -35.52 17.61
C SER L 192 92.89 -35.27 17.54
N THR L 193 93.63 -36.26 17.03
CA THR L 193 95.07 -36.13 16.85
C THR L 193 95.36 -35.73 15.41
N TYR L 194 96.63 -35.56 15.12
CA TYR L 194 97.10 -35.13 13.83
C TYR L 194 98.02 -36.17 13.25
N SER L 195 98.57 -35.88 12.07
CA SER L 195 99.53 -36.74 11.42
C SER L 195 100.29 -35.91 10.39
N MET L 196 101.42 -36.44 9.94
CA MET L 196 102.19 -35.78 8.90
C MET L 196 102.91 -36.84 8.07
N SER L 197 103.30 -36.44 6.85
CA SER L 197 104.13 -37.24 5.97
C SER L 197 105.37 -36.45 5.60
N SER L 198 106.45 -37.16 5.31
CA SER L 198 107.59 -36.57 4.62
C SER L 198 108.07 -37.54 3.57
N THR L 199 107.90 -37.18 2.31
CA THR L 199 108.51 -37.90 1.20
C THR L 199 109.79 -37.17 0.81
N LEU L 200 110.91 -37.87 0.87
CA LEU L 200 112.19 -37.36 0.42
C LEU L 200 112.52 -38.09 -0.89
N THR L 201 112.39 -37.37 -2.01
CA THR L 201 112.67 -37.94 -3.32
C THR L 201 114.11 -37.66 -3.72
N LEU L 202 114.75 -38.67 -4.32
CA LEU L 202 116.15 -38.57 -4.72
C LEU L 202 116.38 -39.42 -5.97
N THR L 203 117.50 -39.15 -6.63
CA THR L 203 117.89 -39.94 -7.80
C THR L 203 118.40 -41.31 -7.35
N LYS L 204 118.19 -42.31 -8.21
CA LYS L 204 118.65 -43.66 -7.90
C LYS L 204 120.11 -43.65 -7.48
N ASP L 205 120.92 -42.80 -8.13
CA ASP L 205 122.34 -42.77 -7.85
C ASP L 205 122.63 -42.10 -6.51
N GLU L 206 122.15 -40.88 -6.32
CA GLU L 206 122.42 -40.17 -5.07
C GLU L 206 121.88 -40.92 -3.86
N TYR L 207 120.89 -41.79 -4.05
CA TYR L 207 120.34 -42.54 -2.92
C TYR L 207 121.40 -43.44 -2.31
N GLU L 208 121.87 -44.44 -3.06
CA GLU L 208 122.86 -45.36 -2.50
C GLU L 208 124.20 -44.68 -2.27
N ARG L 209 124.39 -43.46 -2.81
CA ARG L 209 125.64 -42.74 -2.57
C ARG L 209 125.88 -42.54 -1.09
N HIS L 210 124.83 -42.49 -0.29
CA HIS L 210 124.91 -42.37 1.16
C HIS L 210 124.45 -43.68 1.79
N ASN L 211 124.67 -43.81 3.10
CA ASN L 211 124.29 -45.02 3.83
C ASN L 211 123.24 -44.76 4.91
N SER L 212 123.48 -43.80 5.79
CA SER L 212 122.58 -43.55 6.92
C SER L 212 121.51 -42.54 6.54
N TYR L 213 120.25 -42.91 6.77
CA TYR L 213 119.12 -42.05 6.48
C TYR L 213 118.27 -41.89 7.73
N THR L 214 117.89 -40.65 8.03
CA THR L 214 117.27 -40.34 9.31
C THR L 214 116.17 -39.30 9.15
N CYS L 215 115.18 -39.39 10.03
CA CYS L 215 114.03 -38.50 10.07
C CYS L 215 113.94 -37.89 11.45
N GLU L 216 114.06 -36.57 11.55
CA GLU L 216 114.07 -35.87 12.82
C GLU L 216 112.75 -35.14 13.07
N ALA L 217 112.36 -35.10 14.35
CA ALA L 217 111.11 -34.48 14.76
C ALA L 217 111.30 -33.65 16.02
N THR L 218 110.95 -32.36 15.96
CA THR L 218 110.94 -31.49 17.12
C THR L 218 109.48 -31.30 17.52
N HIS L 219 109.21 -31.37 18.83
CA HIS L 219 107.84 -31.37 19.34
C HIS L 219 107.91 -31.04 20.83
N LYS L 220 106.78 -31.14 21.53
CA LYS L 220 106.74 -31.02 22.98
C LYS L 220 106.24 -32.33 23.60
N THR L 221 106.15 -32.35 24.94
CA THR L 221 106.19 -33.59 25.71
C THR L 221 107.33 -34.42 25.09
N SER L 222 108.31 -33.71 24.53
CA SER L 222 109.34 -34.28 23.68
C SER L 222 110.72 -33.75 24.05
N THR L 223 111.10 -33.90 25.32
CA THR L 223 112.48 -33.62 25.70
C THR L 223 113.43 -34.31 24.74
N SER L 224 113.07 -35.52 24.31
CA SER L 224 113.86 -36.28 23.37
C SER L 224 113.46 -35.94 21.94
N PRO L 225 114.35 -35.37 21.13
CA PRO L 225 114.05 -35.33 19.69
C PRO L 225 113.74 -36.76 19.28
N ILE L 226 112.53 -37.02 18.80
CA ILE L 226 112.18 -38.36 18.35
C ILE L 226 112.69 -38.54 16.94
N VAL L 227 113.45 -39.62 16.73
CA VAL L 227 114.21 -39.79 15.48
C VAL L 227 114.25 -41.27 15.14
N LYS L 228 114.19 -41.57 13.85
CA LYS L 228 114.29 -42.94 13.36
C LYS L 228 115.16 -42.94 12.11
N SER L 229 115.90 -44.04 11.91
CA SER L 229 116.88 -44.10 10.84
C SER L 229 117.10 -45.57 10.45
N PHE L 230 118.06 -45.79 9.56
CA PHE L 230 118.35 -47.12 9.03
C PHE L 230 119.65 -47.04 8.22
N ASN L 231 119.95 -48.11 7.49
CA ASN L 231 121.15 -48.19 6.66
C ASN L 231 120.87 -48.93 5.35
#